data_8P11
#
_entry.id   8P11
#
_cell.length_a   76.250
_cell.length_b   120.640
_cell.length_c   240.010
_cell.angle_alpha   90.00
_cell.angle_beta   90.00
_cell.angle_gamma   90.00
#
_symmetry.space_group_name_H-M   'P 21 21 21'
#
loop_
_entity.id
_entity.type
_entity.pdbx_description
1 polymer 'Acetylcholine-binding protein'
2 non-polymer 'CHLORIDE ION'
3 non-polymer 4-(4-chlorophenyl)piperidin-4-ol
4 non-polymer GLYCEROL
5 water water
#
_entity_poly.entity_id   1
_entity_poly.type   'polypeptide(L)'
_entity_poly.pdbx_seq_one_letter_code
;MRRNIFCLACLWIVQACLSLDRADILYNIRQTSRPDVIPTQRDRPVAVSVSLKFINILEVNEITNEVDVVFWQQTTWSDR
TLAWNSSHSPDQVSVPISSLWVPDLAAYNAISKPEVLTPQLARVVSDGEVLYMPSIRQRFSCDVSGVDTESGATCRIKIG
SWTHHSREISVDPTTENSDDSEYFSQYSRFEILDVTQKKNSVTYSCCPEAYEDVEVSLNFRKKGRSEILGSHHHHHH
;
_entity_poly.pdbx_strand_id   A,B,C,D,E,F,G,H,I,J
#
loop_
_chem_comp.id
_chem_comp.type
_chem_comp.name
_chem_comp.formula
CL non-polymer 'CHLORIDE ION' 'Cl -1'
GOL non-polymer GLYCEROL 'C3 H8 O3'
WD5 non-polymer 4-(4-chlorophenyl)piperidin-4-ol 'C11 H14 Cl N O'
#
# COMPACT_ATOMS: atom_id res chain seq x y z
N LEU A 20 2.33 24.07 16.35
CA LEU A 20 2.83 23.09 15.35
C LEU A 20 4.35 23.16 15.32
N ASP A 21 5.02 22.03 15.10
CA ASP A 21 6.47 22.03 14.77
C ASP A 21 6.64 21.76 13.28
N ARG A 22 7.88 21.81 12.80
CA ARG A 22 8.24 21.57 11.39
C ARG A 22 7.74 20.20 10.94
N ALA A 23 7.92 19.18 11.78
CA ALA A 23 7.52 17.78 11.47
C ALA A 23 6.02 17.75 11.12
N ASP A 24 5.18 18.42 11.92
CA ASP A 24 3.70 18.43 11.75
C ASP A 24 3.35 19.16 10.45
N ILE A 25 3.95 20.34 10.24
CA ILE A 25 3.68 21.18 9.04
C ILE A 25 4.05 20.39 7.78
N LEU A 26 5.23 19.77 7.77
CA LEU A 26 5.71 19.02 6.58
C LEU A 26 4.86 17.76 6.37
N TYR A 27 4.43 17.08 7.43
CA TYR A 27 3.46 15.95 7.34
C TYR A 27 2.16 16.45 6.67
N ASN A 28 1.59 17.54 7.20
CA ASN A 28 0.30 18.11 6.71
C ASN A 28 0.43 18.44 5.22
N ILE A 29 1.51 19.11 4.83
CA ILE A 29 1.77 19.48 3.41
C ILE A 29 1.89 18.21 2.57
N ARG A 30 2.70 17.25 2.99
CA ARG A 30 2.93 16.01 2.21
C ARG A 30 1.60 15.27 2.05
N GLN A 31 0.75 15.22 3.08
CA GLN A 31 -0.51 14.44 3.04
C GLN A 31 -1.57 15.13 2.17
N THR A 32 -1.58 16.46 2.05
CA THR A 32 -2.72 17.23 1.48
C THR A 32 -2.31 18.12 0.32
N SER A 33 -1.04 18.20 -0.11
CA SER A 33 -0.59 19.31 -1.02
C SER A 33 -1.30 19.41 -2.39
N ARG A 34 -1.67 18.28 -3.02
CA ARG A 34 -2.21 18.15 -4.39
C ARG A 34 -1.25 18.78 -5.40
N PRO A 35 -0.06 18.19 -5.66
CA PRO A 35 0.94 18.81 -6.53
C PRO A 35 0.48 18.96 -7.98
N ASP A 36 -0.54 18.19 -8.36
CA ASP A 36 -1.11 18.18 -9.73
C ASP A 36 -2.17 19.28 -9.87
N VAL A 37 -2.52 19.97 -8.79
CA VAL A 37 -3.69 20.90 -8.79
C VAL A 37 -3.21 22.36 -8.69
N ILE A 38 -3.39 23.11 -9.76
CA ILE A 38 -3.14 24.58 -9.78
C ILE A 38 -4.01 25.23 -8.71
N PRO A 39 -3.44 26.01 -7.77
CA PRO A 39 -4.22 26.61 -6.69
C PRO A 39 -4.93 27.91 -7.09
N THR A 40 -5.81 27.84 -8.10
CA THR A 40 -6.64 28.99 -8.54
C THR A 40 -7.61 29.31 -7.40
N GLN A 41 -7.87 30.61 -7.17
CA GLN A 41 -8.85 31.12 -6.19
C GLN A 41 -9.98 31.79 -6.97
N ARG A 42 -11.23 31.33 -6.79
CA ARG A 42 -12.44 31.93 -7.38
C ARG A 42 -12.24 32.15 -8.89
N ASP A 43 -11.69 31.15 -9.59
CA ASP A 43 -11.45 31.13 -11.07
C ASP A 43 -10.66 32.36 -11.55
N ARG A 44 -9.85 32.98 -10.68
CA ARG A 44 -8.85 34.01 -11.09
C ARG A 44 -7.53 33.29 -11.35
N PRO A 45 -6.65 33.83 -12.22
CA PRO A 45 -5.38 33.16 -12.50
C PRO A 45 -4.50 33.13 -11.24
N VAL A 46 -3.61 32.15 -11.16
CA VAL A 46 -2.51 32.14 -10.17
C VAL A 46 -1.48 33.17 -10.65
N ALA A 47 -1.18 34.17 -9.81
CA ALA A 47 -0.18 35.22 -10.09
C ALA A 47 1.22 34.66 -9.76
N VAL A 48 1.99 34.40 -10.80
CA VAL A 48 3.40 33.92 -10.67
C VAL A 48 4.33 35.10 -10.97
N SER A 49 5.25 35.39 -10.05
CA SER A 49 6.36 36.37 -10.27
C SER A 49 7.63 35.62 -10.66
N VAL A 50 8.30 36.10 -11.70
CA VAL A 50 9.56 35.49 -12.22
C VAL A 50 10.57 36.61 -12.44
N SER A 51 11.77 36.46 -11.88
CA SER A 51 12.93 37.35 -12.09
C SER A 51 14.18 36.47 -12.28
N LEU A 52 14.94 36.68 -13.35
CA LEU A 52 16.23 35.98 -13.55
C LEU A 52 17.36 36.82 -12.96
N LYS A 53 18.15 36.22 -12.07
CA LYS A 53 19.44 36.78 -11.60
C LYS A 53 20.57 36.06 -12.35
N PHE A 54 21.25 36.73 -13.26
CA PHE A 54 22.33 36.09 -14.04
C PHE A 54 23.56 35.89 -13.15
N ILE A 55 24.11 34.69 -13.20
CA ILE A 55 25.28 34.27 -12.40
C ILE A 55 26.48 34.11 -13.32
N ASN A 56 26.28 33.60 -14.53
CA ASN A 56 27.42 33.39 -15.45
C ASN A 56 26.93 33.34 -16.89
N ILE A 57 27.81 33.70 -17.81
CA ILE A 57 27.70 33.50 -19.27
C ILE A 57 28.94 32.69 -19.65
N LEU A 58 28.78 31.46 -20.09
CA LEU A 58 29.86 30.44 -20.12
C LEU A 58 30.39 30.25 -21.53
N GLU A 59 29.50 30.22 -22.51
CA GLU A 59 29.84 29.97 -23.92
C GLU A 59 28.89 30.78 -24.77
N VAL A 60 29.44 31.50 -25.73
CA VAL A 60 28.67 32.35 -26.65
C VAL A 60 29.16 32.00 -28.04
N ASN A 61 28.28 31.95 -29.02
CA ASN A 61 28.64 31.69 -30.43
C ASN A 61 27.86 32.66 -31.31
N GLU A 62 28.56 33.67 -31.86
CA GLU A 62 27.96 34.74 -32.68
C GLU A 62 27.56 34.19 -34.04
N ILE A 63 28.18 33.10 -34.49
CA ILE A 63 27.86 32.44 -35.78
C ILE A 63 26.49 31.74 -35.66
N THR A 64 26.30 30.95 -34.59
CA THR A 64 25.08 30.12 -34.39
C THR A 64 24.02 30.90 -33.60
N ASN A 65 24.35 32.03 -32.99
CA ASN A 65 23.41 32.80 -32.15
C ASN A 65 22.92 31.91 -30.99
N GLU A 66 23.87 31.31 -30.27
CA GLU A 66 23.60 30.43 -29.09
C GLU A 66 24.43 30.92 -27.91
N VAL A 67 23.83 30.88 -26.72
CA VAL A 67 24.49 31.24 -25.44
C VAL A 67 24.20 30.15 -24.41
N ASP A 68 25.17 29.89 -23.54
CA ASP A 68 25.09 28.97 -22.39
C ASP A 68 25.19 29.86 -21.15
N VAL A 69 24.14 29.94 -20.35
CA VAL A 69 24.01 30.89 -19.21
C VAL A 69 23.68 30.12 -17.93
N VAL A 70 24.11 30.64 -16.79
CA VAL A 70 23.68 30.18 -15.44
C VAL A 70 22.91 31.34 -14.82
N PHE A 71 21.71 31.07 -14.32
CA PHE A 71 20.84 32.09 -13.67
C PHE A 71 20.09 31.45 -12.50
N TRP A 72 19.79 32.27 -11.51
CA TRP A 72 18.84 31.96 -10.43
C TRP A 72 17.46 32.41 -10.90
N GLN A 73 16.52 31.47 -11.00
CA GLN A 73 15.14 31.77 -11.43
C GLN A 73 14.27 32.00 -10.21
N GLN A 74 14.21 33.23 -9.73
CA GLN A 74 13.40 33.61 -8.55
C GLN A 74 11.93 33.53 -8.95
N THR A 75 11.20 32.59 -8.34
CA THR A 75 9.80 32.25 -8.68
C THR A 75 8.96 32.29 -7.41
N THR A 76 7.88 33.06 -7.42
CA THR A 76 6.98 33.22 -6.25
C THR A 76 5.53 33.13 -6.70
N TRP A 77 4.70 32.56 -5.85
CA TRP A 77 3.24 32.47 -6.04
C TRP A 77 2.64 32.11 -4.69
N SER A 78 1.33 32.18 -4.57
CA SER A 78 0.59 31.84 -3.35
C SER A 78 -0.17 30.53 -3.56
N ASP A 79 -0.14 29.64 -2.58
CA ASP A 79 -0.99 28.42 -2.55
C ASP A 79 -1.58 28.35 -1.14
N ARG A 80 -2.79 28.87 -0.97
CA ARG A 80 -3.49 29.00 0.34
C ARG A 80 -3.70 27.61 0.96
N THR A 81 -3.71 26.52 0.17
CA THR A 81 -3.89 25.14 0.70
C THR A 81 -2.68 24.76 1.57
N LEU A 82 -1.56 25.48 1.47
CA LEU A 82 -0.32 25.17 2.25
C LEU A 82 -0.31 25.89 3.60
N ALA A 83 -1.18 26.88 3.79
CA ALA A 83 -1.11 27.85 4.92
C ALA A 83 -1.31 27.12 6.25
N TRP A 84 -0.70 27.62 7.33
CA TRP A 84 -0.93 27.15 8.71
C TRP A 84 -0.92 28.35 9.67
N ASN A 85 -1.52 28.19 10.84
CA ASN A 85 -1.50 29.16 11.96
C ASN A 85 -0.06 29.22 12.50
N SER A 86 0.61 30.36 12.37
CA SER A 86 2.06 30.53 12.72
C SER A 86 2.26 30.87 14.21
N SER A 87 1.20 31.02 15.00
CA SER A 87 1.31 31.28 16.46
C SER A 87 1.98 30.06 17.11
N HIS A 88 3.08 30.28 17.83
CA HIS A 88 3.93 29.22 18.45
C HIS A 88 4.33 28.17 17.41
N SER A 89 4.62 28.58 16.19
CA SER A 89 5.00 27.70 15.05
C SER A 89 6.05 28.39 14.20
N PRO A 90 6.86 27.63 13.43
CA PRO A 90 7.75 28.21 12.43
C PRO A 90 6.97 29.12 11.47
N ASP A 91 7.58 30.22 11.02
CA ASP A 91 7.00 31.16 10.02
C ASP A 91 7.15 30.57 8.62
N GLN A 92 8.16 29.71 8.41
CA GLN A 92 8.54 29.17 7.08
C GLN A 92 9.13 27.77 7.23
N VAL A 93 8.96 26.94 6.21
CA VAL A 93 9.65 25.60 6.10
C VAL A 93 10.22 25.43 4.69
N SER A 94 11.20 24.54 4.59
CA SER A 94 11.76 24.06 3.31
C SER A 94 11.02 22.79 2.92
N VAL A 95 10.49 22.76 1.69
CA VAL A 95 9.63 21.65 1.19
C VAL A 95 10.20 21.19 -0.14
N PRO A 96 10.35 19.87 -0.36
CA PRO A 96 10.71 19.36 -1.68
C PRO A 96 9.61 19.75 -2.67
N ILE A 97 9.98 20.22 -3.87
CA ILE A 97 8.99 20.69 -4.88
C ILE A 97 8.13 19.51 -5.34
N SER A 98 8.59 18.27 -5.19
CA SER A 98 7.77 17.07 -5.49
C SER A 98 6.52 17.03 -4.59
N SER A 99 6.52 17.71 -3.44
CA SER A 99 5.35 17.76 -2.53
C SER A 99 4.49 19.00 -2.76
N LEU A 100 4.77 19.82 -3.77
CA LEU A 100 4.06 21.11 -4.02
C LEU A 100 3.59 21.18 -5.45
N TRP A 101 2.50 21.89 -5.71
CA TRP A 101 2.23 22.41 -7.07
C TRP A 101 3.29 23.47 -7.37
N VAL A 102 3.89 23.38 -8.54
CA VAL A 102 4.86 24.38 -9.06
C VAL A 102 4.40 24.78 -10.44
N PRO A 103 4.50 26.07 -10.82
CA PRO A 103 4.14 26.48 -12.17
C PRO A 103 4.98 25.73 -13.21
N ASP A 104 4.37 25.37 -14.33
CA ASP A 104 5.01 24.63 -15.43
C ASP A 104 5.73 25.62 -16.36
N LEU A 105 6.71 26.36 -15.82
CA LEU A 105 7.46 27.38 -16.59
C LEU A 105 8.42 26.71 -17.56
N ALA A 106 8.54 27.27 -18.74
CA ALA A 106 9.52 26.86 -19.76
C ALA A 106 10.07 28.12 -20.42
N ALA A 107 11.33 28.08 -20.84
CA ALA A 107 11.93 29.11 -21.72
C ALA A 107 11.61 28.75 -23.16
N TYR A 108 10.85 29.59 -23.85
CA TYR A 108 10.33 29.31 -25.22
C TYR A 108 11.49 29.19 -26.22
N ASN A 109 12.64 29.83 -25.96
CA ASN A 109 13.79 29.82 -26.91
C ASN A 109 14.96 29.03 -26.32
N ALA A 110 14.71 28.16 -25.32
CA ALA A 110 15.72 27.21 -24.81
C ALA A 110 15.98 26.17 -25.90
N ILE A 111 17.24 25.78 -26.08
CA ILE A 111 17.65 24.68 -27.01
C ILE A 111 18.35 23.58 -26.22
N SER A 112 18.30 23.61 -24.90
CA SER A 112 18.72 22.48 -24.02
C SER A 112 17.74 22.37 -22.86
N LYS A 113 17.67 21.20 -22.21
CA LYS A 113 16.82 21.06 -21.00
C LYS A 113 17.48 21.88 -19.90
N PRO A 114 16.71 22.47 -18.98
CA PRO A 114 17.29 23.18 -17.86
C PRO A 114 18.08 22.19 -17.00
N GLU A 115 19.35 22.47 -16.74
CA GLU A 115 20.22 21.71 -15.81
C GLU A 115 20.08 22.41 -14.46
N VAL A 116 19.35 21.80 -13.53
CA VAL A 116 19.13 22.40 -12.18
C VAL A 116 20.34 22.03 -11.32
N LEU A 117 21.05 23.04 -10.81
CA LEU A 117 22.36 22.84 -10.13
C LEU A 117 22.15 22.73 -8.62
N THR A 118 20.94 22.99 -8.13
CA THR A 118 20.67 23.23 -6.69
C THR A 118 19.65 22.22 -6.18
N PRO A 119 19.63 21.96 -4.86
CA PRO A 119 18.60 21.13 -4.24
C PRO A 119 17.20 21.63 -4.63
N GLN A 120 16.32 20.71 -5.01
CA GLN A 120 14.95 21.04 -5.50
C GLN A 120 14.01 21.18 -4.31
N LEU A 121 14.26 22.22 -3.50
CA LEU A 121 13.46 22.62 -2.33
C LEU A 121 12.93 24.02 -2.58
N ALA A 122 11.72 24.30 -2.12
CA ALA A 122 11.12 25.65 -2.08
C ALA A 122 10.94 26.06 -0.63
N ARG A 123 10.81 27.37 -0.39
CA ARG A 123 10.42 27.92 0.92
C ARG A 123 8.91 28.19 0.90
N VAL A 124 8.21 27.69 1.91
CA VAL A 124 6.75 27.93 2.09
C VAL A 124 6.59 28.73 3.38
N VAL A 125 5.96 29.90 3.25
CA VAL A 125 5.60 30.80 4.37
C VAL A 125 4.23 30.35 4.91
N SER A 126 3.97 30.55 6.20
CA SER A 126 2.73 30.12 6.89
C SER A 126 1.46 30.68 6.24
N ASP A 127 1.55 31.75 5.45
CA ASP A 127 0.39 32.33 4.73
C ASP A 127 0.19 31.64 3.38
N GLY A 128 1.05 30.69 2.98
CA GLY A 128 0.92 29.95 1.72
C GLY A 128 1.71 30.55 0.57
N GLU A 129 2.48 31.60 0.81
CA GLU A 129 3.46 32.12 -0.19
C GLU A 129 4.56 31.08 -0.39
N VAL A 130 4.90 30.81 -1.64
CA VAL A 130 6.00 29.87 -2.01
C VAL A 130 7.09 30.65 -2.72
N LEU A 131 8.34 30.42 -2.33
CA LEU A 131 9.55 30.97 -3.03
C LEU A 131 10.38 29.77 -3.50
N TYR A 132 10.54 29.63 -4.82
CA TYR A 132 11.37 28.59 -5.45
C TYR A 132 12.42 29.31 -6.30
N MET A 133 13.69 29.08 -6.01
CA MET A 133 14.79 29.78 -6.72
C MET A 133 15.88 28.77 -7.07
N PRO A 134 15.67 27.96 -8.12
CA PRO A 134 16.70 27.06 -8.59
C PRO A 134 17.79 27.85 -9.33
N SER A 135 19.03 27.38 -9.23
CA SER A 135 20.13 27.75 -10.13
C SER A 135 20.07 26.82 -11.33
N ILE A 136 19.94 27.42 -12.52
CA ILE A 136 19.78 26.67 -13.80
C ILE A 136 20.91 27.04 -14.75
N ARG A 137 21.53 26.05 -15.35
CA ARG A 137 22.36 26.22 -16.56
C ARG A 137 21.54 25.74 -17.76
N GLN A 138 21.44 26.58 -18.79
CA GLN A 138 20.62 26.30 -19.97
C GLN A 138 21.20 27.05 -21.18
N ARG A 139 21.00 26.48 -22.37
CA ARG A 139 21.42 27.06 -23.67
C ARG A 139 20.20 27.66 -24.36
N PHE A 140 20.37 28.84 -24.98
CA PHE A 140 19.31 29.60 -25.66
C PHE A 140 19.73 29.98 -27.07
N SER A 141 18.72 30.08 -27.94
CA SER A 141 18.78 30.70 -29.28
C SER A 141 18.34 32.15 -29.12
N CYS A 142 19.27 33.10 -29.29
CA CYS A 142 18.98 34.53 -29.14
C CYS A 142 20.03 35.35 -29.90
N ASP A 143 19.85 36.67 -29.93
CA ASP A 143 20.69 37.56 -30.76
C ASP A 143 22.04 37.77 -30.05
N VAL A 144 23.09 37.13 -30.55
CA VAL A 144 24.47 37.26 -30.03
C VAL A 144 25.24 38.32 -30.83
N SER A 145 24.63 38.91 -31.87
CA SER A 145 25.30 39.93 -32.72
C SER A 145 25.73 41.13 -31.86
N GLY A 146 26.98 41.57 -31.99
CA GLY A 146 27.52 42.76 -31.32
C GLY A 146 28.16 42.43 -29.99
N VAL A 147 28.33 41.15 -29.67
CA VAL A 147 28.86 40.71 -28.34
C VAL A 147 30.28 41.25 -28.13
N ASP A 148 31.08 41.37 -29.20
CA ASP A 148 32.50 41.83 -29.14
C ASP A 148 32.59 43.34 -29.41
N THR A 149 31.50 44.09 -29.28
CA THR A 149 31.48 45.58 -29.44
C THR A 149 31.16 46.23 -28.11
N GLU A 150 31.28 47.56 -28.05
CA GLU A 150 31.09 48.38 -26.82
C GLU A 150 29.63 48.29 -26.36
N SER A 151 28.67 48.41 -27.30
CA SER A 151 27.22 48.41 -27.01
C SER A 151 26.74 47.00 -26.62
N GLY A 152 27.46 45.96 -27.06
CA GLY A 152 27.26 44.56 -26.66
C GLY A 152 26.10 43.91 -27.42
N ALA A 153 25.79 42.65 -27.09
CA ALA A 153 24.64 41.89 -27.62
C ALA A 153 23.45 42.09 -26.68
N THR A 154 22.24 41.98 -27.21
CA THR A 154 20.99 41.87 -26.40
C THR A 154 20.34 40.52 -26.72
N CYS A 155 20.45 39.59 -25.77
CA CYS A 155 19.90 38.21 -25.84
C CYS A 155 18.60 38.21 -25.04
N ARG A 156 17.47 37.96 -25.73
CA ARG A 156 16.12 37.97 -25.12
C ARG A 156 15.74 36.52 -24.77
N ILE A 157 15.32 36.29 -23.53
CA ILE A 157 14.85 34.97 -23.03
C ILE A 157 13.40 35.15 -22.60
N LYS A 158 12.49 34.33 -23.12
CA LYS A 158 11.05 34.36 -22.81
C LYS A 158 10.69 33.15 -21.95
N ILE A 159 10.10 33.39 -20.78
CA ILE A 159 9.72 32.32 -19.82
C ILE A 159 8.26 32.49 -19.46
N GLY A 160 7.47 31.43 -19.63
CA GLY A 160 6.05 31.41 -19.24
C GLY A 160 5.54 29.99 -19.06
N SER A 161 4.27 29.87 -18.70
CA SER A 161 3.61 28.56 -18.53
C SER A 161 3.55 27.83 -19.86
N TRP A 162 3.93 26.56 -19.85
CA TRP A 162 3.86 25.69 -21.05
C TRP A 162 2.39 25.37 -21.38
N THR A 163 1.51 25.14 -20.41
CA THR A 163 0.14 24.61 -20.67
C THR A 163 -0.95 25.48 -20.08
N HIS A 164 -0.64 26.47 -19.25
CA HIS A 164 -1.69 27.31 -18.60
C HIS A 164 -1.74 28.69 -19.28
N HIS A 165 -2.87 29.03 -19.90
CA HIS A 165 -3.07 30.35 -20.55
C HIS A 165 -3.39 31.39 -19.48
N SER A 166 -3.60 32.65 -19.89
CA SER A 166 -3.66 33.86 -19.02
C SER A 166 -4.81 33.79 -18.02
N ARG A 167 -5.86 33.01 -18.25
CA ARG A 167 -6.97 32.91 -17.27
C ARG A 167 -6.58 31.94 -16.14
N GLU A 168 -5.49 31.19 -16.30
CA GLU A 168 -5.07 30.16 -15.30
C GLU A 168 -3.77 30.61 -14.61
N ILE A 169 -2.78 31.08 -15.38
CA ILE A 169 -1.50 31.61 -14.82
C ILE A 169 -1.23 32.98 -15.46
N SER A 170 -0.95 33.97 -14.62
CA SER A 170 -0.39 35.26 -15.04
C SER A 170 1.09 35.28 -14.60
N VAL A 171 1.95 35.86 -15.42
CA VAL A 171 3.41 35.99 -15.12
C VAL A 171 3.71 37.49 -15.08
N ASP A 172 4.41 37.93 -14.04
CA ASP A 172 4.88 39.32 -13.90
C ASP A 172 6.34 39.31 -13.46
N PRO A 173 7.18 40.24 -13.98
CA PRO A 173 8.50 40.46 -13.39
C PRO A 173 8.30 40.97 -11.96
N THR A 174 9.23 40.70 -11.07
CA THR A 174 9.16 41.09 -9.63
C THR A 174 9.28 42.62 -9.49
N SER A 178 17.13 45.03 -7.26
CA SER A 178 18.57 44.84 -6.92
C SER A 178 19.45 45.03 -8.18
N ASP A 179 20.77 44.97 -7.99
CA ASP A 179 21.77 45.26 -9.06
C ASP A 179 21.85 44.03 -9.98
N ASP A 180 21.75 44.24 -11.29
CA ASP A 180 21.70 43.21 -12.36
C ASP A 180 22.91 42.27 -12.26
N SER A 181 24.06 42.81 -11.89
CA SER A 181 25.37 42.12 -11.85
C SER A 181 25.74 41.77 -10.40
N GLU A 182 24.80 41.93 -9.46
CA GLU A 182 25.12 41.75 -8.01
C GLU A 182 25.66 40.34 -7.75
N TYR A 183 25.14 39.33 -8.44
CA TYR A 183 25.50 37.89 -8.20
C TYR A 183 26.29 37.37 -9.40
N PHE A 184 26.54 38.19 -10.41
CA PHE A 184 27.25 37.77 -11.64
C PHE A 184 28.73 37.49 -11.31
N SER A 185 29.27 36.40 -11.84
CA SER A 185 30.67 35.95 -11.62
C SER A 185 31.63 37.01 -12.18
N GLN A 186 32.53 37.50 -11.33
CA GLN A 186 33.64 38.40 -11.74
C GLN A 186 34.59 37.65 -12.69
N TYR A 187 34.51 36.32 -12.78
CA TYR A 187 35.49 35.50 -13.54
C TYR A 187 34.96 35.13 -14.93
N SER A 188 33.72 35.46 -15.26
CA SER A 188 33.17 35.29 -16.63
C SER A 188 34.06 36.03 -17.62
N ARG A 189 34.17 35.54 -18.86
CA ARG A 189 34.78 36.29 -19.99
C ARG A 189 33.87 37.45 -20.38
N PHE A 190 32.63 37.46 -19.88
CA PHE A 190 31.60 38.45 -20.27
C PHE A 190 31.24 39.33 -19.07
N GLU A 191 30.61 40.45 -19.37
CA GLU A 191 30.09 41.39 -18.35
C GLU A 191 28.69 41.83 -18.78
N ILE A 192 27.86 42.15 -17.80
CA ILE A 192 26.47 42.59 -18.00
C ILE A 192 26.45 44.11 -18.05
N LEU A 193 25.85 44.67 -19.11
CA LEU A 193 25.64 46.13 -19.27
C LEU A 193 24.26 46.48 -18.71
N ASP A 194 23.26 45.63 -18.93
CA ASP A 194 21.87 45.90 -18.50
C ASP A 194 21.04 44.61 -18.57
N VAL A 195 20.10 44.49 -17.65
CA VAL A 195 19.01 43.47 -17.71
C VAL A 195 17.68 44.19 -17.55
N THR A 196 16.78 44.01 -18.51
CA THR A 196 15.37 44.47 -18.37
C THR A 196 14.45 43.25 -18.48
N GLN A 197 13.38 43.27 -17.71
CA GLN A 197 12.43 42.12 -17.57
C GLN A 197 11.04 42.73 -17.72
N LYS A 198 10.29 42.34 -18.74
CA LYS A 198 8.98 42.97 -19.09
C LYS A 198 7.97 41.88 -19.40
N LYS A 199 6.68 42.18 -19.22
CA LYS A 199 5.58 41.21 -19.37
C LYS A 199 5.12 41.21 -20.83
N ASN A 200 5.00 40.04 -21.43
CA ASN A 200 4.55 39.83 -22.83
C ASN A 200 3.36 38.84 -22.76
N SER A 201 2.75 38.66 -23.93
CA SER A 201 1.76 37.59 -24.22
C SER A 201 2.08 37.00 -25.61
N VAL A 202 2.00 35.66 -25.73
CA VAL A 202 1.99 34.93 -27.02
C VAL A 202 0.62 34.25 -27.23
N THR A 203 0.06 34.40 -28.41
CA THR A 203 -1.07 33.59 -28.96
C THR A 203 -0.42 32.71 -30.02
N TYR A 204 -0.64 31.39 -29.97
CA TYR A 204 -0.32 30.47 -31.10
C TYR A 204 -1.53 30.36 -32.03
N SER A 205 -1.26 30.15 -33.33
CA SER A 205 -2.27 30.22 -34.44
C SER A 205 -3.42 29.25 -34.21
N CYS A 206 -3.13 28.05 -33.68
CA CYS A 206 -4.08 26.94 -33.43
C CYS A 206 -5.20 27.36 -32.49
N CYS A 207 -4.89 28.05 -31.39
CA CYS A 207 -5.75 28.22 -30.19
C CYS A 207 -6.02 29.70 -29.93
N PRO A 208 -7.18 30.04 -29.31
CA PRO A 208 -7.55 31.43 -29.08
C PRO A 208 -6.87 32.11 -27.88
N GLU A 209 -6.35 31.34 -26.92
CA GLU A 209 -5.92 31.89 -25.61
C GLU A 209 -4.49 32.45 -25.73
N ALA A 210 -4.20 33.46 -24.90
CA ALA A 210 -2.87 34.07 -24.74
C ALA A 210 -2.17 33.38 -23.56
N TYR A 211 -0.86 33.16 -23.73
CA TYR A 211 0.06 32.63 -22.67
C TYR A 211 0.99 33.79 -22.30
N GLU A 212 1.01 34.15 -21.02
CA GLU A 212 1.84 35.27 -20.55
C GLU A 212 3.26 34.79 -20.28
N ASP A 213 4.22 35.68 -20.53
CA ASP A 213 5.65 35.36 -20.37
C ASP A 213 6.34 36.61 -19.81
N VAL A 214 7.48 36.38 -19.19
CA VAL A 214 8.45 37.45 -18.87
C VAL A 214 9.52 37.36 -19.95
N GLU A 215 9.77 38.49 -20.62
CA GLU A 215 10.83 38.62 -21.63
C GLU A 215 12.01 39.30 -20.93
N VAL A 216 13.11 38.59 -20.82
CA VAL A 216 14.32 39.07 -20.11
C VAL A 216 15.34 39.43 -21.20
N SER A 217 15.70 40.72 -21.27
CA SER A 217 16.70 41.24 -22.24
C SER A 217 18.04 41.36 -21.52
N LEU A 218 18.97 40.47 -21.85
CA LEU A 218 20.34 40.42 -21.30
C LEU A 218 21.27 41.15 -22.28
N ASN A 219 21.64 42.38 -21.94
CA ASN A 219 22.63 43.21 -22.71
C ASN A 219 23.99 42.95 -22.08
N PHE A 220 24.88 42.27 -22.81
CA PHE A 220 26.17 41.81 -22.30
C PHE A 220 27.22 41.93 -23.40
N ARG A 221 28.50 41.90 -23.02
CA ARG A 221 29.60 41.93 -24.01
C ARG A 221 30.80 41.18 -23.46
N LYS A 222 31.70 40.78 -24.36
CA LYS A 222 33.03 40.22 -24.01
C LYS A 222 33.84 41.32 -23.33
N LYS A 223 34.53 40.99 -22.23
CA LYS A 223 35.46 41.94 -21.56
C LYS A 223 36.66 42.23 -22.46
N GLY A 224 37.19 41.23 -23.19
CA GLY A 224 38.21 41.41 -24.24
C GLY A 224 39.54 41.81 -23.63
N LEU B 20 -18.01 20.07 -10.76
CA LEU B 20 -16.66 19.56 -10.45
C LEU B 20 -15.69 20.74 -10.47
N ASP B 21 -14.67 20.72 -9.61
CA ASP B 21 -13.53 21.66 -9.71
C ASP B 21 -12.32 20.89 -10.26
N ARG B 22 -11.21 21.60 -10.47
CA ARG B 22 -9.96 21.03 -11.02
C ARG B 22 -9.48 19.90 -10.13
N ALA B 23 -9.52 20.11 -8.81
CA ALA B 23 -9.05 19.12 -7.81
C ALA B 23 -9.78 17.79 -8.03
N ASP B 24 -11.10 17.83 -8.20
CA ASP B 24 -11.94 16.60 -8.36
C ASP B 24 -11.60 15.91 -9.68
N ILE B 25 -11.53 16.68 -10.77
CA ILE B 25 -11.24 16.13 -12.14
C ILE B 25 -9.86 15.44 -12.10
N LEU B 26 -8.85 16.12 -11.54
CA LEU B 26 -7.48 15.57 -11.52
C LEU B 26 -7.40 14.36 -10.59
N TYR B 27 -8.11 14.38 -9.46
CA TYR B 27 -8.24 13.19 -8.57
C TYR B 27 -8.84 12.02 -9.36
N ASN B 28 -9.97 12.24 -10.04
CA ASN B 28 -10.69 11.20 -10.80
C ASN B 28 -9.75 10.59 -11.85
N ILE B 29 -9.05 11.44 -12.61
CA ILE B 29 -8.11 10.97 -13.65
C ILE B 29 -6.98 10.16 -12.99
N ARG B 30 -6.37 10.70 -11.95
CA ARG B 30 -5.22 10.02 -11.27
C ARG B 30 -5.69 8.66 -10.73
N GLN B 31 -6.90 8.59 -10.16
CA GLN B 31 -7.40 7.35 -9.49
C GLN B 31 -7.80 6.28 -10.51
N THR B 32 -8.20 6.65 -11.73
CA THR B 32 -8.77 5.70 -12.72
C THR B 32 -7.94 5.65 -14.01
N SER B 33 -6.79 6.35 -14.01
CA SER B 33 -5.80 6.33 -15.10
C SER B 33 -5.27 4.91 -15.28
N ARG B 34 -5.49 4.43 -16.49
CA ARG B 34 -4.92 3.19 -17.07
C ARG B 34 -3.94 3.62 -18.16
N PRO B 35 -2.74 4.15 -17.80
CA PRO B 35 -1.80 4.68 -18.78
C PRO B 35 -1.26 3.61 -19.74
N ASP B 36 -1.39 2.35 -19.35
CA ASP B 36 -0.93 1.15 -20.11
C ASP B 36 -2.00 0.75 -21.14
N VAL B 37 -3.19 1.33 -21.10
CA VAL B 37 -4.36 0.85 -21.88
C VAL B 37 -4.72 1.81 -23.01
N ILE B 38 -4.47 1.39 -24.26
CA ILE B 38 -4.88 2.15 -25.47
C ILE B 38 -6.39 2.33 -25.41
N PRO B 39 -6.92 3.57 -25.52
CA PRO B 39 -8.37 3.79 -25.42
C PRO B 39 -9.11 3.55 -26.76
N THR B 40 -9.00 2.34 -27.31
CA THR B 40 -9.75 1.95 -28.54
C THR B 40 -11.23 1.92 -28.18
N GLN B 41 -12.10 2.35 -29.10
CA GLN B 41 -13.58 2.29 -29.00
C GLN B 41 -14.06 1.26 -30.03
N ARG B 42 -14.75 0.21 -29.59
CA ARG B 42 -15.40 -0.82 -30.44
C ARG B 42 -14.42 -1.32 -31.52
N ASP B 43 -13.18 -1.62 -31.10
CA ASP B 43 -12.10 -2.20 -31.96
C ASP B 43 -11.82 -1.33 -33.20
N ARG B 44 -12.13 -0.03 -33.15
CA ARG B 44 -11.69 0.96 -34.17
C ARG B 44 -10.38 1.58 -33.70
N PRO B 45 -9.49 2.02 -34.61
CA PRO B 45 -8.19 2.54 -34.20
C PRO B 45 -8.36 3.84 -33.41
N VAL B 46 -7.42 4.12 -32.51
CA VAL B 46 -7.28 5.49 -31.92
C VAL B 46 -6.68 6.39 -33.01
N ALA B 47 -7.39 7.46 -33.35
CA ALA B 47 -6.96 8.47 -34.34
C ALA B 47 -6.01 9.44 -33.64
N VAL B 48 -4.73 9.35 -33.96
CA VAL B 48 -3.68 10.27 -33.45
C VAL B 48 -3.32 11.27 -34.57
N SER B 49 -3.40 12.56 -34.28
CA SER B 49 -2.89 13.65 -35.16
C SER B 49 -1.51 14.08 -34.69
N VAL B 50 -0.59 14.23 -35.63
CA VAL B 50 0.82 14.61 -35.36
C VAL B 50 1.20 15.69 -36.37
N SER B 51 1.70 16.81 -35.87
CA SER B 51 2.24 17.94 -36.68
C SER B 51 3.52 18.42 -35.98
N LEU B 52 4.64 18.48 -36.69
CA LEU B 52 5.91 19.07 -36.16
C LEU B 52 5.95 20.55 -36.51
N LYS B 53 6.11 21.40 -35.50
CA LYS B 53 6.38 22.85 -35.65
C LYS B 53 7.88 23.03 -35.39
N PHE B 54 8.66 23.34 -36.42
CA PHE B 54 10.13 23.46 -36.29
C PHE B 54 10.42 24.78 -35.59
N ILE B 55 11.29 24.72 -34.59
CA ILE B 55 11.69 25.90 -33.76
C ILE B 55 13.14 26.26 -34.11
N ASN B 56 13.99 25.26 -34.34
CA ASN B 56 15.40 25.58 -34.63
C ASN B 56 16.05 24.40 -35.36
N ILE B 57 17.07 24.72 -36.16
CA ILE B 57 18.02 23.76 -36.76
C ILE B 57 19.39 24.19 -36.25
N LEU B 58 20.03 23.33 -35.45
CA LEU B 58 21.15 23.74 -34.55
C LEU B 58 22.49 23.29 -35.13
N GLU B 59 22.55 22.07 -35.66
CA GLU B 59 23.77 21.49 -36.24
C GLU B 59 23.34 20.67 -37.45
N VAL B 60 24.05 20.86 -38.54
CA VAL B 60 23.82 20.13 -39.80
C VAL B 60 25.19 19.62 -40.21
N ASN B 61 25.27 18.41 -40.76
CA ASN B 61 26.54 17.82 -41.25
C ASN B 61 26.25 17.16 -42.59
N GLU B 62 26.70 17.79 -43.68
CA GLU B 62 26.43 17.33 -45.07
C GLU B 62 27.28 16.09 -45.36
N ILE B 63 28.39 15.90 -44.65
CA ILE B 63 29.27 14.71 -44.81
C ILE B 63 28.55 13.48 -44.23
N THR B 64 28.02 13.58 -43.01
CA THR B 64 27.38 12.43 -42.30
C THR B 64 25.88 12.36 -42.58
N ASN B 65 25.29 13.39 -43.19
CA ASN B 65 23.81 13.44 -43.42
C ASN B 65 23.07 13.32 -42.07
N GLU B 66 23.45 14.17 -41.12
CA GLU B 66 22.86 14.24 -39.76
C GLU B 66 22.44 15.67 -39.47
N VAL B 67 21.30 15.83 -38.81
CA VAL B 67 20.76 17.16 -38.38
C VAL B 67 20.32 17.05 -36.93
N ASP B 68 20.50 18.14 -36.19
CA ASP B 68 20.08 18.31 -34.78
C ASP B 68 19.02 19.41 -34.82
N VAL B 69 17.76 19.08 -34.49
CA VAL B 69 16.58 19.96 -34.67
C VAL B 69 15.85 20.11 -33.34
N VAL B 70 15.23 21.26 -33.12
CA VAL B 70 14.23 21.48 -32.03
C VAL B 70 12.88 21.69 -32.69
N PHE B 71 11.87 20.95 -32.26
CA PHE B 71 10.49 21.04 -32.78
C PHE B 71 9.49 20.84 -31.64
N TRP B 72 8.33 21.47 -31.79
CA TRP B 72 7.13 21.21 -30.98
C TRP B 72 6.36 20.10 -31.67
N GLN B 73 6.17 18.96 -30.99
CA GLN B 73 5.45 17.81 -31.57
C GLN B 73 3.99 17.90 -31.12
N GLN B 74 3.16 18.59 -31.90
CA GLN B 74 1.72 18.76 -31.62
C GLN B 74 1.06 17.40 -31.82
N THR B 75 0.56 16.81 -30.73
CA THR B 75 -0.01 15.44 -30.70
C THR B 75 -1.39 15.50 -30.08
N THR B 76 -2.41 15.00 -30.78
CA THR B 76 -3.80 15.00 -30.28
C THR B 76 -4.45 13.65 -30.55
N TRP B 77 -5.30 13.24 -29.63
CA TRP B 77 -6.10 12.00 -29.73
C TRP B 77 -7.23 12.13 -28.73
N SER B 78 -8.19 11.22 -28.80
CA SER B 78 -9.34 11.19 -27.87
C SER B 78 -9.17 9.99 -26.91
N ASP B 79 -9.42 10.21 -25.64
CA ASP B 79 -9.57 9.13 -24.61
C ASP B 79 -10.84 9.41 -23.83
N ARG B 80 -11.94 8.79 -24.24
CA ARG B 80 -13.31 9.00 -23.68
C ARG B 80 -13.32 8.65 -22.19
N THR B 81 -12.41 7.81 -21.69
CA THR B 81 -12.36 7.44 -20.25
C THR B 81 -11.98 8.67 -19.41
N LEU B 82 -11.44 9.73 -20.01
CA LEU B 82 -11.02 10.97 -19.29
C LEU B 82 -12.18 11.97 -19.20
N ALA B 83 -13.24 11.80 -19.97
CA ALA B 83 -14.30 12.82 -20.19
C ALA B 83 -15.04 13.08 -18.89
N TRP B 84 -15.53 14.31 -18.72
CA TRP B 84 -16.39 14.71 -17.57
C TRP B 84 -17.46 15.69 -18.08
N ASN B 85 -18.56 15.81 -17.33
CA ASN B 85 -19.64 16.79 -17.59
C ASN B 85 -19.08 18.19 -17.27
N SER B 86 -18.96 19.06 -18.28
CA SER B 86 -18.30 20.39 -18.17
C SER B 86 -19.26 21.47 -17.65
N SER B 87 -20.55 21.15 -17.41
CA SER B 87 -21.51 22.12 -16.84
C SER B 87 -21.04 22.52 -15.43
N HIS B 88 -20.86 23.81 -15.18
CA HIS B 88 -20.32 24.38 -13.91
C HIS B 88 -18.99 23.71 -13.55
N SER B 89 -18.15 23.43 -14.55
CA SER B 89 -16.83 22.78 -14.40
C SER B 89 -15.83 23.38 -15.37
N PRO B 90 -14.51 23.29 -15.11
CA PRO B 90 -13.50 23.65 -16.10
C PRO B 90 -13.72 22.88 -17.42
N ASP B 91 -13.45 23.51 -18.56
CA ASP B 91 -13.54 22.86 -19.89
C ASP B 91 -12.26 22.05 -20.15
N GLN B 92 -11.16 22.38 -19.49
CA GLN B 92 -9.82 21.76 -19.71
C GLN B 92 -9.00 21.76 -18.41
N VAL B 93 -8.12 20.76 -18.27
CA VAL B 93 -7.11 20.70 -17.17
C VAL B 93 -5.75 20.30 -17.74
N SER B 94 -4.70 20.66 -17.01
CA SER B 94 -3.31 20.21 -17.28
C SER B 94 -3.06 18.94 -16.46
N VAL B 95 -2.60 17.87 -17.12
CA VAL B 95 -2.41 16.54 -16.50
C VAL B 95 -1.01 16.05 -16.82
N PRO B 96 -0.26 15.53 -15.83
CA PRO B 96 1.03 14.90 -16.10
C PRO B 96 0.80 13.71 -17.03
N ILE B 97 1.63 13.54 -18.06
CA ILE B 97 1.47 12.45 -19.05
C ILE B 97 1.69 11.10 -18.36
N SER B 98 2.38 11.05 -17.21
CA SER B 98 2.53 9.80 -16.43
C SER B 98 1.16 9.30 -15.95
N SER B 99 0.13 10.16 -15.88
CA SER B 99 -1.23 9.75 -15.49
C SER B 99 -2.12 9.42 -16.69
N LEU B 100 -1.60 9.44 -17.93
CA LEU B 100 -2.42 9.27 -19.16
C LEU B 100 -1.78 8.18 -20.03
N TRP B 101 -2.61 7.49 -20.80
CA TRP B 101 -2.12 6.76 -22.00
C TRP B 101 -1.64 7.81 -23.00
N VAL B 102 -0.47 7.58 -23.57
CA VAL B 102 0.11 8.41 -24.64
C VAL B 102 0.49 7.47 -25.77
N PRO B 103 0.28 7.86 -27.05
CA PRO B 103 0.72 7.02 -28.17
C PRO B 103 2.22 6.75 -28.11
N ASP B 104 2.63 5.54 -28.48
CA ASP B 104 4.05 5.10 -28.47
C ASP B 104 4.72 5.53 -29.79
N LEU B 105 4.72 6.84 -30.08
CA LEU B 105 5.27 7.40 -31.33
C LEU B 105 6.80 7.35 -31.27
N ALA B 106 7.41 7.02 -32.38
CA ALA B 106 8.88 6.98 -32.55
C ALA B 106 9.19 7.55 -33.92
N ALA B 107 10.30 8.29 -34.02
CA ALA B 107 10.88 8.75 -35.29
C ALA B 107 11.77 7.62 -35.81
N TYR B 108 11.43 7.03 -36.96
CA TYR B 108 12.09 5.81 -37.49
C TYR B 108 13.55 6.12 -37.84
N ASN B 109 13.89 7.37 -38.16
CA ASN B 109 15.26 7.76 -38.62
C ASN B 109 15.93 8.64 -37.55
N ALA B 110 15.42 8.65 -36.30
CA ALA B 110 16.11 9.30 -35.17
C ALA B 110 17.38 8.50 -34.87
N ILE B 111 18.47 9.19 -34.56
CA ILE B 111 19.76 8.55 -34.14
C ILE B 111 20.13 9.03 -32.73
N SER B 112 19.24 9.74 -32.03
CA SER B 112 19.36 10.05 -30.59
C SER B 112 17.98 9.90 -29.94
N LYS B 113 17.95 9.73 -28.62
CA LYS B 113 16.66 9.70 -27.88
C LYS B 113 16.08 11.10 -27.95
N PRO B 114 14.74 11.25 -27.97
CA PRO B 114 14.15 12.58 -27.92
C PRO B 114 14.50 13.22 -26.57
N GLU B 115 15.09 14.41 -26.59
CA GLU B 115 15.38 15.23 -25.39
C GLU B 115 14.18 16.16 -25.20
N VAL B 116 13.34 15.88 -24.21
CA VAL B 116 12.12 16.70 -23.96
C VAL B 116 12.55 17.92 -23.14
N LEU B 117 12.31 19.12 -23.65
CA LEU B 117 12.84 20.38 -23.07
C LEU B 117 11.79 21.00 -22.14
N THR B 118 10.56 20.49 -22.13
CA THR B 118 9.39 21.19 -21.55
C THR B 118 8.75 20.34 -20.46
N PRO B 119 7.97 20.94 -19.54
CA PRO B 119 7.18 20.19 -18.57
C PRO B 119 6.32 19.14 -19.27
N GLN B 120 6.32 17.92 -18.75
CA GLN B 120 5.64 16.75 -19.37
C GLN B 120 4.18 16.72 -18.91
N LEU B 121 3.43 17.75 -19.32
CA LEU B 121 1.99 17.92 -19.05
C LEU B 121 1.27 17.93 -20.39
N ALA B 122 0.07 17.36 -20.43
CA ALA B 122 -0.85 17.45 -21.57
C ALA B 122 -2.07 18.26 -21.13
N ARG B 123 -2.83 18.76 -22.09
CA ARG B 123 -4.16 19.37 -21.86
C ARG B 123 -5.22 18.31 -22.16
N VAL B 124 -6.13 18.13 -21.22
CA VAL B 124 -7.30 17.23 -21.36
C VAL B 124 -8.54 18.11 -21.38
N VAL B 125 -9.31 18.01 -22.46
CA VAL B 125 -10.62 18.69 -22.65
C VAL B 125 -11.70 17.76 -22.06
N SER B 126 -12.79 18.34 -21.56
CA SER B 126 -13.92 17.63 -20.88
C SER B 126 -14.52 16.54 -21.77
N ASP B 127 -14.35 16.60 -23.09
CA ASP B 127 -14.87 15.56 -24.02
C ASP B 127 -13.86 14.41 -24.17
N GLY B 128 -12.69 14.49 -23.53
CA GLY B 128 -11.68 13.41 -23.56
C GLY B 128 -10.62 13.64 -24.64
N GLU B 129 -10.66 14.74 -25.37
CA GLU B 129 -9.57 15.14 -26.28
C GLU B 129 -8.32 15.46 -25.44
N VAL B 130 -7.18 14.93 -25.86
CA VAL B 130 -5.86 15.20 -25.24
C VAL B 130 -4.99 15.95 -26.25
N LEU B 131 -4.37 17.04 -25.80
CA LEU B 131 -3.33 17.78 -26.58
C LEU B 131 -2.02 17.71 -25.80
N TYR B 132 -1.02 17.07 -26.38
CA TYR B 132 0.34 16.95 -25.81
C TYR B 132 1.29 17.56 -26.83
N MET B 133 2.03 18.59 -26.44
CA MET B 133 2.94 19.29 -27.36
C MET B 133 4.26 19.55 -26.66
N PRO B 134 5.12 18.52 -26.53
CA PRO B 134 6.45 18.70 -25.97
C PRO B 134 7.33 19.43 -26.99
N SER B 135 8.27 20.23 -26.48
CA SER B 135 9.46 20.69 -27.24
C SER B 135 10.53 19.62 -27.13
N ILE B 136 10.98 19.13 -28.28
CA ILE B 136 11.95 18.02 -28.40
C ILE B 136 13.18 18.51 -29.18
N ARG B 137 14.35 18.22 -28.65
CA ARG B 137 15.61 18.26 -29.42
C ARG B 137 16.02 16.82 -29.74
N GLN B 138 16.28 16.55 -31.00
CA GLN B 138 16.58 15.18 -31.47
C GLN B 138 17.45 15.26 -32.73
N ARG B 139 18.30 14.25 -32.92
CA ARG B 139 19.21 14.11 -34.08
C ARG B 139 18.62 13.08 -35.03
N PHE B 140 18.71 13.34 -36.34
CA PHE B 140 18.15 12.48 -37.41
C PHE B 140 19.20 12.20 -38.47
N SER B 141 19.06 11.02 -39.08
CA SER B 141 19.72 10.61 -40.34
C SER B 141 18.77 10.95 -41.50
N CYS B 142 19.12 11.92 -42.32
CA CYS B 142 18.28 12.36 -43.45
C CYS B 142 19.16 13.07 -44.49
N ASP B 143 18.56 13.44 -45.62
CA ASP B 143 19.30 14.02 -46.77
C ASP B 143 19.63 15.48 -46.48
N VAL B 144 20.88 15.76 -46.17
CA VAL B 144 21.38 17.15 -45.91
C VAL B 144 21.96 17.74 -47.21
N SER B 145 22.03 16.96 -48.30
CA SER B 145 22.62 17.41 -49.59
C SER B 145 21.86 18.64 -50.09
N GLY B 146 22.60 19.70 -50.48
CA GLY B 146 21.98 20.90 -51.11
C GLY B 146 21.65 21.98 -50.10
N VAL B 147 22.06 21.79 -48.84
CA VAL B 147 21.71 22.73 -47.72
C VAL B 147 22.28 24.12 -48.02
N ASP B 148 23.44 24.21 -48.67
CA ASP B 148 24.13 25.50 -48.97
C ASP B 148 23.76 26.01 -50.37
N THR B 149 22.66 25.53 -50.97
CA THR B 149 22.16 25.98 -52.30
C THR B 149 20.82 26.69 -52.11
N GLU B 150 20.34 27.32 -53.19
CA GLU B 150 19.09 28.14 -53.19
C GLU B 150 17.89 27.23 -52.92
N SER B 151 17.82 26.07 -53.58
CA SER B 151 16.67 25.12 -53.47
C SER B 151 16.71 24.39 -52.12
N GLY B 152 17.87 24.30 -51.48
CA GLY B 152 18.04 23.82 -50.08
C GLY B 152 18.05 22.31 -50.00
N ALA B 153 18.15 21.77 -48.78
CA ALA B 153 18.06 20.32 -48.49
C ALA B 153 16.60 19.99 -48.17
N THR B 154 16.22 18.73 -48.42
CA THR B 154 14.93 18.15 -47.95
C THR B 154 15.27 17.00 -47.01
N CYS B 155 15.06 17.23 -45.71
CA CYS B 155 15.27 16.24 -44.62
C CYS B 155 13.90 15.66 -44.26
N ARG B 156 13.70 14.36 -44.50
CA ARG B 156 12.40 13.67 -44.27
C ARG B 156 12.49 12.96 -42.91
N ILE B 157 11.51 13.21 -42.05
CA ILE B 157 11.38 12.56 -40.71
C ILE B 157 10.09 11.76 -40.72
N LYS B 158 10.18 10.48 -40.39
CA LYS B 158 9.01 9.57 -40.35
C LYS B 158 8.68 9.25 -38.87
N ILE B 159 7.44 9.52 -38.48
CA ILE B 159 6.95 9.30 -37.10
C ILE B 159 5.70 8.42 -37.17
N GLY B 160 5.70 7.33 -36.43
CA GLY B 160 4.54 6.44 -36.28
C GLY B 160 4.57 5.71 -34.96
N SER B 161 3.51 4.93 -34.70
CA SER B 161 3.45 4.04 -33.53
C SER B 161 4.52 2.96 -33.69
N TRP B 162 5.28 2.71 -32.63
CA TRP B 162 6.32 1.66 -32.64
C TRP B 162 5.65 0.27 -32.62
N THR B 163 4.56 0.07 -31.87
CA THR B 163 4.02 -1.30 -31.65
C THR B 163 2.55 -1.44 -32.08
N HIS B 164 1.85 -0.35 -32.40
CA HIS B 164 0.42 -0.42 -32.75
C HIS B 164 0.25 -0.25 -34.26
N HIS B 165 -0.27 -1.28 -34.92
CA HIS B 165 -0.57 -1.29 -36.37
C HIS B 165 -1.85 -0.51 -36.64
N SER B 166 -2.24 -0.40 -37.92
CA SER B 166 -3.28 0.54 -38.42
C SER B 166 -4.66 0.23 -37.84
N ARG B 167 -4.92 -0.98 -37.35
CA ARG B 167 -6.24 -1.31 -36.75
C ARG B 167 -6.28 -0.81 -35.29
N GLU B 168 -5.15 -0.39 -34.73
CA GLU B 168 -5.05 0.04 -33.31
C GLU B 168 -4.77 1.55 -33.24
N ILE B 169 -3.81 2.04 -34.02
CA ILE B 169 -3.49 3.50 -34.11
C ILE B 169 -3.47 3.90 -35.58
N SER B 170 -4.18 4.97 -35.91
CA SER B 170 -4.03 5.71 -37.18
C SER B 170 -3.28 7.01 -36.88
N VAL B 171 -2.37 7.41 -37.75
CA VAL B 171 -1.66 8.70 -37.64
C VAL B 171 -2.02 9.55 -38.85
N ASP B 172 -2.39 10.80 -38.61
CA ASP B 172 -2.72 11.77 -39.66
C ASP B 172 -2.02 13.09 -39.36
N PRO B 173 -1.53 13.81 -40.39
CA PRO B 173 -1.10 15.19 -40.21
C PRO B 173 -2.35 16.01 -39.82
N THR B 174 -2.16 17.08 -39.07
CA THR B 174 -3.26 17.96 -38.58
C THR B 174 -3.86 18.70 -39.77
N THR B 175 -5.15 19.00 -39.71
CA THR B 175 -5.91 19.67 -40.79
C THR B 175 -6.01 21.17 -40.51
N ASP B 179 1.69 29.20 -40.70
CA ASP B 179 2.97 29.44 -41.43
C ASP B 179 4.01 28.45 -40.90
N ASP B 180 4.69 27.73 -41.80
CA ASP B 180 5.75 26.72 -41.51
C ASP B 180 6.84 27.30 -40.62
N SER B 181 7.15 28.59 -40.78
CA SER B 181 8.25 29.31 -40.09
C SER B 181 7.67 30.18 -38.96
N GLU B 182 6.39 30.03 -38.63
CA GLU B 182 5.71 30.94 -37.66
C GLU B 182 6.44 30.91 -36.30
N TYR B 183 6.95 29.76 -35.88
CA TYR B 183 7.58 29.59 -34.54
C TYR B 183 9.08 29.38 -34.71
N PHE B 184 9.58 29.35 -35.95
CA PHE B 184 11.02 29.10 -36.23
C PHE B 184 11.85 30.29 -35.77
N SER B 185 12.98 30.02 -35.10
CA SER B 185 13.89 31.06 -34.56
C SER B 185 14.43 31.91 -35.73
N GLN B 186 14.26 33.22 -35.63
CA GLN B 186 14.84 34.19 -36.59
C GLN B 186 16.37 34.16 -36.47
N TYR B 187 16.93 33.56 -35.41
CA TYR B 187 18.39 33.62 -35.12
C TYR B 187 19.11 32.36 -35.57
N SER B 188 18.41 31.34 -36.08
CA SER B 188 19.04 30.12 -36.64
C SER B 188 19.97 30.54 -37.79
N ARG B 189 21.06 29.82 -38.03
CA ARG B 189 21.89 29.93 -39.25
C ARG B 189 21.09 29.47 -40.46
N PHE B 190 19.96 28.78 -40.25
CA PHE B 190 19.16 28.17 -41.32
C PHE B 190 17.80 28.85 -41.41
N GLU B 191 17.14 28.66 -42.54
CA GLU B 191 15.76 29.16 -42.79
C GLU B 191 14.95 28.05 -43.45
N ILE B 192 13.65 28.05 -43.19
CA ILE B 192 12.71 27.03 -43.73
C ILE B 192 12.11 27.57 -45.03
N LEU B 193 12.20 26.78 -46.09
CA LEU B 193 11.59 27.09 -47.42
C LEU B 193 10.19 26.47 -47.46
N ASP B 194 10.04 25.27 -46.93
CA ASP B 194 8.76 24.54 -46.99
C ASP B 194 8.75 23.38 -45.99
N VAL B 195 7.57 23.11 -45.44
CA VAL B 195 7.31 21.87 -44.66
C VAL B 195 6.06 21.22 -45.25
N THR B 196 6.18 19.95 -45.67
CA THR B 196 5.03 19.14 -46.11
C THR B 196 4.95 17.91 -45.20
N GLN B 197 3.72 17.44 -44.99
CA GLN B 197 3.41 16.26 -44.19
C GLN B 197 2.53 15.36 -45.06
N LYS B 198 2.95 14.11 -45.27
CA LYS B 198 2.09 13.10 -45.93
C LYS B 198 1.95 11.86 -45.05
N LYS B 199 0.80 11.22 -45.16
CA LYS B 199 0.49 9.97 -44.43
C LYS B 199 0.98 8.79 -45.25
N ASN B 200 1.69 7.87 -44.64
CA ASN B 200 2.11 6.57 -45.25
C ASN B 200 1.53 5.44 -44.40
N SER B 201 1.31 4.30 -45.02
CA SER B 201 0.90 3.04 -44.35
C SER B 201 1.72 1.90 -44.94
N VAL B 202 2.61 1.31 -44.15
CA VAL B 202 3.75 0.48 -44.64
C VAL B 202 3.65 -0.88 -43.96
N THR B 203 3.80 -1.97 -44.73
CA THR B 203 3.95 -3.36 -44.21
C THR B 203 5.44 -3.72 -44.24
N TYR B 204 6.01 -4.00 -43.07
CA TYR B 204 7.44 -4.32 -42.87
C TYR B 204 7.58 -5.85 -42.93
N SER B 205 8.80 -6.32 -43.23
CA SER B 205 9.17 -7.74 -43.45
C SER B 205 8.81 -8.61 -42.24
N CYS B 206 9.00 -8.09 -41.01
CA CYS B 206 8.79 -8.83 -39.73
C CYS B 206 7.33 -9.25 -39.57
N CYS B 207 6.37 -8.35 -39.86
CA CYS B 207 4.97 -8.44 -39.39
C CYS B 207 3.99 -8.42 -40.57
N PRO B 208 2.80 -9.04 -40.43
CA PRO B 208 1.78 -9.01 -41.48
C PRO B 208 0.98 -7.71 -41.58
N GLU B 209 0.89 -6.94 -40.49
CA GLU B 209 0.02 -5.74 -40.37
C GLU B 209 0.75 -4.54 -40.97
N ALA B 210 -0.01 -3.51 -41.32
CA ALA B 210 0.48 -2.20 -41.80
C ALA B 210 0.60 -1.22 -40.60
N TYR B 211 1.68 -0.45 -40.59
CA TYR B 211 1.96 0.61 -39.60
C TYR B 211 1.86 1.96 -40.30
N GLU B 212 1.06 2.85 -39.73
CA GLU B 212 0.92 4.22 -40.27
C GLU B 212 2.05 5.11 -39.74
N ASP B 213 2.48 6.04 -40.59
CA ASP B 213 3.47 7.08 -40.19
C ASP B 213 3.08 8.37 -40.88
N VAL B 214 3.49 9.49 -40.28
CA VAL B 214 3.49 10.81 -40.95
C VAL B 214 4.94 11.03 -41.37
N GLU B 215 5.13 11.33 -42.65
CA GLU B 215 6.45 11.70 -43.23
C GLU B 215 6.48 13.22 -43.32
N VAL B 216 7.38 13.85 -42.57
CA VAL B 216 7.52 15.33 -42.53
C VAL B 216 8.75 15.68 -43.35
N SER B 217 8.56 16.41 -44.44
CA SER B 217 9.65 16.87 -45.34
C SER B 217 10.00 18.32 -44.96
N LEU B 218 11.18 18.49 -44.36
CA LEU B 218 11.72 19.81 -43.98
C LEU B 218 12.67 20.27 -45.10
N ASN B 219 12.20 21.20 -45.93
CA ASN B 219 13.02 21.87 -46.97
C ASN B 219 13.61 23.14 -46.35
N PHE B 220 14.93 23.17 -46.16
CA PHE B 220 15.61 24.26 -45.43
C PHE B 220 16.96 24.52 -46.11
N ARG B 221 17.55 25.67 -45.82
CA ARG B 221 18.89 26.02 -46.35
C ARG B 221 19.61 26.94 -45.37
N LYS B 222 20.94 27.00 -45.50
CA LYS B 222 21.79 27.97 -44.80
C LYS B 222 21.44 29.37 -45.30
N LYS B 223 21.30 30.34 -44.41
CA LYS B 223 21.28 31.78 -44.76
C LYS B 223 22.73 32.15 -45.07
N LEU C 20 -12.66 -11.11 -23.07
CA LEU C 20 -11.74 -10.18 -22.40
C LEU C 20 -11.52 -8.97 -23.31
N ASP C 21 -11.35 -7.79 -22.72
CA ASP C 21 -10.86 -6.60 -23.47
C ASP C 21 -9.38 -6.36 -23.10
N ARG C 22 -8.76 -5.38 -23.76
CA ARG C 22 -7.33 -5.02 -23.56
C ARG C 22 -7.11 -4.67 -22.09
N ALA C 23 -8.01 -3.90 -21.49
CA ALA C 23 -7.90 -3.45 -20.08
C ALA C 23 -7.74 -4.68 -19.17
N ASP C 24 -8.57 -5.71 -19.37
CA ASP C 24 -8.58 -6.93 -18.52
C ASP C 24 -7.26 -7.69 -18.72
N ILE C 25 -6.86 -7.90 -19.98
CA ILE C 25 -5.63 -8.65 -20.33
C ILE C 25 -4.43 -7.94 -19.70
N LEU C 26 -4.33 -6.63 -19.84
CA LEU C 26 -3.17 -5.86 -19.31
C LEU C 26 -3.18 -5.87 -17.78
N TYR C 27 -4.35 -5.78 -17.15
CA TYR C 27 -4.49 -5.94 -15.68
C TYR C 27 -3.94 -7.33 -15.26
N ASN C 28 -4.43 -8.39 -15.92
CA ASN C 28 -4.06 -9.78 -15.60
C ASN C 28 -2.54 -9.94 -15.73
N ILE C 29 -1.96 -9.46 -16.83
CA ILE C 29 -0.49 -9.55 -17.07
C ILE C 29 0.23 -8.78 -15.97
N ARG C 30 -0.16 -7.53 -15.68
CA ARG C 30 0.53 -6.71 -14.66
C ARG C 30 0.46 -7.43 -13.30
N GLN C 31 -0.67 -8.04 -12.96
CA GLN C 31 -0.86 -8.66 -11.62
C GLN C 31 -0.08 -9.98 -11.49
N THR C 32 0.14 -10.73 -12.59
CA THR C 32 0.61 -12.13 -12.54
C THR C 32 1.86 -12.37 -13.35
N SER C 33 2.46 -11.39 -14.04
CA SER C 33 3.51 -11.69 -15.08
C SER C 33 4.79 -12.34 -14.53
N ARG C 34 5.19 -12.02 -13.30
CA ARG C 34 6.44 -12.43 -12.61
C ARG C 34 7.65 -12.02 -13.48
N PRO C 35 7.96 -10.71 -13.60
CA PRO C 35 9.04 -10.26 -14.50
C PRO C 35 10.42 -10.78 -14.10
N ASP C 36 10.56 -11.22 -12.84
CA ASP C 36 11.81 -11.73 -12.23
CA ASP C 36 11.84 -11.72 -12.28
C ASP C 36 11.99 -13.21 -12.59
N VAL C 37 10.97 -13.86 -13.15
CA VAL C 37 10.94 -15.34 -13.29
C VAL C 37 11.09 -15.76 -14.75
N ILE C 38 12.22 -16.37 -15.08
CA ILE C 38 12.46 -16.97 -16.42
C ILE C 38 11.38 -18.02 -16.68
N PRO C 39 10.62 -17.93 -17.79
CA PRO C 39 9.51 -18.86 -18.03
C PRO C 39 9.93 -20.19 -18.66
N THR C 40 10.80 -20.94 -17.96
CA THR C 40 11.25 -22.28 -18.40
C THR C 40 10.04 -23.22 -18.38
N GLN C 41 9.96 -24.12 -19.35
CA GLN C 41 8.90 -25.17 -19.45
C GLN C 41 9.58 -26.54 -19.23
N ARG C 42 9.17 -27.27 -18.20
CA ARG C 42 9.61 -28.66 -17.90
C ARG C 42 11.15 -28.75 -17.95
N ASP C 43 11.82 -27.79 -17.31
CA ASP C 43 13.30 -27.72 -17.15
C ASP C 43 14.03 -27.76 -18.50
N ARG C 44 13.38 -27.33 -19.59
CA ARG C 44 14.04 -27.06 -20.89
C ARG C 44 14.42 -25.58 -20.91
N PRO C 45 15.46 -25.17 -21.68
CA PRO C 45 15.81 -23.76 -21.78
C PRO C 45 14.68 -22.96 -22.43
N VAL C 46 14.59 -21.67 -22.11
CA VAL C 46 13.76 -20.72 -22.89
C VAL C 46 14.48 -20.46 -24.21
N ALA C 47 13.81 -20.74 -25.33
CA ALA C 47 14.35 -20.52 -26.68
C ALA C 47 14.13 -19.05 -27.04
N VAL C 48 15.21 -18.29 -27.07
CA VAL C 48 15.18 -16.85 -27.48
C VAL C 48 15.74 -16.75 -28.89
N SER C 49 14.98 -16.12 -29.80
CA SER C 49 15.46 -15.78 -31.16
C SER C 49 15.88 -14.32 -31.20
N VAL C 50 17.04 -14.06 -31.78
CA VAL C 50 17.63 -12.70 -31.89
C VAL C 50 18.12 -12.53 -33.32
N SER C 51 17.69 -11.44 -33.96
CA SER C 51 18.17 -11.01 -35.29
C SER C 51 18.38 -9.49 -35.24
N LEU C 52 19.57 -9.02 -35.65
CA LEU C 52 19.84 -7.57 -35.76
C LEU C 52 19.49 -7.11 -37.17
N LYS C 53 18.66 -6.07 -37.28
CA LYS C 53 18.41 -5.33 -38.53
C LYS C 53 19.21 -4.03 -38.43
N PHE C 54 20.27 -3.88 -39.23
CA PHE C 54 21.12 -2.67 -39.18
C PHE C 54 20.37 -1.52 -39.85
N ILE C 55 20.34 -0.39 -39.18
CA ILE C 55 19.64 0.84 -39.63
C ILE C 55 20.69 1.87 -40.01
N ASN C 56 21.79 1.96 -39.28
CA ASN C 56 22.80 2.99 -39.60
C ASN C 56 24.15 2.58 -39.01
N ILE C 57 25.21 3.07 -39.64
CA ILE C 57 26.61 3.08 -39.13
C ILE C 57 27.03 4.54 -39.12
N LEU C 58 27.26 5.11 -37.93
CA LEU C 58 27.26 6.58 -37.70
C LEU C 58 28.68 7.11 -37.57
N GLU C 59 29.53 6.38 -36.87
CA GLU C 59 30.93 6.78 -36.62
C GLU C 59 31.75 5.51 -36.63
N VAL C 60 32.85 5.54 -37.39
CA VAL C 60 33.79 4.40 -37.49
C VAL C 60 35.17 4.99 -37.23
N ASN C 61 36.02 4.26 -36.54
CA ASN C 61 37.42 4.68 -36.26
C ASN C 61 38.32 3.47 -36.49
N GLU C 62 39.07 3.48 -37.60
CA GLU C 62 39.94 2.34 -38.00
C GLU C 62 41.17 2.31 -37.08
N ILE C 63 41.54 3.43 -36.48
CA ILE C 63 42.69 3.52 -35.54
C ILE C 63 42.32 2.81 -34.24
N THR C 64 41.15 3.11 -33.66
CA THR C 64 40.72 2.57 -32.33
C THR C 64 39.92 1.28 -32.51
N ASN C 65 39.50 0.92 -33.73
CA ASN C 65 38.66 -0.28 -33.97
C ASN C 65 37.35 -0.16 -33.17
N GLU C 66 36.67 0.98 -33.33
CA GLU C 66 35.38 1.28 -32.67
C GLU C 66 34.37 1.69 -33.73
N VAL C 67 33.12 1.24 -33.56
CA VAL C 67 31.98 1.61 -34.45
C VAL C 67 30.79 2.00 -33.58
N ASP C 68 30.03 2.97 -34.03
CA ASP C 68 28.77 3.46 -33.44
C ASP C 68 27.67 3.08 -34.44
N VAL C 69 26.76 2.19 -34.05
CA VAL C 69 25.76 1.54 -34.95
C VAL C 69 24.35 1.76 -34.38
N VAL C 70 23.35 1.85 -35.25
CA VAL C 70 21.91 1.79 -34.88
C VAL C 70 21.35 0.52 -35.49
N PHE C 71 20.69 -0.30 -34.68
CA PHE C 71 20.05 -1.56 -35.13
C PHE C 71 18.72 -1.78 -34.41
N TRP C 72 17.81 -2.46 -35.09
CA TRP C 72 16.59 -3.03 -34.48
C TRP C 72 16.93 -4.41 -34.01
N GLN C 73 16.79 -4.66 -32.70
CA GLN C 73 17.09 -5.99 -32.14
C GLN C 73 15.78 -6.78 -32.04
N GLN C 74 15.45 -7.52 -33.11
CA GLN C 74 14.25 -8.38 -33.16
C GLN C 74 14.45 -9.54 -32.19
N THR C 75 13.65 -9.59 -31.13
CA THR C 75 13.79 -10.55 -30.01
C THR C 75 12.44 -11.24 -29.79
N THR C 76 12.41 -12.57 -29.81
CA THR C 76 11.16 -13.32 -29.60
C THR C 76 11.42 -14.51 -28.69
N TRP C 77 10.41 -14.84 -27.88
CA TRP C 77 10.44 -16.01 -26.98
C TRP C 77 8.97 -16.23 -26.56
N SER C 78 8.70 -17.35 -25.92
CA SER C 78 7.36 -17.71 -25.45
C SER C 78 7.35 -17.62 -23.91
N ASP C 79 6.31 -17.03 -23.35
CA ASP C 79 6.03 -17.04 -21.90
C ASP C 79 4.56 -17.44 -21.72
N ARG C 80 4.32 -18.73 -21.49
CA ARG C 80 2.95 -19.33 -21.41
C ARG C 80 2.18 -18.70 -20.24
N THR C 81 2.84 -18.12 -19.24
CA THR C 81 2.16 -17.49 -18.08
C THR C 81 1.40 -16.23 -18.57
N LEU C 82 1.69 -15.71 -19.76
CA LEU C 82 1.04 -14.48 -20.30
C LEU C 82 -0.22 -14.84 -21.10
N ALA C 83 -0.40 -16.11 -21.47
CA ALA C 83 -1.40 -16.54 -22.47
C ALA C 83 -2.82 -16.26 -21.97
N TRP C 84 -3.75 -15.99 -22.89
CA TRP C 84 -5.20 -15.86 -22.59
C TRP C 84 -6.01 -16.49 -23.74
N ASN C 85 -7.27 -16.85 -23.45
CA ASN C 85 -8.23 -17.34 -24.47
C ASN C 85 -8.61 -16.17 -25.38
N SER C 86 -8.25 -16.24 -26.66
CA SER C 86 -8.42 -15.13 -27.65
C SER C 86 -9.82 -15.12 -28.28
N SER C 87 -10.71 -16.05 -27.94
CA SER C 87 -12.12 -16.04 -28.43
C SER C 87 -12.81 -14.78 -27.91
N HIS C 88 -13.37 -13.97 -28.81
CA HIS C 88 -14.00 -12.65 -28.52
C HIS C 88 -13.04 -11.77 -27.69
N SER C 89 -11.75 -11.82 -28.01
CA SER C 89 -10.68 -11.04 -27.32
C SER C 89 -9.64 -10.59 -28.33
N PRO C 90 -8.88 -9.50 -28.04
CA PRO C 90 -7.72 -9.14 -28.87
C PRO C 90 -6.75 -10.32 -29.01
N ASP C 91 -6.13 -10.47 -30.18
CA ASP C 91 -5.12 -11.52 -30.45
C ASP C 91 -3.77 -11.11 -29.83
N GLN C 92 -3.54 -9.80 -29.67
CA GLN C 92 -2.25 -9.22 -29.23
C GLN C 92 -2.48 -7.94 -28.43
N VAL C 93 -1.57 -7.65 -27.50
CA VAL C 93 -1.53 -6.35 -26.77
C VAL C 93 -0.09 -5.83 -26.73
N SER C 94 0.04 -4.52 -26.55
CA SER C 94 1.33 -3.84 -26.27
C SER C 94 1.49 -3.73 -24.76
N VAL C 95 2.63 -4.21 -24.24
CA VAL C 95 2.89 -4.31 -22.78
C VAL C 95 4.23 -3.62 -22.49
N PRO C 96 4.31 -2.76 -21.46
CA PRO C 96 5.60 -2.21 -21.03
C PRO C 96 6.51 -3.37 -20.59
N ILE C 97 7.77 -3.36 -21.00
CA ILE C 97 8.70 -4.49 -20.71
C ILE C 97 8.92 -4.61 -19.19
N SER C 98 8.70 -3.54 -18.43
CA SER C 98 8.77 -3.57 -16.94
C SER C 98 7.72 -4.54 -16.38
N SER C 99 6.65 -4.85 -17.11
CA SER C 99 5.61 -5.82 -16.66
C SER C 99 5.86 -7.23 -17.20
N LEU C 100 7.00 -7.51 -17.87
CA LEU C 100 7.28 -8.82 -18.49
C LEU C 100 8.66 -9.30 -18.06
N TRP C 101 8.85 -10.62 -18.02
CA TRP C 101 10.21 -11.18 -18.05
C TRP C 101 10.76 -10.91 -19.45
N VAL C 102 11.99 -10.41 -19.50
CA VAL C 102 12.73 -10.18 -20.77
C VAL C 102 14.06 -10.86 -20.62
N PRO C 103 14.60 -11.52 -21.67
CA PRO C 103 15.93 -12.10 -21.58
C PRO C 103 16.98 -11.01 -21.26
N ASP C 104 17.96 -11.37 -20.45
CA ASP C 104 19.04 -10.46 -19.98
C ASP C 104 20.16 -10.46 -21.03
N LEU C 105 19.85 -10.09 -22.26
CA LEU C 105 20.82 -10.08 -23.39
C LEU C 105 21.81 -8.93 -23.22
N ALA C 106 23.06 -9.20 -23.52
CA ALA C 106 24.14 -8.19 -23.55
C ALA C 106 25.03 -8.47 -24.75
N ALA C 107 25.56 -7.42 -25.36
CA ALA C 107 26.60 -7.50 -26.39
C ALA C 107 27.95 -7.59 -25.70
N TYR C 108 28.66 -8.70 -25.86
CA TYR C 108 29.91 -9.02 -25.12
C TYR C 108 31.01 -7.99 -25.47
N ASN C 109 30.96 -7.37 -26.64
CA ASN C 109 32.02 -6.44 -27.13
C ASN C 109 31.46 -5.02 -27.21
N ALA C 110 30.35 -4.72 -26.54
CA ALA C 110 29.83 -3.33 -26.42
C ALA C 110 30.79 -2.54 -25.51
N ILE C 111 31.06 -1.30 -25.86
CA ILE C 111 31.88 -0.37 -25.03
C ILE C 111 31.06 0.86 -24.63
N SER C 112 29.75 0.85 -24.88
CA SER C 112 28.79 1.85 -24.35
C SER C 112 27.51 1.12 -23.92
N LYS C 113 26.73 1.73 -23.04
CA LYS C 113 25.41 1.16 -22.66
C LYS C 113 24.51 1.27 -23.87
N PRO C 114 23.59 0.31 -24.08
CA PRO C 114 22.65 0.43 -25.19
C PRO C 114 21.77 1.67 -24.96
N GLU C 115 21.72 2.56 -25.95
CA GLU C 115 20.84 3.76 -25.95
C GLU C 115 19.57 3.31 -26.69
N VAL C 116 18.47 3.07 -25.95
CA VAL C 116 17.20 2.59 -26.56
C VAL C 116 16.46 3.82 -27.07
N LEU C 117 16.18 3.86 -28.37
CA LEU C 117 15.65 5.09 -29.04
C LEU C 117 14.12 5.05 -29.08
N THR C 118 13.52 3.91 -28.73
CA THR C 118 12.08 3.62 -29.00
C THR C 118 11.35 3.38 -27.68
N PRO C 119 10.01 3.55 -27.67
CA PRO C 119 9.21 3.20 -26.50
C PRO C 119 9.47 1.75 -26.08
N GLN C 120 9.66 1.52 -24.78
CA GLN C 120 10.02 0.20 -24.22
C GLN C 120 8.75 -0.61 -23.99
N LEU C 121 8.10 -0.98 -25.10
CA LEU C 121 6.89 -1.82 -25.15
C LEU C 121 7.23 -3.07 -25.96
N ALA C 122 6.69 -4.21 -25.58
CA ALA C 122 6.75 -5.47 -26.36
C ALA C 122 5.33 -5.81 -26.81
N ARG C 123 5.21 -6.66 -27.83
CA ARG C 123 3.93 -7.24 -28.26
C ARG C 123 3.80 -8.63 -27.66
N VAL C 124 2.67 -8.89 -27.00
CA VAL C 124 2.33 -10.20 -26.43
C VAL C 124 1.13 -10.74 -27.21
N VAL C 125 1.31 -11.92 -27.79
CA VAL C 125 0.26 -12.68 -28.50
C VAL C 125 -0.48 -13.53 -27.46
N SER C 126 -1.77 -13.83 -27.68
CA SER C 126 -2.65 -14.58 -26.75
C SER C 126 -2.08 -15.96 -26.41
N ASP C 127 -1.19 -16.52 -27.23
CA ASP C 127 -0.55 -17.84 -26.96
C ASP C 127 0.70 -17.66 -26.07
N GLY C 128 1.07 -16.44 -25.71
CA GLY C 128 2.23 -16.17 -24.83
C GLY C 128 3.52 -15.89 -25.58
N GLU C 129 3.47 -15.84 -26.91
CA GLU C 129 4.63 -15.36 -27.71
C GLU C 129 4.84 -13.87 -27.44
N VAL C 130 6.10 -13.48 -27.22
CA VAL C 130 6.49 -12.07 -27.00
C VAL C 130 7.41 -11.64 -28.15
N LEU C 131 7.14 -10.47 -28.72
CA LEU C 131 8.03 -9.81 -29.70
C LEU C 131 8.47 -8.48 -29.12
N TYR C 132 9.78 -8.33 -28.91
CA TYR C 132 10.39 -7.07 -28.41
C TYR C 132 11.42 -6.64 -29.46
N MET C 133 11.27 -5.44 -30.02
CA MET C 133 12.16 -4.96 -31.09
C MET C 133 12.54 -3.52 -30.84
N PRO C 134 13.45 -3.26 -29.87
CA PRO C 134 13.91 -1.90 -29.63
C PRO C 134 14.87 -1.48 -30.75
N SER C 135 14.85 -0.19 -31.07
CA SER C 135 15.94 0.47 -31.83
C SER C 135 17.01 0.89 -30.83
N ILE C 136 18.24 0.42 -31.04
CA ILE C 136 19.38 0.65 -30.12
C ILE C 136 20.51 1.34 -30.89
N ARG C 137 21.06 2.40 -30.31
CA ARG C 137 22.37 2.95 -30.70
C ARG C 137 23.39 2.51 -29.66
N GLN C 138 24.49 1.92 -30.10
CA GLN C 138 25.52 1.35 -29.21
C GLN C 138 26.87 1.37 -29.94
N ARG C 139 27.95 1.50 -29.17
CA ARG C 139 29.35 1.51 -29.64
C ARG C 139 29.97 0.14 -29.33
N PHE C 140 30.76 -0.39 -30.27
CA PHE C 140 31.39 -1.72 -30.18
C PHE C 140 32.89 -1.62 -30.47
N SER C 141 33.63 -2.55 -29.86
CA SER C 141 35.04 -2.88 -30.16
C SER C 141 35.01 -4.05 -31.14
N CYS C 142 35.42 -3.82 -32.38
CA CYS C 142 35.45 -4.87 -33.42
C CYS C 142 36.43 -4.49 -34.53
N ASP C 143 36.62 -5.38 -35.49
CA ASP C 143 37.63 -5.21 -36.56
C ASP C 143 37.11 -4.20 -37.59
N VAL C 144 37.63 -2.99 -37.57
CA VAL C 144 37.28 -1.90 -38.53
C VAL C 144 38.31 -1.88 -39.68
N SER C 145 39.34 -2.74 -39.65
CA SER C 145 40.39 -2.79 -40.70
C SER C 145 39.74 -3.11 -42.06
N GLY C 146 40.08 -2.34 -43.09
CA GLY C 146 39.63 -2.56 -44.47
C GLY C 146 38.35 -1.81 -44.80
N VAL C 147 37.89 -0.93 -43.91
CA VAL C 147 36.58 -0.23 -44.08
C VAL C 147 36.60 0.63 -45.35
N ASP C 148 37.77 1.21 -45.70
CA ASP C 148 37.91 2.11 -46.88
C ASP C 148 38.37 1.33 -48.12
N THR C 149 38.23 0.00 -48.14
CA THR C 149 38.59 -0.86 -49.28
C THR C 149 37.33 -1.48 -49.88
N GLU C 150 37.46 -2.12 -51.03
CA GLU C 150 36.34 -2.73 -51.80
C GLU C 150 35.72 -3.88 -50.99
N SER C 151 36.56 -4.75 -50.39
CA SER C 151 36.12 -5.94 -49.63
C SER C 151 35.50 -5.53 -48.28
N GLY C 152 35.86 -4.35 -47.77
CA GLY C 152 35.25 -3.72 -46.58
C GLY C 152 35.77 -4.31 -45.28
N ALA C 153 35.26 -3.82 -44.15
CA ALA C 153 35.55 -4.36 -42.79
C ALA C 153 34.51 -5.42 -42.45
N THR C 154 34.87 -6.38 -41.59
CA THR C 154 33.93 -7.33 -40.95
C THR C 154 33.98 -7.09 -39.43
N CYS C 155 32.94 -6.45 -38.91
CA CYS C 155 32.75 -6.15 -37.48
C CYS C 155 31.81 -7.21 -36.90
N ARG C 156 32.32 -8.02 -35.96
CA ARG C 156 31.56 -9.13 -35.33
C ARG C 156 31.00 -8.64 -33.99
N ILE C 157 29.69 -8.79 -33.80
CA ILE C 157 28.98 -8.43 -32.55
C ILE C 157 28.40 -9.71 -31.97
N LYS C 158 28.71 -10.00 -30.71
CA LYS C 158 28.23 -11.23 -30.00
C LYS C 158 27.19 -10.82 -28.95
N ILE C 159 26.00 -11.40 -29.03
CA ILE C 159 24.87 -11.09 -28.11
C ILE C 159 24.37 -12.40 -27.50
N GLY C 160 24.33 -12.45 -26.16
CA GLY C 160 23.77 -13.60 -25.43
C GLY C 160 23.33 -13.20 -24.04
N SER C 161 22.79 -14.17 -23.31
CA SER C 161 22.35 -13.98 -21.91
C SER C 161 23.58 -13.66 -21.07
N TRP C 162 23.48 -12.63 -20.23
CA TRP C 162 24.56 -12.27 -19.29
C TRP C 162 24.66 -13.31 -18.16
N THR C 163 23.55 -13.85 -17.65
CA THR C 163 23.58 -14.69 -16.42
C THR C 163 22.96 -16.06 -16.62
N HIS C 164 22.30 -16.33 -17.74
CA HIS C 164 21.62 -17.64 -17.96
C HIS C 164 22.43 -18.48 -18.95
N HIS C 165 22.93 -19.62 -18.51
CA HIS C 165 23.69 -20.59 -19.34
C HIS C 165 22.70 -21.39 -20.21
N SER C 166 23.24 -22.30 -21.03
CA SER C 166 22.53 -22.98 -22.14
C SER C 166 21.39 -23.87 -21.64
N ARG C 167 21.38 -24.29 -20.38
CA ARG C 167 20.25 -25.11 -19.85
C ARG C 167 19.07 -24.21 -19.48
N GLU C 168 19.28 -22.89 -19.45
CA GLU C 168 18.25 -21.91 -19.01
C GLU C 168 17.79 -21.07 -20.21
N ILE C 169 18.72 -20.55 -20.99
CA ILE C 169 18.42 -19.76 -22.22
C ILE C 169 19.23 -20.34 -23.37
N SER C 170 18.55 -20.64 -24.48
CA SER C 170 19.18 -20.90 -25.79
C SER C 170 18.95 -19.66 -26.66
N VAL C 171 19.96 -19.29 -27.44
CA VAL C 171 19.87 -18.12 -28.38
C VAL C 171 20.06 -18.70 -29.79
N ASP C 172 19.18 -18.31 -30.70
CA ASP C 172 19.25 -18.73 -32.12
C ASP C 172 18.98 -17.53 -32.99
N PRO C 173 19.69 -17.40 -34.14
CA PRO C 173 19.33 -16.42 -35.14
C PRO C 173 17.96 -16.83 -35.70
N THR C 174 17.12 -15.91 -36.14
CA THR C 174 16.09 -16.23 -37.19
C THR C 174 16.84 -16.31 -38.53
N THR C 175 16.38 -17.13 -39.48
CA THR C 175 16.92 -17.13 -40.87
C THR C 175 16.02 -16.30 -41.76
N ASP C 180 19.50 -7.86 -46.07
CA ASP C 180 20.42 -7.36 -45.00
C ASP C 180 20.32 -5.84 -44.85
N SER C 181 20.15 -5.14 -45.97
CA SER C 181 20.18 -3.66 -46.08
C SER C 181 18.75 -3.13 -46.23
N GLU C 182 17.74 -3.95 -46.00
CA GLU C 182 16.32 -3.58 -46.31
C GLU C 182 15.93 -2.31 -45.55
N TYR C 183 16.40 -2.13 -44.31
CA TYR C 183 16.00 -0.99 -43.45
C TYR C 183 17.20 -0.07 -43.24
N PHE C 184 18.35 -0.37 -43.86
CA PHE C 184 19.59 0.42 -43.70
C PHE C 184 19.42 1.78 -44.37
N SER C 185 19.85 2.85 -43.69
CA SER C 185 19.70 4.24 -44.15
C SER C 185 20.50 4.44 -45.44
N GLN C 186 19.83 4.90 -46.50
CA GLN C 186 20.47 5.28 -47.78
C GLN C 186 21.41 6.47 -47.55
N TYR C 187 21.31 7.17 -46.40
CA TYR C 187 22.06 8.43 -46.15
C TYR C 187 23.32 8.19 -45.31
N SER C 188 23.56 6.98 -44.83
CA SER C 188 24.82 6.61 -44.15
C SER C 188 26.00 6.88 -45.09
N ARG C 189 27.17 7.25 -44.55
CA ARG C 189 28.44 7.29 -45.30
C ARG C 189 28.87 5.87 -45.65
N PHE C 190 28.26 4.86 -45.04
CA PHE C 190 28.66 3.44 -45.19
C PHE C 190 27.55 2.66 -45.91
N GLU C 191 27.91 1.47 -46.39
CA GLU C 191 26.96 0.54 -47.05
C GLU C 191 27.29 -0.86 -46.56
N ILE C 192 26.26 -1.71 -46.53
CA ILE C 192 26.38 -3.12 -46.07
C ILE C 192 26.64 -4.00 -47.29
N LEU C 193 27.69 -4.82 -47.22
CA LEU C 193 28.04 -5.82 -48.25
C LEU C 193 27.38 -7.15 -47.88
N ASP C 194 27.38 -7.49 -46.59
CA ASP C 194 26.86 -8.80 -46.13
C ASP C 194 26.63 -8.75 -44.61
N VAL C 195 25.58 -9.45 -44.16
CA VAL C 195 25.36 -9.75 -42.73
C VAL C 195 25.15 -11.25 -42.60
N THR C 196 25.95 -11.91 -41.76
CA THR C 196 25.69 -13.31 -41.35
C THR C 196 25.47 -13.32 -39.83
N GLN C 197 24.56 -14.17 -39.39
CA GLN C 197 24.16 -14.29 -37.96
C GLN C 197 24.18 -15.79 -37.66
N LYS C 198 25.06 -16.22 -36.77
CA LYS C 198 25.32 -17.67 -36.51
C LYS C 198 25.38 -17.90 -35.00
N LYS C 199 25.05 -19.11 -34.58
CA LYS C 199 24.96 -19.49 -33.16
C LYS C 199 26.35 -19.94 -32.66
N ASN C 200 26.78 -19.43 -31.51
CA ASN C 200 27.98 -19.88 -30.80
C ASN C 200 27.58 -20.32 -29.39
N SER C 201 28.53 -20.98 -28.74
CA SER C 201 28.53 -21.29 -27.29
C SER C 201 29.93 -20.99 -26.75
N VAL C 202 29.99 -20.26 -25.64
CA VAL C 202 31.24 -19.92 -24.93
C VAL C 202 31.19 -20.53 -23.52
N THR C 203 32.22 -21.30 -23.17
CA THR C 203 32.56 -21.73 -21.80
C THR C 203 33.75 -20.88 -21.38
N TYR C 204 33.67 -20.18 -20.26
CA TYR C 204 34.80 -19.41 -19.66
C TYR C 204 35.56 -20.34 -18.68
N SER C 205 36.86 -20.12 -18.50
CA SER C 205 37.80 -21.03 -17.78
C SER C 205 37.34 -21.27 -16.32
N CYS C 206 36.83 -20.23 -15.67
CA CYS C 206 36.38 -20.21 -14.25
C CYS C 206 35.26 -21.23 -14.00
N CYS C 207 34.26 -21.30 -14.87
CA CYS C 207 32.93 -21.90 -14.61
C CYS C 207 32.61 -23.00 -15.63
N PRO C 208 31.80 -24.03 -15.27
CA PRO C 208 31.61 -25.18 -16.15
C PRO C 208 30.58 -24.98 -17.27
N GLU C 209 29.63 -24.05 -17.11
CA GLU C 209 28.46 -23.96 -18.02
C GLU C 209 28.84 -23.17 -19.28
N ALA C 210 28.16 -23.49 -20.39
CA ALA C 210 28.24 -22.79 -21.68
C ALA C 210 27.13 -21.74 -21.74
N TYR C 211 27.45 -20.58 -22.30
CA TYR C 211 26.52 -19.45 -22.58
C TYR C 211 26.40 -19.36 -24.10
N GLU C 212 25.17 -19.43 -24.60
CA GLU C 212 24.92 -19.32 -26.05
C GLU C 212 24.83 -17.85 -26.46
N ASP C 213 25.30 -17.58 -27.68
CA ASP C 213 25.29 -16.21 -28.24
C ASP C 213 24.97 -16.31 -29.72
N VAL C 214 24.45 -15.23 -30.27
CA VAL C 214 24.39 -15.01 -31.73
C VAL C 214 25.56 -14.11 -32.07
N GLU C 215 26.39 -14.55 -33.02
CA GLU C 215 27.54 -13.77 -33.54
C GLU C 215 27.08 -13.16 -34.86
N VAL C 216 27.00 -11.84 -34.91
CA VAL C 216 26.54 -11.10 -36.09
C VAL C 216 27.80 -10.52 -36.76
N SER C 217 28.09 -10.95 -37.99
CA SER C 217 29.22 -10.45 -38.80
C SER C 217 28.70 -9.39 -39.76
N LEU C 218 29.02 -8.13 -39.49
CA LEU C 218 28.63 -6.97 -40.32
C LEU C 218 29.81 -6.64 -41.24
N ASN C 219 29.69 -7.02 -42.52
CA ASN C 219 30.66 -6.68 -43.59
C ASN C 219 30.16 -5.40 -44.25
N PHE C 220 30.89 -4.30 -44.06
CA PHE C 220 30.47 -2.96 -44.50
C PHE C 220 31.69 -2.19 -45.00
N ARG C 221 31.46 -1.12 -45.75
CA ARG C 221 32.55 -0.26 -46.23
C ARG C 221 32.04 1.17 -46.39
N LYS C 222 32.98 2.12 -46.41
CA LYS C 222 32.71 3.53 -46.78
C LYS C 222 32.28 3.57 -48.25
N LYS C 223 31.23 4.34 -48.58
CA LYS C 223 30.80 4.54 -49.98
C LYS C 223 31.86 5.36 -50.73
N GLY C 224 32.12 4.97 -51.98
CA GLY C 224 33.31 5.39 -52.75
C GLY C 224 33.28 6.87 -53.09
N LEU D 20 10.97 -26.75 -4.45
CA LEU D 20 10.76 -25.34 -4.84
C LEU D 20 11.05 -25.19 -6.32
N ASP D 21 10.32 -24.31 -7.00
CA ASP D 21 10.67 -23.89 -8.38
C ASP D 21 11.25 -22.47 -8.31
N ARG D 22 11.70 -21.95 -9.45
CA ARG D 22 12.32 -20.62 -9.59
C ARG D 22 11.34 -19.56 -9.09
N ALA D 23 10.07 -19.68 -9.47
CA ALA D 23 9.02 -18.70 -9.08
C ALA D 23 8.98 -18.57 -7.56
N ASP D 24 9.00 -19.68 -6.83
CA ASP D 24 8.90 -19.70 -5.34
C ASP D 24 10.16 -19.06 -4.74
N ILE D 25 11.34 -19.46 -5.23
CA ILE D 25 12.64 -18.96 -4.71
C ILE D 25 12.69 -17.44 -4.91
N LEU D 26 12.33 -16.96 -6.10
CA LEU D 26 12.41 -15.53 -6.43
C LEU D 26 11.36 -14.75 -5.62
N TYR D 27 10.17 -15.31 -5.44
CA TYR D 27 9.13 -14.73 -4.54
C TYR D 27 9.70 -14.58 -3.12
N ASN D 28 10.27 -15.66 -2.57
CA ASN D 28 10.80 -15.69 -1.19
C ASN D 28 11.87 -14.61 -1.04
N ILE D 29 12.81 -14.54 -1.99
CA ILE D 29 13.91 -13.52 -1.96
C ILE D 29 13.29 -12.11 -2.03
N ARG D 30 12.40 -11.88 -2.98
CA ARG D 30 11.77 -10.54 -3.17
C ARG D 30 11.04 -10.13 -1.88
N GLN D 31 10.33 -11.06 -1.23
CA GLN D 31 9.46 -10.76 -0.06
C GLN D 31 10.30 -10.54 1.19
N THR D 32 11.48 -11.12 1.32
CA THR D 32 12.29 -11.09 2.56
C THR D 32 13.66 -10.41 2.35
N SER D 33 13.86 -9.85 1.16
CA SER D 33 15.05 -9.06 0.79
C SER D 33 15.14 -7.84 1.71
N ARG D 34 16.27 -7.81 2.40
CA ARG D 34 16.75 -6.67 3.23
C ARG D 34 17.97 -6.10 2.51
N PRO D 35 17.83 -5.40 1.36
CA PRO D 35 18.97 -4.97 0.56
C PRO D 35 19.85 -3.94 1.29
N ASP D 36 19.31 -3.31 2.33
CA ASP D 36 20.01 -2.29 3.15
C ASP D 36 20.82 -2.95 4.25
N VAL D 37 20.69 -4.27 4.44
CA VAL D 37 21.27 -4.99 5.62
C VAL D 37 22.46 -5.86 5.20
N ILE D 38 23.66 -5.46 5.61
CA ILE D 38 24.90 -6.25 5.42
C ILE D 38 24.70 -7.60 6.09
N PRO D 39 24.89 -8.74 5.38
CA PRO D 39 24.65 -10.06 5.96
C PRO D 39 25.83 -10.60 6.78
N THR D 40 26.24 -9.87 7.82
CA THR D 40 27.32 -10.31 8.75
C THR D 40 26.84 -11.56 9.48
N GLN D 41 27.73 -12.52 9.71
CA GLN D 41 27.47 -13.76 10.48
C GLN D 41 28.32 -13.68 11.76
N ARG D 42 27.68 -13.76 12.92
CA ARG D 42 28.33 -13.90 14.25
C ARG D 42 29.42 -12.83 14.39
N ASP D 43 29.09 -11.57 14.02
CA ASP D 43 29.95 -10.36 14.14
C ASP D 43 31.31 -10.56 13.44
N ARG D 44 31.40 -11.44 12.45
CA ARG D 44 32.57 -11.54 11.53
C ARG D 44 32.29 -10.66 10.32
N PRO D 45 33.33 -10.14 9.63
CA PRO D 45 33.11 -9.35 8.42
C PRO D 45 32.47 -10.22 7.33
N VAL D 46 31.75 -9.58 6.42
CA VAL D 46 31.37 -10.23 5.14
C VAL D 46 32.63 -10.29 4.26
N ALA D 47 33.04 -11.49 3.85
CA ALA D 47 34.20 -11.72 2.97
C ALA D 47 33.74 -11.49 1.53
N VAL D 48 34.19 -10.39 0.94
CA VAL D 48 33.91 -10.04 -0.48
C VAL D 48 35.17 -10.35 -1.29
N SER D 49 35.05 -11.15 -2.34
CA SER D 49 36.12 -11.39 -3.35
C SER D 49 35.87 -10.50 -4.55
N VAL D 50 36.93 -9.84 -5.03
CA VAL D 50 36.89 -8.95 -6.21
C VAL D 50 38.07 -9.30 -7.10
N SER D 51 37.80 -9.56 -8.37
CA SER D 51 38.80 -9.81 -9.43
C SER D 51 38.35 -9.07 -10.69
N LEU D 52 39.21 -8.22 -11.26
CA LEU D 52 38.95 -7.48 -12.52
C LEU D 52 39.46 -8.33 -13.68
N LYS D 53 38.59 -8.57 -14.65
CA LYS D 53 38.96 -9.12 -15.98
C LYS D 53 38.95 -7.94 -16.95
N PHE D 54 40.10 -7.52 -17.45
CA PHE D 54 40.14 -6.40 -18.42
C PHE D 54 39.65 -6.88 -19.78
N ILE D 55 38.77 -6.09 -20.36
CA ILE D 55 38.13 -6.38 -21.68
C ILE D 55 38.70 -5.40 -22.70
N ASN D 56 38.91 -4.14 -22.32
CA ASN D 56 39.41 -3.16 -23.30
C ASN D 56 40.08 -1.99 -22.57
N ILE D 57 41.02 -1.35 -23.27
CA ILE D 57 41.63 -0.04 -22.91
C ILE D 57 41.36 0.86 -24.10
N LEU D 58 40.55 1.90 -23.92
CA LEU D 58 39.85 2.60 -25.03
C LEU D 58 40.52 3.94 -25.33
N GLU D 59 40.89 4.66 -24.29
CA GLU D 59 41.50 6.00 -24.42
C GLU D 59 42.54 6.11 -23.31
N VAL D 60 43.72 6.54 -23.67
CA VAL D 60 44.85 6.73 -22.73
C VAL D 60 45.37 8.13 -23.02
N ASN D 61 45.76 8.86 -21.99
CA ASN D 61 46.36 10.21 -22.13
C ASN D 61 47.55 10.28 -21.18
N GLU D 62 48.77 10.23 -21.74
CA GLU D 62 50.03 10.20 -20.97
C GLU D 62 50.29 11.59 -20.36
N ILE D 63 49.73 12.64 -20.96
CA ILE D 63 49.87 14.05 -20.47
C ILE D 63 49.05 14.20 -19.18
N THR D 64 47.78 13.77 -19.19
CA THR D 64 46.84 13.95 -18.05
C THR D 64 46.89 12.76 -17.10
N ASN D 65 47.52 11.64 -17.48
CA ASN D 65 47.55 10.41 -16.64
C ASN D 65 46.11 9.94 -16.39
N GLU D 66 45.34 9.80 -17.47
CA GLU D 66 43.92 9.33 -17.44
C GLU D 66 43.77 8.17 -18.42
N VAL D 67 42.98 7.17 -18.03
CA VAL D 67 42.68 5.96 -18.85
C VAL D 67 41.18 5.70 -18.78
N ASP D 68 40.63 5.23 -19.89
CA ASP D 68 39.23 4.79 -20.04
C ASP D 68 39.30 3.28 -20.29
N VAL D 69 38.78 2.46 -19.39
CA VAL D 69 38.93 0.98 -19.40
C VAL D 69 37.55 0.32 -19.32
N VAL D 70 37.40 -0.87 -19.93
CA VAL D 70 36.23 -1.75 -19.75
C VAL D 70 36.73 -3.01 -19.05
N PHE D 71 36.07 -3.39 -17.96
CA PHE D 71 36.42 -4.61 -17.18
C PHE D 71 35.15 -5.28 -16.67
N TRP D 72 35.24 -6.59 -16.52
CA TRP D 72 34.24 -7.42 -15.79
C TRP D 72 34.70 -7.47 -14.35
N GLN D 73 33.86 -6.97 -13.43
CA GLN D 73 34.20 -6.96 -11.99
C GLN D 73 33.56 -8.19 -11.35
N GLN D 74 34.30 -9.30 -11.32
CA GLN D 74 33.86 -10.55 -10.68
C GLN D 74 33.80 -10.31 -9.17
N THR D 75 32.59 -10.34 -8.60
CA THR D 75 32.32 -9.99 -7.19
C THR D 75 31.54 -11.14 -6.55
N THR D 76 32.04 -11.69 -5.46
CA THR D 76 31.37 -12.82 -4.78
C THR D 76 31.38 -12.58 -3.27
N TRP D 77 30.31 -13.03 -2.62
CA TRP D 77 30.17 -13.00 -1.16
C TRP D 77 29.04 -13.96 -0.81
N SER D 78 28.87 -14.25 0.46
CA SER D 78 27.82 -15.15 0.96
C SER D 78 26.75 -14.30 1.67
N ASP D 79 25.48 -14.61 1.41
CA ASP D 79 24.33 -14.05 2.17
C ASP D 79 23.43 -15.25 2.53
N ARG D 80 23.61 -15.79 3.73
CA ARG D 80 22.92 -17.01 4.22
C ARG D 80 21.40 -16.78 4.25
N THR D 81 20.92 -15.53 4.33
CA THR D 81 19.47 -15.24 4.34
C THR D 81 18.84 -15.62 2.99
N LEU D 82 19.64 -15.80 1.93
CA LEU D 82 19.13 -16.13 0.57
C LEU D 82 19.01 -17.65 0.38
N ALA D 83 19.61 -18.45 1.25
CA ALA D 83 19.83 -19.90 1.03
C ALA D 83 18.48 -20.63 0.99
N TRP D 84 18.40 -21.72 0.21
CA TRP D 84 17.21 -22.61 0.18
C TRP D 84 17.69 -24.05 0.07
N ASN D 85 16.84 -25.00 0.46
CA ASN D 85 17.07 -26.46 0.28
C ASN D 85 17.00 -26.78 -1.22
N SER D 86 18.10 -27.21 -1.82
CA SER D 86 18.26 -27.40 -3.29
C SER D 86 17.76 -28.80 -3.73
N SER D 87 17.33 -29.66 -2.81
CA SER D 87 16.78 -30.99 -3.19
C SER D 87 15.50 -30.78 -4.01
N HIS D 88 15.44 -31.34 -5.21
CA HIS D 88 14.33 -31.17 -6.19
C HIS D 88 14.04 -29.69 -6.41
N SER D 89 15.09 -28.87 -6.47
CA SER D 89 15.01 -27.40 -6.69
C SER D 89 16.17 -26.96 -7.56
N PRO D 90 16.05 -25.80 -8.25
CA PRO D 90 17.20 -25.20 -8.95
C PRO D 90 18.39 -25.02 -7.99
N ASP D 91 19.61 -25.17 -8.49
CA ASP D 91 20.86 -24.95 -7.72
C ASP D 91 21.15 -23.44 -7.63
N GLN D 92 20.68 -22.67 -8.61
CA GLN D 92 20.99 -21.24 -8.79
C GLN D 92 19.82 -20.51 -9.45
N VAL D 93 19.66 -19.22 -9.15
CA VAL D 93 18.70 -18.31 -9.84
C VAL D 93 19.39 -16.98 -10.18
N SER D 94 18.85 -16.28 -11.16
CA SER D 94 19.23 -14.91 -11.53
C SER D 94 18.32 -13.93 -10.78
N VAL D 95 18.91 -12.99 -10.04
CA VAL D 95 18.17 -12.05 -9.16
C VAL D 95 18.58 -10.63 -9.50
N PRO D 96 17.63 -9.69 -9.68
CA PRO D 96 17.98 -8.29 -9.85
C PRO D 96 18.70 -7.81 -8.58
N ILE D 97 19.81 -7.06 -8.73
CA ILE D 97 20.63 -6.62 -7.57
C ILE D 97 19.81 -5.67 -6.69
N SER D 98 18.77 -5.04 -7.22
CA SER D 98 17.84 -4.19 -6.42
C SER D 98 17.13 -5.03 -5.35
N SER D 99 17.04 -6.35 -5.50
CA SER D 99 16.44 -7.24 -4.47
C SER D 99 17.49 -7.82 -3.51
N LEU D 100 18.76 -7.45 -3.61
CA LEU D 100 19.85 -8.07 -2.80
C LEU D 100 20.64 -6.94 -2.11
N TRP D 101 21.22 -7.26 -0.97
CA TRP D 101 22.37 -6.48 -0.45
C TRP D 101 23.54 -6.73 -1.39
N VAL D 102 24.20 -5.64 -1.78
CA VAL D 102 25.44 -5.68 -2.60
C VAL D 102 26.48 -4.86 -1.86
N PRO D 103 27.76 -5.27 -1.84
CA PRO D 103 28.80 -4.47 -1.21
C PRO D 103 28.87 -3.07 -1.83
N ASP D 104 29.10 -2.04 -1.01
CA ASP D 104 29.20 -0.64 -1.47
C ASP D 104 30.63 -0.36 -1.97
N LEU D 105 31.04 -1.08 -3.01
CA LEU D 105 32.39 -0.95 -3.61
C LEU D 105 32.48 0.35 -4.40
N ALA D 106 33.62 1.01 -4.32
CA ALA D 106 33.96 2.20 -5.11
C ALA D 106 35.42 2.08 -5.52
N ALA D 107 35.75 2.60 -6.70
CA ALA D 107 37.15 2.75 -7.17
C ALA D 107 37.65 4.10 -6.66
N TYR D 108 38.64 4.09 -5.77
CA TYR D 108 39.14 5.28 -5.04
C TYR D 108 39.71 6.31 -6.03
N ASN D 109 40.24 5.88 -7.19
CA ASN D 109 40.92 6.79 -8.14
C ASN D 109 40.09 6.91 -9.43
N ALA D 110 38.80 6.54 -9.39
CA ALA D 110 37.88 6.80 -10.51
C ALA D 110 37.64 8.31 -10.62
N ILE D 111 37.58 8.80 -11.86
CA ILE D 111 37.24 10.22 -12.16
C ILE D 111 35.97 10.28 -13.01
N SER D 112 35.27 9.15 -13.18
CA SER D 112 33.89 9.12 -13.77
C SER D 112 33.06 8.10 -13.01
N LYS D 113 31.74 8.19 -13.10
CA LYS D 113 30.83 7.19 -12.49
C LYS D 113 31.03 5.90 -13.28
N PRO D 114 30.90 4.72 -12.65
CA PRO D 114 30.96 3.46 -13.38
C PRO D 114 29.77 3.42 -14.35
N GLU D 115 30.04 3.20 -15.64
CA GLU D 115 29.02 2.96 -16.68
C GLU D 115 28.82 1.45 -16.74
N VAL D 116 27.70 0.96 -16.21
CA VAL D 116 27.40 -0.49 -16.19
C VAL D 116 26.80 -0.85 -17.56
N LEU D 117 27.44 -1.75 -18.28
CA LEU D 117 27.09 -2.05 -19.70
C LEU D 117 26.12 -3.23 -19.77
N THR D 118 25.90 -3.93 -18.65
CA THR D 118 25.25 -5.25 -18.61
C THR D 118 23.99 -5.20 -17.76
N PRO D 119 23.05 -6.15 -17.99
CA PRO D 119 21.89 -6.30 -17.11
C PRO D 119 22.33 -6.43 -15.65
N GLN D 120 21.64 -5.70 -14.76
CA GLN D 120 22.02 -5.65 -13.32
C GLN D 120 21.36 -6.80 -12.58
N LEU D 121 21.81 -8.02 -12.91
CA LEU D 121 21.39 -9.29 -12.29
C LEU D 121 22.62 -9.94 -11.67
N ALA D 122 22.44 -10.61 -10.56
CA ALA D 122 23.45 -11.46 -9.92
C ALA D 122 22.96 -12.91 -9.98
N ARG D 123 23.87 -13.86 -9.82
CA ARG D 123 23.54 -15.29 -9.62
C ARG D 123 23.57 -15.57 -8.13
N VAL D 124 22.52 -16.19 -7.62
CA VAL D 124 22.42 -16.66 -6.21
C VAL D 124 22.38 -18.18 -6.26
N VAL D 125 23.34 -18.80 -5.57
CA VAL D 125 23.43 -20.27 -5.37
C VAL D 125 22.59 -20.62 -4.14
N SER D 126 22.03 -21.84 -4.09
CA SER D 126 21.14 -22.31 -3.01
C SER D 126 21.80 -22.24 -1.63
N ASP D 127 23.13 -22.19 -1.56
CA ASP D 127 23.85 -22.07 -0.26
C ASP D 127 23.99 -20.59 0.16
N GLY D 128 23.52 -19.64 -0.66
CA GLY D 128 23.56 -18.21 -0.32
C GLY D 128 24.78 -17.49 -0.89
N GLU D 129 25.63 -18.17 -1.65
CA GLU D 129 26.71 -17.53 -2.42
C GLU D 129 26.08 -16.65 -3.50
N VAL D 130 26.58 -15.42 -3.62
CA VAL D 130 26.16 -14.46 -4.68
C VAL D 130 27.34 -14.22 -5.61
N LEU D 131 27.12 -14.28 -6.91
CA LEU D 131 28.11 -13.90 -7.95
C LEU D 131 27.52 -12.77 -8.77
N TYR D 132 28.14 -11.59 -8.70
CA TYR D 132 27.73 -10.39 -9.45
C TYR D 132 28.94 -9.99 -10.30
N MET D 133 28.74 -9.93 -11.61
CA MET D 133 29.86 -9.65 -12.54
C MET D 133 29.38 -8.65 -13.60
N PRO D 134 29.27 -7.36 -13.24
CA PRO D 134 28.93 -6.33 -14.20
C PRO D 134 30.13 -6.07 -15.12
N SER D 135 29.84 -5.75 -16.37
CA SER D 135 30.79 -5.09 -17.28
C SER D 135 30.70 -3.59 -17.04
N ILE D 136 31.83 -2.98 -16.71
CA ILE D 136 31.92 -1.54 -16.35
C ILE D 136 32.90 -0.85 -17.28
N ARG D 137 32.50 0.29 -17.83
CA ARG D 137 33.42 1.26 -18.44
C ARG D 137 33.59 2.42 -17.46
N GLN D 138 34.82 2.78 -17.15
CA GLN D 138 35.12 3.83 -16.16
C GLN D 138 36.46 4.47 -16.48
N ARG D 139 36.61 5.75 -16.13
CA ARG D 139 37.85 6.53 -16.32
C ARG D 139 38.56 6.65 -14.97
N PHE D 140 39.89 6.53 -14.99
CA PHE D 140 40.76 6.53 -13.79
C PHE D 140 41.90 7.53 -13.96
N SER D 141 42.33 8.08 -12.83
CA SER D 141 43.61 8.81 -12.64
C SER D 141 44.64 7.79 -12.17
N CYS D 142 45.62 7.49 -13.01
CA CYS D 142 46.70 6.52 -12.66
C CYS D 142 47.93 6.80 -13.53
N ASP D 143 49.00 6.06 -13.29
CA ASP D 143 50.31 6.29 -13.95
C ASP D 143 50.26 5.73 -15.39
N VAL D 144 50.15 6.61 -16.37
CA VAL D 144 50.16 6.26 -17.81
C VAL D 144 51.59 6.39 -18.38
N SER D 145 52.56 6.84 -17.59
CA SER D 145 53.96 7.05 -18.05
C SER D 145 54.52 5.70 -18.54
N GLY D 146 55.14 5.68 -19.71
CA GLY D 146 55.84 4.52 -20.28
C GLY D 146 54.93 3.68 -21.16
N VAL D 147 53.72 4.17 -21.46
CA VAL D 147 52.70 3.39 -22.22
C VAL D 147 53.23 3.06 -23.62
N ASP D 148 54.03 3.95 -24.24
CA ASP D 148 54.56 3.77 -25.62
C ASP D 148 55.96 3.13 -25.59
N THR D 149 56.35 2.49 -24.48
CA THR D 149 57.67 1.80 -24.34
C THR D 149 57.43 0.29 -24.21
N GLU D 150 58.50 -0.48 -24.27
CA GLU D 150 58.48 -1.96 -24.24
C GLU D 150 57.96 -2.44 -22.87
N SER D 151 58.44 -1.85 -21.78
CA SER D 151 58.09 -2.26 -20.39
C SER D 151 56.65 -1.80 -20.05
N GLY D 152 56.15 -0.77 -20.73
CA GLY D 152 54.74 -0.34 -20.68
C GLY D 152 54.45 0.53 -19.46
N ALA D 153 53.19 0.95 -19.30
CA ALA D 153 52.70 1.68 -18.11
C ALA D 153 52.16 0.69 -17.09
N THR D 154 52.19 1.06 -15.81
CA THR D 154 51.49 0.33 -14.73
C THR D 154 50.45 1.29 -14.11
N CYS D 155 49.18 1.04 -14.43
CA CYS D 155 47.99 1.79 -13.95
C CYS D 155 47.37 1.00 -12.80
N ARG D 156 47.39 1.57 -11.60
CA ARG D 156 46.86 0.93 -10.36
C ARG D 156 45.43 1.43 -10.13
N ILE D 157 44.50 0.50 -9.96
CA ILE D 157 43.07 0.79 -9.66
C ILE D 157 42.77 0.17 -8.30
N LYS D 158 42.25 0.95 -7.37
CA LYS D 158 41.97 0.54 -5.98
C LYS D 158 40.46 0.49 -5.79
N ILE D 159 39.93 -0.68 -5.40
CA ILE D 159 38.46 -0.88 -5.21
C ILE D 159 38.22 -1.45 -3.82
N GLY D 160 37.37 -0.75 -3.04
CA GLY D 160 36.99 -1.22 -1.71
C GLY D 160 35.67 -0.65 -1.26
N SER D 161 35.20 -1.07 -0.09
CA SER D 161 33.95 -0.60 0.54
C SER D 161 34.12 0.89 0.84
N TRP D 162 33.13 1.69 0.45
CA TRP D 162 33.12 3.14 0.74
C TRP D 162 32.88 3.37 2.24
N THR D 163 31.98 2.60 2.90
CA THR D 163 31.51 2.94 4.27
C THR D 163 31.74 1.82 5.26
N HIS D 164 32.12 0.61 4.83
CA HIS D 164 32.31 -0.53 5.75
C HIS D 164 33.80 -0.76 5.96
N HIS D 165 34.26 -0.64 7.21
CA HIS D 165 35.67 -0.91 7.59
C HIS D 165 35.86 -2.44 7.72
N SER D 166 37.08 -2.86 8.06
CA SER D 166 37.57 -4.26 7.99
C SER D 166 36.80 -5.20 8.91
N ARG D 167 36.15 -4.70 9.96
CA ARG D 167 35.36 -5.58 10.87
C ARG D 167 33.99 -5.87 10.23
N GLU D 168 33.62 -5.17 9.16
CA GLU D 168 32.28 -5.31 8.53
C GLU D 168 32.42 -5.94 7.14
N ILE D 169 33.37 -5.45 6.34
CA ILE D 169 33.67 -6.02 5.00
C ILE D 169 35.17 -6.25 4.90
N SER D 170 35.56 -7.46 4.52
CA SER D 170 36.93 -7.77 4.06
C SER D 170 36.90 -7.92 2.55
N VAL D 171 37.90 -7.41 1.86
CA VAL D 171 38.04 -7.49 0.38
C VAL D 171 39.29 -8.30 0.09
N ASP D 172 39.17 -9.30 -0.75
CA ASP D 172 40.29 -10.20 -1.14
C ASP D 172 40.27 -10.40 -2.64
N PRO D 173 41.45 -10.39 -3.29
CA PRO D 173 41.54 -10.84 -4.68
C PRO D 173 41.19 -12.33 -4.69
N THR D 174 40.67 -12.84 -5.80
CA THR D 174 40.38 -14.30 -5.99
C THR D 174 41.72 -15.06 -6.09
N SER D 178 43.50 -17.63 -13.95
CA SER D 178 43.21 -17.57 -15.41
C SER D 178 44.18 -16.60 -16.11
N ASP D 179 44.13 -16.55 -17.44
CA ASP D 179 45.04 -15.73 -18.29
C ASP D 179 44.54 -14.28 -18.23
N ASP D 180 45.43 -13.33 -17.92
CA ASP D 180 45.13 -11.89 -17.72
C ASP D 180 44.45 -11.28 -18.96
N SER D 181 44.81 -11.77 -20.14
CA SER D 181 44.35 -11.28 -21.45
C SER D 181 43.29 -12.22 -22.03
N GLU D 182 42.78 -13.17 -21.24
CA GLU D 182 41.87 -14.23 -21.76
C GLU D 182 40.62 -13.60 -22.39
N TYR D 183 40.12 -12.49 -21.83
CA TYR D 183 38.86 -11.83 -22.29
C TYR D 183 39.18 -10.50 -22.94
N PHE D 184 40.46 -10.11 -22.99
CA PHE D 184 40.88 -8.80 -23.52
C PHE D 184 40.67 -8.76 -25.03
N SER D 185 40.12 -7.66 -25.54
CA SER D 185 39.83 -7.45 -26.97
C SER D 185 41.12 -7.48 -27.78
N GLN D 186 41.18 -8.36 -28.78
CA GLN D 186 42.30 -8.42 -29.75
C GLN D 186 42.34 -7.13 -30.58
N TYR D 187 41.29 -6.31 -30.56
CA TYR D 187 41.17 -5.11 -31.43
C TYR D 187 41.57 -3.82 -30.71
N SER D 188 41.87 -3.87 -29.41
CA SER D 188 42.40 -2.70 -28.67
C SER D 188 43.70 -2.22 -29.35
N ARG D 189 43.98 -0.93 -29.29
CA ARG D 189 45.30 -0.35 -29.66
C ARG D 189 46.34 -0.78 -28.63
N PHE D 190 45.91 -1.32 -27.48
CA PHE D 190 46.80 -1.66 -26.35
C PHE D 190 46.82 -3.17 -26.15
N GLU D 191 47.84 -3.63 -25.43
CA GLU D 191 47.98 -5.05 -25.03
C GLU D 191 48.39 -5.10 -23.56
N ILE D 192 48.00 -6.16 -22.89
CA ILE D 192 48.26 -6.39 -21.45
C ILE D 192 49.54 -7.22 -21.33
N LEU D 193 50.49 -6.74 -20.54
CA LEU D 193 51.75 -7.45 -20.22
C LEU D 193 51.53 -8.25 -18.93
N ASP D 194 50.82 -7.67 -17.96
CA ASP D 194 50.64 -8.30 -16.64
C ASP D 194 49.48 -7.63 -15.89
N VAL D 195 48.75 -8.42 -15.12
CA VAL D 195 47.77 -7.92 -14.12
C VAL D 195 48.09 -8.59 -12.80
N THR D 196 48.31 -7.78 -11.76
CA THR D 196 48.41 -8.30 -10.37
C THR D 196 47.29 -7.64 -9.55
N GLN D 197 46.73 -8.40 -8.62
CA GLN D 197 45.59 -7.99 -7.77
C GLN D 197 46.01 -8.36 -6.35
N LYS D 198 46.18 -7.38 -5.48
CA LYS D 198 46.74 -7.57 -4.12
C LYS D 198 45.87 -6.82 -3.11
N LYS D 199 45.85 -7.33 -1.88
CA LYS D 199 45.00 -6.79 -0.80
C LYS D 199 45.75 -5.65 -0.10
N ASN D 200 45.09 -4.49 0.04
CA ASN D 200 45.62 -3.30 0.73
C ASN D 200 44.62 -2.95 1.83
N SER D 201 45.06 -2.11 2.75
CA SER D 201 44.23 -1.49 3.80
C SER D 201 44.66 -0.02 3.91
N VAL D 202 43.67 0.86 4.06
CA VAL D 202 43.91 2.30 4.38
C VAL D 202 43.28 2.62 5.74
N THR D 203 44.08 3.17 6.65
CA THR D 203 43.61 3.86 7.87
C THR D 203 43.78 5.35 7.64
N TYR D 204 42.70 6.12 7.72
CA TYR D 204 42.66 7.58 7.47
C TYR D 204 42.94 8.31 8.79
N SER D 205 43.44 9.55 8.70
CA SER D 205 43.88 10.40 9.84
C SER D 205 42.75 10.60 10.85
N CYS D 206 41.52 10.79 10.37
CA CYS D 206 40.32 11.09 11.21
C CYS D 206 40.01 9.92 12.17
N CYS D 207 40.04 8.69 11.68
CA CYS D 207 39.35 7.50 12.30
C CYS D 207 40.34 6.38 12.59
N PRO D 208 40.04 5.50 13.58
CA PRO D 208 40.91 4.36 13.89
C PRO D 208 40.76 3.15 12.93
N GLU D 209 39.64 3.02 12.22
CA GLU D 209 39.32 1.76 11.49
C GLU D 209 40.05 1.72 10.13
N ALA D 210 40.40 0.52 9.68
CA ALA D 210 41.03 0.24 8.38
C ALA D 210 39.94 -0.13 7.36
N TYR D 211 40.07 0.37 6.15
CA TYR D 211 39.19 0.06 4.99
C TYR D 211 40.01 -0.75 3.99
N GLU D 212 39.55 -1.95 3.67
CA GLU D 212 40.29 -2.87 2.80
C GLU D 212 39.96 -2.56 1.34
N ASP D 213 40.92 -2.77 0.47
CA ASP D 213 40.76 -2.58 -0.98
C ASP D 213 41.55 -3.67 -1.69
N VAL D 214 41.16 -3.95 -2.93
CA VAL D 214 41.99 -4.71 -3.88
C VAL D 214 42.64 -3.66 -4.77
N GLU D 215 43.98 -3.72 -4.86
CA GLU D 215 44.77 -2.87 -5.76
C GLU D 215 45.07 -3.71 -7.00
N VAL D 216 44.56 -3.28 -8.14
CA VAL D 216 44.73 -3.98 -9.43
C VAL D 216 45.77 -3.19 -10.22
N SER D 217 46.92 -3.82 -10.49
CA SER D 217 48.05 -3.21 -11.24
C SER D 217 47.97 -3.72 -12.67
N LEU D 218 47.55 -2.84 -13.58
CA LEU D 218 47.41 -3.12 -15.03
C LEU D 218 48.67 -2.62 -15.72
N ASN D 219 49.57 -3.55 -16.08
CA ASN D 219 50.80 -3.29 -16.86
C ASN D 219 50.44 -3.51 -18.34
N PHE D 220 50.41 -2.44 -19.12
CA PHE D 220 49.91 -2.46 -20.51
C PHE D 220 50.79 -1.52 -21.35
N ARG D 221 50.72 -1.69 -22.67
CA ARG D 221 51.44 -0.79 -23.60
C ARG D 221 50.69 -0.68 -24.92
N LYS D 222 50.98 0.38 -25.67
CA LYS D 222 50.51 0.56 -27.06
C LYS D 222 51.15 -0.54 -27.93
N LYS D 223 50.37 -1.19 -28.79
CA LYS D 223 50.91 -2.18 -29.77
C LYS D 223 51.76 -1.45 -30.81
N GLY D 224 52.89 -2.07 -31.18
CA GLY D 224 53.95 -1.47 -32.02
C GLY D 224 53.47 -1.18 -33.42
N LEU E 20 20.02 -4.77 20.12
CA LEU E 20 19.59 -4.57 18.72
C LEU E 20 20.68 -5.10 17.79
N ASP E 21 20.28 -5.64 16.64
CA ASP E 21 21.24 -5.93 15.55
C ASP E 21 21.09 -4.88 14.45
N ARG E 22 21.92 -4.96 13.41
CA ARG E 22 21.93 -4.00 12.28
C ARG E 22 20.57 -4.00 11.62
N ALA E 23 19.98 -5.19 11.41
CA ALA E 23 18.68 -5.35 10.73
C ALA E 23 17.62 -4.50 11.45
N ASP E 24 17.58 -4.57 12.79
CA ASP E 24 16.56 -3.87 13.62
C ASP E 24 16.79 -2.35 13.51
N ILE E 25 18.04 -1.91 13.67
CA ILE E 25 18.41 -0.47 13.62
C ILE E 25 18.01 0.10 12.26
N LEU E 26 18.35 -0.60 11.17
CA LEU E 26 18.10 -0.11 9.81
C LEU E 26 16.59 -0.13 9.52
N TYR E 27 15.87 -1.13 10.00
CA TYR E 27 14.38 -1.18 9.94
C TYR E 27 13.81 0.06 10.64
N ASN E 28 14.23 0.31 11.88
CA ASN E 28 13.73 1.42 12.72
C ASN E 28 13.95 2.75 11.99
N ILE E 29 15.17 2.96 11.46
CA ILE E 29 15.52 4.20 10.73
C ILE E 29 14.63 4.32 9.48
N ARG E 30 14.54 3.27 8.68
CA ARG E 30 13.74 3.29 7.43
C ARG E 30 12.27 3.60 7.78
N GLN E 31 11.73 3.03 8.85
CA GLN E 31 10.29 3.14 9.18
C GLN E 31 9.96 4.50 9.77
N THR E 32 10.89 5.19 10.41
CA THR E 32 10.62 6.44 11.16
C THR E 32 11.42 7.62 10.61
N SER E 33 12.14 7.38 9.50
CA SER E 33 12.85 8.41 8.71
C SER E 33 11.81 9.42 8.21
N ARG E 34 12.07 10.64 8.63
CA ARG E 34 11.47 11.89 8.14
C ARG E 34 12.55 12.63 7.36
N PRO E 35 12.91 12.19 6.14
CA PRO E 35 14.04 12.78 5.41
C PRO E 35 13.79 14.25 5.02
N ASP E 36 12.52 14.66 5.05
CA ASP E 36 12.10 16.04 4.70
CA ASP E 36 12.05 16.03 4.71
C ASP E 36 12.20 16.96 5.93
N VAL E 37 12.50 16.40 7.10
CA VAL E 37 12.42 17.17 8.39
C VAL E 37 13.83 17.45 8.95
N ILE E 38 14.23 18.72 8.91
CA ILE E 38 15.49 19.21 9.51
C ILE E 38 15.47 18.87 10.99
N PRO E 39 16.47 18.16 11.54
CA PRO E 39 16.45 17.74 12.94
C PRO E 39 16.95 18.82 13.90
N THR E 40 16.30 19.98 13.92
CA THR E 40 16.63 21.08 14.86
C THR E 40 16.30 20.60 16.28
N GLN E 41 17.13 20.97 17.25
CA GLN E 41 16.93 20.67 18.68
C GLN E 41 16.69 22.00 19.39
N ARG E 42 15.55 22.13 20.09
CA ARG E 42 15.25 23.28 20.99
C ARG E 42 15.48 24.60 20.23
N ASP E 43 15.01 24.67 18.98
CA ASP E 43 15.04 25.86 18.08
C ASP E 43 16.47 26.41 17.91
N ARG E 44 17.50 25.57 18.09
CA ARG E 44 18.90 25.90 17.72
C ARG E 44 19.14 25.41 16.29
N PRO E 45 20.07 26.02 15.53
CA PRO E 45 20.37 25.54 14.18
C PRO E 45 20.97 24.12 14.24
N VAL E 46 20.81 23.36 13.18
CA VAL E 46 21.61 22.13 12.96
C VAL E 46 23.02 22.58 12.58
N ALA E 47 24.02 22.16 13.36
CA ALA E 47 25.44 22.45 13.14
C ALA E 47 25.97 21.43 12.13
N VAL E 48 26.22 21.88 10.92
CA VAL E 48 26.79 21.05 9.82
C VAL E 48 28.27 21.41 9.68
N SER E 49 29.15 20.42 9.75
CA SER E 49 30.60 20.57 9.44
C SER E 49 30.85 20.10 8.01
N VAL E 50 31.61 20.88 7.26
CA VAL E 50 31.97 20.59 5.85
C VAL E 50 33.46 20.82 5.70
N SER E 51 34.16 19.81 5.20
CA SER E 51 35.60 19.86 4.85
C SER E 51 35.75 19.15 3.50
N LEU E 52 36.37 19.82 2.52
CA LEU E 52 36.67 19.21 1.20
C LEU E 52 38.08 18.62 1.29
N LYS E 53 38.19 17.33 0.93
CA LYS E 53 39.49 16.66 0.71
C LYS E 53 39.67 16.59 -0.80
N PHE E 54 40.63 17.36 -1.34
CA PHE E 54 40.85 17.42 -2.80
C PHE E 54 41.56 16.14 -3.23
N ILE E 55 41.04 15.50 -4.27
CA ILE E 55 41.56 14.21 -4.79
C ILE E 55 42.21 14.49 -6.14
N ASN E 56 41.61 15.34 -6.97
CA ASN E 56 42.17 15.56 -8.31
C ASN E 56 41.71 16.92 -8.84
N ILE E 57 42.54 17.48 -9.73
CA ILE E 57 42.23 18.65 -10.59
C ILE E 57 42.47 18.15 -12.01
N LEU E 58 41.40 18.08 -12.81
CA LEU E 58 41.35 17.24 -14.04
C LEU E 58 41.47 18.09 -15.29
N GLU E 59 40.79 19.22 -15.30
CA GLU E 59 40.76 20.13 -16.46
C GLU E 59 40.71 21.53 -15.92
N VAL E 60 41.58 22.38 -16.44
CA VAL E 60 41.69 23.80 -16.02
C VAL E 60 41.66 24.58 -17.32
N ASN E 61 41.02 25.73 -17.33
CA ASN E 61 40.96 26.62 -18.52
C ASN E 61 41.14 28.05 -18.01
N GLU E 62 42.32 28.63 -18.24
CA GLU E 62 42.68 29.97 -17.75
C GLU E 62 41.94 31.03 -18.57
N ILE E 63 41.52 30.71 -19.79
CA ILE E 63 40.75 31.63 -20.66
C ILE E 63 39.33 31.78 -20.08
N THR E 64 38.66 30.67 -19.78
CA THR E 64 37.24 30.67 -19.31
C THR E 64 37.16 30.76 -17.78
N ASN E 65 38.26 30.57 -17.06
CA ASN E 65 38.27 30.58 -15.57
C ASN E 65 37.34 29.46 -15.06
N GLU E 66 37.54 28.24 -15.58
CA GLU E 66 36.76 27.04 -15.21
C GLU E 66 37.72 25.94 -14.81
N VAL E 67 37.34 25.18 -13.79
CA VAL E 67 38.13 24.03 -13.28
C VAL E 67 37.16 22.86 -13.07
N ASP E 68 37.67 21.66 -13.31
CA ASP E 68 36.99 20.38 -13.08
C ASP E 68 37.76 19.70 -11.96
N VAL E 69 37.13 19.50 -10.80
CA VAL E 69 37.80 19.02 -9.56
C VAL E 69 37.08 17.79 -9.03
N VAL E 70 37.82 16.88 -8.41
CA VAL E 70 37.27 15.71 -7.66
C VAL E 70 37.65 15.93 -6.20
N PHE E 71 36.64 15.87 -5.32
CA PHE E 71 36.84 16.04 -3.87
C PHE E 71 35.91 15.11 -3.10
N TRP E 72 36.38 14.69 -1.94
CA TRP E 72 35.56 13.99 -0.92
C TRP E 72 34.97 15.07 -0.02
N GLN E 73 33.64 15.19 0.01
CA GLN E 73 32.97 16.25 0.80
C GLN E 73 32.58 15.65 2.15
N GLN E 74 33.48 15.75 3.12
CA GLN E 74 33.26 15.25 4.49
C GLN E 74 32.21 16.14 5.15
N THR E 75 31.04 15.57 5.42
CA THR E 75 29.84 16.28 5.92
C THR E 75 29.36 15.58 7.18
N THR E 76 29.24 16.31 8.28
CA THR E 76 28.79 15.72 9.57
C THR E 76 27.79 16.64 10.22
N TRP E 77 26.82 16.03 10.88
CA TRP E 77 25.79 16.74 11.68
C TRP E 77 25.18 15.72 12.61
N SER E 78 24.37 16.18 13.55
CA SER E 78 23.68 15.31 14.51
C SER E 78 22.19 15.25 14.17
N ASP E 79 21.61 14.05 14.23
CA ASP E 79 20.14 13.84 14.13
C ASP E 79 19.77 12.89 15.26
N ARG E 80 19.36 13.44 16.41
CA ARG E 80 19.07 12.67 17.64
C ARG E 80 17.92 11.68 17.39
N THR E 81 17.07 11.91 16.39
CA THR E 81 15.94 10.98 16.08
C THR E 81 16.50 9.64 15.57
N LEU E 82 17.77 9.56 15.18
CA LEU E 82 18.39 8.31 14.66
C LEU E 82 19.01 7.48 15.80
N ALA E 83 19.19 8.06 16.99
CA ALA E 83 20.04 7.51 18.06
C ALA E 83 19.43 6.21 18.58
N TRP E 84 20.28 5.29 19.04
CA TRP E 84 19.85 4.03 19.71
C TRP E 84 20.80 3.72 20.86
N ASN E 85 20.34 2.92 21.83
CA ASN E 85 21.15 2.39 22.94
C ASN E 85 22.14 1.38 22.36
N SER E 86 23.45 1.68 22.43
CA SER E 86 24.53 0.89 21.78
C SER E 86 24.99 -0.29 22.66
N SER E 87 24.43 -0.48 23.85
CA SER E 87 24.76 -1.65 24.71
C SER E 87 24.33 -2.92 23.98
N HIS E 88 25.26 -3.86 23.78
CA HIS E 88 25.06 -5.13 23.01
C HIS E 88 24.46 -4.83 21.63
N SER E 89 24.91 -3.74 21.00
CA SER E 89 24.45 -3.30 19.66
C SER E 89 25.62 -2.73 18.88
N PRO E 90 25.56 -2.72 17.53
CA PRO E 90 26.56 -2.01 16.73
C PRO E 90 26.67 -0.53 17.16
N ASP E 91 27.88 0.04 17.10
CA ASP E 91 28.14 1.47 17.39
C ASP E 91 27.73 2.34 16.20
N GLN E 92 27.74 1.77 14.99
CA GLN E 92 27.49 2.49 13.72
C GLN E 92 26.83 1.56 12.70
N VAL E 93 26.03 2.13 11.80
CA VAL E 93 25.47 1.43 10.60
C VAL E 93 25.65 2.31 9.36
N SER E 94 25.64 1.66 8.20
CA SER E 94 25.61 2.32 6.87
C SER E 94 24.15 2.44 6.43
N VAL E 95 23.70 3.65 6.10
CA VAL E 95 22.29 3.97 5.77
C VAL E 95 22.22 4.69 4.44
N PRO E 96 21.33 4.28 3.52
CA PRO E 96 21.12 5.02 2.27
C PRO E 96 20.65 6.44 2.62
N ILE E 97 21.20 7.46 1.97
CA ILE E 97 20.86 8.88 2.30
C ILE E 97 19.39 9.14 1.97
N SER E 98 18.76 8.35 1.09
CA SER E 98 17.30 8.44 0.81
C SER E 98 16.50 8.17 2.08
N SER E 99 17.05 7.50 3.09
CA SER E 99 16.35 7.24 4.37
C SER E 99 16.69 8.27 5.43
N LEU E 100 17.46 9.33 5.13
CA LEU E 100 17.93 10.32 6.13
C LEU E 100 17.61 11.72 5.64
N TRP E 101 17.40 12.65 6.56
CA TRP E 101 17.56 14.07 6.28
C TRP E 101 19.04 14.34 6.00
N VAL E 102 19.31 15.07 4.92
CA VAL E 102 20.67 15.51 4.56
C VAL E 102 20.60 17.02 4.35
N PRO E 103 21.61 17.80 4.77
CA PRO E 103 21.61 19.24 4.51
C PRO E 103 21.53 19.53 3.01
N ASP E 104 20.79 20.57 2.64
CA ASP E 104 20.58 20.97 1.22
C ASP E 104 21.77 21.88 0.79
N LEU E 105 22.99 21.36 0.85
CA LEU E 105 24.23 22.10 0.52
C LEU E 105 24.30 22.28 -0.99
N ALA E 106 24.76 23.45 -1.42
CA ALA E 106 25.06 23.76 -2.84
C ALA E 106 26.35 24.54 -2.89
N ALA E 107 27.13 24.30 -3.93
CA ALA E 107 28.33 25.11 -4.27
C ALA E 107 27.86 26.30 -5.09
N TYR E 108 27.99 27.52 -4.57
CA TYR E 108 27.43 28.76 -5.16
C TYR E 108 28.02 29.01 -6.55
N ASN E 109 29.26 28.58 -6.80
CA ASN E 109 30.01 28.88 -8.05
C ASN E 109 30.18 27.61 -8.86
N ALA E 110 29.41 26.55 -8.59
CA ALA E 110 29.35 25.35 -9.45
C ALA E 110 28.65 25.74 -10.75
N ILE E 111 29.17 25.24 -11.88
CA ILE E 111 28.57 25.44 -13.22
C ILE E 111 28.22 24.08 -13.84
N SER E 112 28.31 22.99 -13.07
CA SER E 112 27.77 21.67 -13.45
C SER E 112 27.11 21.05 -12.21
N LYS E 113 26.19 20.09 -12.41
CA LYS E 113 25.60 19.36 -11.27
C LYS E 113 26.70 18.48 -10.69
N PRO E 114 26.69 18.25 -9.36
CA PRO E 114 27.68 17.36 -8.76
C PRO E 114 27.51 15.95 -9.33
N GLU E 115 28.58 15.38 -9.87
CA GLU E 115 28.64 13.96 -10.33
C GLU E 115 29.14 13.14 -9.14
N VAL E 116 28.23 12.38 -8.51
CA VAL E 116 28.57 11.60 -7.29
C VAL E 116 29.17 10.27 -7.75
N LEU E 117 30.40 9.99 -7.36
CA LEU E 117 31.19 8.85 -7.91
C LEU E 117 31.06 7.65 -6.98
N THR E 118 30.44 7.80 -5.81
CA THR E 118 30.47 6.81 -4.71
C THR E 118 29.06 6.36 -4.37
N PRO E 119 28.91 5.18 -3.72
CA PRO E 119 27.62 4.76 -3.18
C PRO E 119 27.05 5.85 -2.26
N GLN E 120 25.75 6.13 -2.41
CA GLN E 120 25.05 7.20 -1.66
C GLN E 120 24.59 6.65 -0.32
N LEU E 121 25.55 6.31 0.54
CA LEU E 121 25.36 5.81 1.91
C LEU E 121 26.04 6.78 2.85
N ALA E 122 25.48 6.96 4.04
CA ALA E 122 26.09 7.70 5.16
C ALA E 122 26.35 6.71 6.29
N ARG E 123 27.22 7.06 7.22
CA ARG E 123 27.44 6.35 8.49
C ARG E 123 26.63 7.06 9.57
N VAL E 124 25.83 6.30 10.31
CA VAL E 124 25.07 6.79 11.48
C VAL E 124 25.65 6.12 12.72
N VAL E 125 26.11 6.94 13.65
CA VAL E 125 26.62 6.53 14.99
C VAL E 125 25.42 6.45 15.93
N SER E 126 25.47 5.56 16.92
CA SER E 126 24.37 5.29 17.89
C SER E 126 23.93 6.56 18.63
N ASP E 127 24.76 7.60 18.70
CA ASP E 127 24.40 8.88 19.36
C ASP E 127 23.69 9.82 18.38
N GLY E 128 23.50 9.42 17.12
CA GLY E 128 22.77 10.21 16.12
C GLY E 128 23.68 11.09 15.27
N GLU E 129 25.00 11.00 15.46
CA GLU E 129 25.97 11.65 14.53
C GLU E 129 25.87 10.97 13.17
N VAL E 130 25.82 11.78 12.11
CA VAL E 130 25.81 11.29 10.70
C VAL E 130 27.09 11.76 10.04
N LEU E 131 27.77 10.85 9.35
CA LEU E 131 28.95 11.17 8.49
CA LEU E 131 28.96 11.16 8.51
C LEU E 131 28.60 10.77 7.06
N TYR E 132 28.52 11.75 6.17
CA TYR E 132 28.25 11.55 4.74
C TYR E 132 29.45 12.12 3.99
N MET E 133 30.11 11.28 3.19
CA MET E 133 31.35 11.72 2.50
C MET E 133 31.34 11.22 1.07
N PRO E 134 30.54 11.86 0.19
CA PRO E 134 30.53 11.48 -1.22
C PRO E 134 31.80 11.98 -1.89
N SER E 135 32.28 11.22 -2.88
CA SER E 135 33.28 11.67 -3.87
C SER E 135 32.50 12.34 -4.99
N ILE E 136 32.82 13.61 -5.24
CA ILE E 136 32.10 14.44 -6.23
C ILE E 136 33.12 14.93 -7.27
N ARG E 137 32.73 14.81 -8.53
CA ARG E 137 33.39 15.56 -9.62
C ARG E 137 32.44 16.67 -10.04
N GLN E 138 32.92 17.90 -10.07
CA GLN E 138 32.10 19.10 -10.37
C GLN E 138 32.98 20.15 -11.02
N ARG E 139 32.38 20.97 -11.87
CA ARG E 139 33.04 22.11 -12.57
C ARG E 139 32.64 23.41 -11.84
N PHE E 140 33.61 24.31 -11.68
CA PHE E 140 33.47 25.59 -10.97
C PHE E 140 33.95 26.74 -11.85
N SER E 141 33.34 27.90 -11.62
CA SER E 141 33.78 29.23 -12.06
C SER E 141 34.59 29.83 -10.92
N CYS E 142 35.89 29.98 -11.13
CA CYS E 142 36.80 30.57 -10.10
C CYS E 142 38.05 31.11 -10.79
N ASP E 143 38.92 31.74 -10.02
CA ASP E 143 40.13 32.42 -10.56
C ASP E 143 41.19 31.37 -10.89
N VAL E 144 41.38 31.11 -12.19
CA VAL E 144 42.41 30.17 -12.70
C VAL E 144 43.69 30.95 -13.06
N SER E 145 43.68 32.28 -12.97
CA SER E 145 44.84 33.14 -13.33
C SER E 145 46.05 32.75 -12.47
N GLY E 146 47.21 32.54 -13.11
CA GLY E 146 48.48 32.28 -12.42
C GLY E 146 48.75 30.80 -12.25
N VAL E 147 47.92 29.93 -12.85
CA VAL E 147 48.01 28.45 -12.66
C VAL E 147 49.37 27.94 -13.14
N ASP E 148 49.94 28.53 -14.19
CA ASP E 148 51.23 28.10 -14.80
C ASP E 148 52.40 28.91 -14.23
N THR E 149 52.24 29.55 -13.07
CA THR E 149 53.31 30.31 -12.37
C THR E 149 53.65 29.61 -11.06
N GLU E 150 54.73 30.06 -10.41
CA GLU E 150 55.26 29.46 -9.16
C GLU E 150 54.25 29.64 -8.02
N SER E 151 53.65 30.82 -7.89
CA SER E 151 52.70 31.16 -6.79
C SER E 151 51.33 30.48 -7.03
N GLY E 152 51.02 30.12 -8.28
CA GLY E 152 49.86 29.29 -8.66
C GLY E 152 48.57 30.09 -8.71
N ALA E 153 47.45 29.43 -9.00
CA ALA E 153 46.09 30.02 -8.97
C ALA E 153 45.48 29.77 -7.59
N THR E 154 44.55 30.63 -7.19
CA THR E 154 43.69 30.44 -5.99
C THR E 154 42.24 30.38 -6.48
N CYS E 155 41.68 29.17 -6.48
CA CYS E 155 40.28 28.88 -6.84
C CYS E 155 39.46 28.74 -5.56
N ARG E 156 38.51 29.66 -5.34
CA ARG E 156 37.68 29.70 -4.11
C ARG E 156 36.34 29.01 -4.42
N ILE E 157 35.95 28.04 -3.59
CA ILE E 157 34.68 27.31 -3.72
C ILE E 157 33.86 27.58 -2.46
N LYS E 158 32.63 28.04 -2.65
CA LYS E 158 31.70 28.40 -1.55
C LYS E 158 30.58 27.37 -1.49
N ILE E 159 30.38 26.76 -0.32
CA ILE E 159 29.32 25.75 -0.09
C ILE E 159 28.48 26.16 1.11
N GLY E 160 27.16 26.22 0.95
CA GLY E 160 26.21 26.52 2.04
C GLY E 160 24.84 25.93 1.77
N SER E 161 23.95 26.05 2.75
CA SER E 161 22.53 25.62 2.59
C SER E 161 21.87 26.50 1.54
N TRP E 162 21.16 25.88 0.61
CA TRP E 162 20.42 26.61 -0.44
C TRP E 162 19.20 27.33 0.17
N THR E 163 18.49 26.73 1.12
CA THR E 163 17.17 27.26 1.58
C THR E 163 17.13 27.51 3.09
N HIS E 164 18.12 27.08 3.86
CA HIS E 164 18.08 27.23 5.34
C HIS E 164 19.05 28.37 5.75
N HIS E 165 18.51 29.40 6.39
CA HIS E 165 19.28 30.50 6.99
C HIS E 165 19.92 30.05 8.30
N SER E 166 20.70 30.93 8.93
CA SER E 166 21.63 30.64 10.05
C SER E 166 20.90 30.17 11.30
N ARG E 167 19.62 30.46 11.46
CA ARG E 167 18.87 29.98 12.65
C ARG E 167 18.41 28.54 12.41
N GLU E 168 18.57 28.00 11.20
CA GLU E 168 18.16 26.61 10.87
C GLU E 168 19.39 25.74 10.62
N ILE E 169 20.34 26.22 9.82
CA ILE E 169 21.60 25.49 9.53
C ILE E 169 22.77 26.45 9.75
N SER E 170 23.75 26.04 10.53
CA SER E 170 25.09 26.67 10.59
C SER E 170 26.06 25.75 9.85
N VAL E 171 26.98 26.34 9.07
CA VAL E 171 28.07 25.56 8.41
C VAL E 171 29.40 26.03 8.99
N ASP E 172 30.25 25.08 9.36
CA ASP E 172 31.60 25.35 9.86
C ASP E 172 32.60 24.42 9.19
N PRO E 173 33.82 24.90 8.89
CA PRO E 173 34.92 24.02 8.51
C PRO E 173 35.22 23.13 9.73
N THR E 174 35.71 21.91 9.49
CA THR E 174 35.99 20.91 10.57
C THR E 174 37.18 21.35 11.42
N ASP E 180 43.80 18.23 4.25
CA ASP E 180 42.82 18.43 3.15
C ASP E 180 43.42 18.07 1.78
N SER E 181 44.73 18.18 1.63
CA SER E 181 45.47 17.78 0.38
C SER E 181 46.13 16.42 0.57
N GLU E 182 45.91 15.74 1.70
CA GLU E 182 46.69 14.52 2.03
C GLU E 182 46.46 13.43 0.97
N TYR E 183 45.25 13.35 0.37
CA TYR E 183 44.82 12.25 -0.52
C TYR E 183 44.74 12.71 -1.97
N PHE E 184 45.41 13.81 -2.28
CA PHE E 184 45.50 14.34 -3.66
C PHE E 184 46.30 13.37 -4.54
N SER E 185 45.82 13.12 -5.75
CA SER E 185 46.46 12.19 -6.72
C SER E 185 47.86 12.70 -7.07
N GLN E 186 48.86 11.85 -6.87
CA GLN E 186 50.25 12.10 -7.30
C GLN E 186 50.31 12.15 -8.84
N TYR E 187 49.28 11.70 -9.55
CA TYR E 187 49.30 11.58 -11.03
C TYR E 187 48.61 12.76 -11.72
N SER E 188 48.01 13.69 -10.96
CA SER E 188 47.41 14.93 -11.52
C SER E 188 48.52 15.70 -12.24
N ARG E 189 48.19 16.46 -13.28
CA ARG E 189 49.09 17.46 -13.91
C ARG E 189 49.33 18.61 -12.94
N PHE E 190 48.51 18.71 -11.87
CA PHE E 190 48.54 19.85 -10.94
C PHE E 190 49.01 19.37 -9.57
N GLU E 191 49.42 20.32 -8.74
CA GLU E 191 49.80 20.07 -7.34
C GLU E 191 49.16 21.17 -6.48
N ILE E 192 48.85 20.82 -5.24
CA ILE E 192 48.26 21.74 -4.24
C ILE E 192 49.41 22.39 -3.45
N LEU E 193 49.41 23.72 -3.39
CA LEU E 193 50.36 24.53 -2.60
C LEU E 193 49.75 24.77 -1.21
N ASP E 194 48.44 25.04 -1.17
CA ASP E 194 47.78 25.39 0.11
C ASP E 194 46.27 25.27 -0.04
N VAL E 195 45.60 24.89 1.05
CA VAL E 195 44.12 24.94 1.18
C VAL E 195 43.81 25.67 2.48
N THR E 196 43.01 26.74 2.40
CA THR E 196 42.50 27.45 3.57
C THR E 196 40.96 27.43 3.50
N GLN E 197 40.33 27.44 4.68
CA GLN E 197 38.88 27.41 4.87
C GLN E 197 38.49 28.58 5.78
N LYS E 198 37.47 29.35 5.39
CA LYS E 198 36.82 30.32 6.30
C LYS E 198 35.31 30.13 6.26
N LYS E 199 34.64 30.48 7.35
CA LYS E 199 33.17 30.58 7.41
C LYS E 199 32.77 32.00 7.00
N ASN E 200 31.79 32.11 6.11
CA ASN E 200 31.14 33.41 5.74
C ASN E 200 29.67 33.37 6.13
N SER E 201 29.15 34.52 6.58
CA SER E 201 27.74 34.69 6.97
C SER E 201 27.23 35.97 6.32
N VAL E 202 26.29 35.84 5.39
CA VAL E 202 25.87 36.98 4.52
C VAL E 202 24.38 37.24 4.74
N THR E 203 24.06 38.49 5.07
CA THR E 203 22.69 39.05 5.05
C THR E 203 22.56 39.90 3.78
N TYR E 204 21.61 39.55 2.92
CA TYR E 204 21.34 40.20 1.62
C TYR E 204 20.30 41.31 1.86
N SER E 205 20.27 42.31 0.97
CA SER E 205 19.40 43.53 1.05
C SER E 205 17.92 43.15 1.13
N CYS E 206 17.49 42.12 0.39
CA CYS E 206 16.08 41.67 0.26
C CYS E 206 15.51 41.21 1.61
N CYS E 207 16.29 40.43 2.38
CA CYS E 207 15.79 39.59 3.50
C CYS E 207 16.49 39.96 4.81
N PRO E 208 15.86 39.69 5.98
CA PRO E 208 16.52 39.86 7.27
C PRO E 208 17.50 38.73 7.65
N GLU E 209 17.37 37.54 7.07
CA GLU E 209 18.11 36.34 7.56
C GLU E 209 19.52 36.27 7.00
N ALA E 210 20.43 35.66 7.74
CA ALA E 210 21.83 35.40 7.33
C ALA E 210 21.95 33.99 6.73
N TYR E 211 22.70 33.83 5.63
CA TYR E 211 23.07 32.54 5.03
C TYR E 211 24.56 32.25 5.23
N GLU E 212 24.85 31.12 5.86
CA GLU E 212 26.25 30.71 6.13
C GLU E 212 26.77 29.93 4.92
N ASP E 213 28.07 30.06 4.65
CA ASP E 213 28.80 29.19 3.69
C ASP E 213 30.21 28.94 4.23
N VAL E 214 30.83 27.86 3.79
CA VAL E 214 32.28 27.60 3.98
C VAL E 214 32.94 27.96 2.66
N GLU E 215 33.94 28.82 2.71
CA GLU E 215 34.73 29.23 1.54
C GLU E 215 36.06 28.47 1.59
N VAL E 216 36.28 27.61 0.61
CA VAL E 216 37.54 26.80 0.53
C VAL E 216 38.41 27.43 -0.56
N SER E 217 39.59 27.91 -0.19
CA SER E 217 40.57 28.53 -1.14
C SER E 217 41.63 27.48 -1.53
N LEU E 218 41.56 27.00 -2.76
CA LEU E 218 42.47 25.97 -3.31
C LEU E 218 43.57 26.68 -4.11
N ASN E 219 44.76 26.77 -3.53
CA ASN E 219 45.97 27.35 -4.18
C ASN E 219 46.72 26.17 -4.82
N PHE E 220 46.77 26.13 -6.15
CA PHE E 220 47.31 25.00 -6.92
C PHE E 220 48.06 25.55 -8.14
N ARG E 221 48.90 24.72 -8.74
CA ARG E 221 49.64 25.11 -9.97
C ARG E 221 49.92 23.87 -10.81
N LYS E 222 50.17 24.10 -12.11
CA LYS E 222 50.67 23.06 -13.03
C LYS E 222 52.06 22.62 -12.56
N LYS E 223 52.33 21.32 -12.53
CA LYS E 223 53.68 20.79 -12.20
C LYS E 223 54.64 21.13 -13.34
N LEU F 20 19.58 -16.51 13.38
CA LEU F 20 18.30 -15.79 13.28
C LEU F 20 17.77 -15.55 14.69
N ASP F 21 17.10 -14.43 14.91
CA ASP F 21 16.31 -14.21 16.15
C ASP F 21 14.82 -14.37 15.83
N ARG F 22 13.97 -14.28 16.86
CA ARG F 22 12.50 -14.43 16.73
C ARG F 22 11.96 -13.41 15.73
N ALA F 23 12.43 -12.17 15.81
CA ALA F 23 11.96 -11.07 14.93
C ALA F 23 12.15 -11.48 13.46
N ASP F 24 13.32 -12.02 13.12
CA ASP F 24 13.67 -12.40 11.72
C ASP F 24 12.77 -13.56 11.28
N ILE F 25 12.64 -14.59 12.11
CA ILE F 25 11.83 -15.80 11.81
C ILE F 25 10.39 -15.37 11.57
N LEU F 26 9.83 -14.55 12.45
CA LEU F 26 8.41 -14.12 12.34
C LEU F 26 8.23 -13.21 11.11
N TYR F 27 9.20 -12.35 10.81
CA TYR F 27 9.19 -11.54 9.55
C TYR F 27 9.13 -12.49 8.33
N ASN F 28 10.05 -13.46 8.29
CA ASN F 28 10.19 -14.42 7.16
C ASN F 28 8.86 -15.16 6.98
N ILE F 29 8.28 -15.67 8.06
CA ILE F 29 6.99 -16.41 8.02
C ILE F 29 5.89 -15.48 7.51
N ARG F 30 5.78 -14.27 8.08
CA ARG F 30 4.72 -13.32 7.67
C ARG F 30 4.86 -13.01 6.17
N GLN F 31 6.09 -12.83 5.67
CA GLN F 31 6.32 -12.41 4.27
C GLN F 31 6.05 -13.56 3.28
N THR F 32 6.27 -14.83 3.67
CA THR F 32 6.34 -15.96 2.73
C THR F 32 5.37 -17.10 3.07
N SER F 33 4.58 -17.06 4.14
CA SER F 33 3.87 -18.30 4.64
C SER F 33 2.86 -18.92 3.66
N ARG F 34 2.19 -18.14 2.81
CA ARG F 34 1.10 -18.53 1.87
C ARG F 34 -0.04 -19.20 2.64
N PRO F 35 -0.80 -18.47 3.48
CA PRO F 35 -1.84 -19.08 4.32
C PRO F 35 -2.96 -19.75 3.52
N ASP F 36 -3.11 -19.37 2.25
CA ASP F 36 -4.17 -19.90 1.35
C ASP F 36 -3.70 -21.19 0.70
N VAL F 37 -2.43 -21.59 0.88
CA VAL F 37 -1.82 -22.71 0.11
C VAL F 37 -1.59 -23.92 1.02
N ILE F 38 -2.35 -24.98 0.79
CA ILE F 38 -2.14 -26.30 1.47
C ILE F 38 -0.73 -26.76 1.17
N PRO F 39 0.10 -27.08 2.19
CA PRO F 39 1.51 -27.46 1.95
C PRO F 39 1.66 -28.94 1.61
N THR F 40 1.04 -29.38 0.52
CA THR F 40 1.19 -30.76 -0.01
C THR F 40 2.65 -30.93 -0.47
N GLN F 41 3.22 -32.12 -0.25
CA GLN F 41 4.56 -32.52 -0.76
C GLN F 41 4.36 -33.60 -1.82
N ARG F 42 4.84 -33.35 -3.05
CA ARG F 42 4.83 -34.31 -4.19
C ARG F 42 3.44 -34.96 -4.32
N ASP F 43 2.39 -34.14 -4.28
CA ASP F 43 0.96 -34.52 -4.48
C ASP F 43 0.52 -35.63 -3.51
N ARG F 44 1.18 -35.77 -2.35
CA ARG F 44 0.72 -36.64 -1.23
C ARG F 44 -0.12 -35.79 -0.30
N PRO F 45 -1.09 -36.36 0.44
CA PRO F 45 -1.93 -35.56 1.32
C PRO F 45 -1.10 -34.96 2.46
N VAL F 46 -1.55 -33.82 2.99
CA VAL F 46 -1.03 -33.27 4.26
C VAL F 46 -1.60 -34.15 5.38
N ALA F 47 -0.72 -34.74 6.19
CA ALA F 47 -1.11 -35.60 7.34
C ALA F 47 -1.41 -34.67 8.52
N VAL F 48 -2.69 -34.56 8.86
CA VAL F 48 -3.16 -33.78 10.03
C VAL F 48 -3.50 -34.75 11.15
N SER F 49 -2.92 -34.56 12.33
CA SER F 49 -3.30 -35.29 13.58
C SER F 49 -4.26 -34.43 14.40
N VAL F 50 -5.34 -35.04 14.87
CA VAL F 50 -6.40 -34.34 15.66
C VAL F 50 -6.73 -35.23 16.85
N SER F 51 -6.69 -34.67 18.06
CA SER F 51 -7.06 -35.34 19.32
C SER F 51 -7.84 -34.32 20.17
N LEU F 52 -9.04 -34.69 20.64
CA LEU F 52 -9.82 -33.82 21.54
C LEU F 52 -9.48 -34.17 22.99
N LYS F 53 -9.09 -33.17 23.78
CA LYS F 53 -8.99 -33.24 25.25
C LYS F 53 -10.23 -32.56 25.82
N PHE F 54 -11.13 -33.32 26.44
CA PHE F 54 -12.36 -32.72 27.01
C PHE F 54 -12.02 -31.99 28.30
N ILE F 55 -12.52 -30.77 28.42
CA ILE F 55 -12.28 -29.87 29.58
C ILE F 55 -13.58 -29.75 30.38
N ASN F 56 -14.72 -29.68 29.71
CA ASN F 56 -15.99 -29.51 30.44
C ASN F 56 -17.15 -29.99 29.58
N ILE F 57 -18.22 -30.42 30.26
CA ILE F 57 -19.57 -30.67 29.70
C ILE F 57 -20.50 -29.77 30.50
N LEU F 58 -21.10 -28.78 29.85
CA LEU F 58 -21.70 -27.59 30.52
C LEU F 58 -23.22 -27.70 30.59
N GLU F 59 -23.82 -28.12 29.48
CA GLU F 59 -25.30 -28.22 29.35
C GLU F 59 -25.57 -29.46 28.52
N VAL F 60 -26.47 -30.28 29.01
CA VAL F 60 -26.88 -31.52 28.33
C VAL F 60 -28.40 -31.49 28.32
N ASN F 61 -29.01 -31.94 27.23
CA ASN F 61 -30.49 -31.98 27.11
C ASN F 61 -30.83 -33.33 26.47
N GLU F 62 -31.37 -34.25 27.28
CA GLU F 62 -31.68 -35.63 26.83
C GLU F 62 -32.93 -35.60 25.94
N ILE F 63 -33.78 -34.57 26.07
CA ILE F 63 -34.99 -34.40 25.23
C ILE F 63 -34.57 -34.03 23.81
N THR F 64 -33.69 -33.02 23.66
CA THR F 64 -33.26 -32.47 22.34
C THR F 64 -32.03 -33.22 21.82
N ASN F 65 -31.35 -34.02 22.63
CA ASN F 65 -30.09 -34.71 22.23
C ASN F 65 -29.06 -33.65 21.80
N GLU F 66 -28.83 -32.67 22.67
CA GLU F 66 -27.86 -31.56 22.45
C GLU F 66 -26.93 -31.48 23.67
N VAL F 67 -25.66 -31.23 23.42
CA VAL F 67 -24.63 -31.06 24.47
C VAL F 67 -23.80 -29.82 24.12
N ASP F 68 -23.40 -29.10 25.16
CA ASP F 68 -22.50 -27.93 25.11
C ASP F 68 -21.22 -28.37 25.80
N VAL F 69 -20.10 -28.45 25.05
CA VAL F 69 -18.82 -29.04 25.53
C VAL F 69 -17.68 -28.02 25.34
N VAL F 70 -16.68 -28.07 26.21
CA VAL F 70 -15.40 -27.34 26.04
C VAL F 70 -14.32 -28.40 25.85
N PHE F 71 -13.52 -28.26 24.80
CA PHE F 71 -12.41 -29.20 24.50
C PHE F 71 -11.22 -28.43 23.94
N TRP F 72 -10.03 -28.95 24.19
CA TRP F 72 -8.77 -28.53 23.54
C TRP F 72 -8.63 -29.40 22.30
N GLN F 73 -8.57 -28.77 21.13
CA GLN F 73 -8.44 -29.49 19.85
C GLN F 73 -6.96 -29.50 19.47
N GLN F 74 -6.24 -30.52 19.93
CA GLN F 74 -4.80 -30.69 19.64
C GLN F 74 -4.66 -31.04 18.17
N THR F 75 -4.05 -30.15 17.38
CA THR F 75 -3.96 -30.24 15.90
C THR F 75 -2.51 -30.08 15.48
N THR F 76 -1.96 -31.02 14.73
CA THR F 76 -0.55 -30.96 14.29
C THR F 76 -0.46 -31.37 12.83
N TRP F 77 0.47 -30.75 12.11
CA TRP F 77 0.78 -31.05 10.70
C TRP F 77 2.14 -30.42 10.41
N SER F 78 2.72 -30.75 9.27
CA SER F 78 4.02 -30.20 8.84
C SER F 78 3.78 -29.22 7.69
N ASP F 79 4.46 -28.09 7.71
CA ASP F 79 4.52 -27.12 6.59
C ASP F 79 5.98 -26.75 6.40
N ARG F 80 6.66 -27.43 5.47
CA ARG F 80 8.11 -27.27 5.20
C ARG F 80 8.44 -25.83 4.79
N THR F 81 7.48 -25.08 4.27
CA THR F 81 7.66 -23.65 3.83
C THR F 81 8.02 -22.80 5.07
N LEU F 82 7.71 -23.26 6.28
CA LEU F 82 7.92 -22.48 7.53
C LEU F 82 9.32 -22.73 8.12
N ALA F 83 10.00 -23.79 7.66
CA ALA F 83 11.21 -24.32 8.32
C ALA F 83 12.36 -23.30 8.25
N TRP F 84 13.24 -23.31 9.25
CA TRP F 84 14.47 -22.48 9.28
C TRP F 84 15.60 -23.29 9.91
N ASN F 85 16.84 -22.90 9.62
CA ASN F 85 18.06 -23.45 10.25
C ASN F 85 18.09 -23.01 11.72
N SER F 86 17.99 -23.95 12.65
CA SER F 86 17.85 -23.67 14.11
C SER F 86 19.21 -23.48 14.80
N SER F 87 20.33 -23.61 14.08
CA SER F 87 21.68 -23.36 14.66
C SER F 87 21.77 -21.88 15.06
N HIS F 88 22.09 -21.61 16.32
CA HIS F 88 22.14 -20.24 16.93
C HIS F 88 20.82 -19.52 16.70
N SER F 89 19.69 -20.23 16.78
CA SER F 89 18.33 -19.68 16.56
C SER F 89 17.35 -20.34 17.52
N PRO F 90 16.19 -19.71 17.81
CA PRO F 90 15.12 -20.38 18.54
C PRO F 90 14.72 -21.68 17.84
N ASP F 91 14.33 -22.70 18.61
CA ASP F 91 13.84 -24.01 18.09
C ASP F 91 12.37 -23.86 17.68
N GLN F 92 11.64 -22.90 18.29
CA GLN F 92 10.17 -22.74 18.11
C GLN F 92 9.77 -21.28 18.27
N VAL F 93 8.71 -20.87 17.57
CA VAL F 93 8.08 -19.53 17.74
C VAL F 93 6.55 -19.69 17.83
N SER F 94 5.91 -18.71 18.42
CA SER F 94 4.44 -18.55 18.46
C SER F 94 4.04 -17.65 17.29
N VAL F 95 3.09 -18.11 16.47
CA VAL F 95 2.69 -17.43 15.20
C VAL F 95 1.18 -17.29 15.20
N PRO F 96 0.64 -16.09 14.88
CA PRO F 96 -0.80 -15.93 14.70
C PRO F 96 -1.24 -16.84 13.55
N ILE F 97 -2.36 -17.54 13.71
CA ILE F 97 -2.84 -18.52 12.69
C ILE F 97 -3.21 -17.78 11.40
N SER F 98 -3.51 -16.48 11.47
CA SER F 98 -3.75 -15.64 10.26
C SER F 98 -2.51 -15.60 9.38
N SER F 99 -1.31 -15.87 9.90
CA SER F 99 -0.06 -15.89 9.10
C SER F 99 0.32 -17.30 8.65
N LEU F 100 -0.51 -18.31 8.86
CA LEU F 100 -0.19 -19.73 8.56
C LEU F 100 -1.33 -20.34 7.76
N TRP F 101 -1.01 -21.33 6.92
CA TRP F 101 -2.05 -22.28 6.45
C TRP F 101 -2.47 -23.11 7.66
N VAL F 102 -3.76 -23.26 7.85
CA VAL F 102 -4.36 -24.13 8.90
C VAL F 102 -5.36 -25.03 8.20
N PRO F 103 -5.46 -26.32 8.58
CA PRO F 103 -6.47 -27.20 7.99
C PRO F 103 -7.88 -26.63 8.25
N ASP F 104 -8.77 -26.77 7.27
CA ASP F 104 -10.17 -26.26 7.30
C ASP F 104 -11.05 -27.31 7.99
N LEU F 105 -10.75 -27.64 9.25
CA LEU F 105 -11.48 -28.68 10.02
C LEU F 105 -12.85 -28.13 10.43
N ALA F 106 -13.85 -28.99 10.39
CA ALA F 106 -15.22 -28.69 10.87
C ALA F 106 -15.75 -29.92 11.58
N ALA F 107 -16.54 -29.71 12.61
CA ALA F 107 -17.32 -30.77 13.30
C ALA F 107 -18.64 -30.95 12.53
N TYR F 108 -18.83 -32.11 11.91
CA TYR F 108 -19.97 -32.41 11.01
C TYR F 108 -21.29 -32.32 11.77
N ASN F 109 -21.33 -32.56 13.09
CA ASN F 109 -22.59 -32.59 13.88
C ASN F 109 -22.64 -31.40 14.84
N ALA F 110 -21.82 -30.37 14.61
CA ALA F 110 -21.91 -29.10 15.37
C ALA F 110 -23.21 -28.40 14.98
N ILE F 111 -23.90 -27.81 15.96
CA ILE F 111 -25.12 -27.00 15.74
C ILE F 111 -24.89 -25.57 16.23
N SER F 112 -23.65 -25.22 16.58
CA SER F 112 -23.24 -23.81 16.85
C SER F 112 -21.86 -23.59 16.22
N LYS F 113 -21.49 -22.33 15.99
CA LYS F 113 -20.12 -22.00 15.51
C LYS F 113 -19.18 -22.30 16.65
N PRO F 114 -17.94 -22.73 16.36
CA PRO F 114 -16.95 -22.94 17.43
C PRO F 114 -16.67 -21.58 18.08
N GLU F 115 -16.82 -21.49 19.40
CA GLU F 115 -16.42 -20.33 20.24
C GLU F 115 -14.99 -20.60 20.68
N VAL F 116 -14.01 -19.91 20.10
CA VAL F 116 -12.58 -20.11 20.45
C VAL F 116 -12.29 -19.26 21.68
N LEU F 117 -11.85 -19.90 22.76
CA LEU F 117 -11.72 -19.24 24.09
C LEU F 117 -10.29 -18.72 24.28
N THR F 118 -9.36 -19.07 23.39
CA THR F 118 -7.90 -18.92 23.62
C THR F 118 -7.31 -18.03 22.53
N PRO F 119 -6.14 -17.41 22.80
CA PRO F 119 -5.42 -16.65 21.78
C PRO F 119 -5.17 -17.53 20.54
N GLN F 120 -5.41 -16.98 19.36
CA GLN F 120 -5.33 -17.75 18.08
C GLN F 120 -3.88 -17.73 17.59
N LEU F 121 -3.01 -18.39 18.34
CA LEU F 121 -1.58 -18.56 18.05
C LEU F 121 -1.32 -20.06 17.93
N ALA F 122 -0.43 -20.45 17.04
CA ALA F 122 0.11 -21.82 16.93
C ALA F 122 1.59 -21.80 17.27
N ARG F 123 2.15 -22.95 17.60
CA ARG F 123 3.61 -23.13 17.76
C ARG F 123 4.18 -23.73 16.47
N VAL F 124 5.22 -23.09 15.95
CA VAL F 124 5.95 -23.56 14.74
C VAL F 124 7.35 -23.94 15.19
N VAL F 125 7.72 -25.20 14.93
CA VAL F 125 9.07 -25.76 15.19
C VAL F 125 9.93 -25.47 13.95
N SER F 126 11.25 -25.32 14.13
CA SER F 126 12.21 -24.97 13.05
C SER F 126 12.17 -25.99 11.89
N ASP F 127 11.65 -27.20 12.10
CA ASP F 127 11.54 -28.21 11.02
C ASP F 127 10.21 -28.05 10.26
N GLY F 128 9.35 -27.10 10.64
CA GLY F 128 8.09 -26.84 9.94
C GLY F 128 6.90 -27.56 10.54
N GLU F 129 7.08 -28.29 11.64
CA GLU F 129 5.95 -28.86 12.41
C GLU F 129 5.16 -27.71 13.03
N VAL F 130 3.83 -27.78 12.92
CA VAL F 130 2.91 -26.77 13.53
C VAL F 130 2.06 -27.50 14.58
N LEU F 131 1.93 -26.91 15.76
CA LEU F 131 1.01 -27.36 16.82
C LEU F 131 0.02 -26.23 17.10
N TYR F 132 -1.26 -26.48 16.84
CA TYR F 132 -2.36 -25.52 17.10
C TYR F 132 -3.34 -26.21 18.04
N MET F 133 -3.59 -25.64 19.21
CA MET F 133 -4.47 -26.27 20.22
C MET F 133 -5.40 -25.20 20.80
N PRO F 134 -6.45 -24.81 20.07
CA PRO F 134 -7.44 -23.89 20.60
C PRO F 134 -8.32 -24.61 21.63
N SER F 135 -8.76 -23.87 22.63
CA SER F 135 -9.88 -24.25 23.51
C SER F 135 -11.16 -23.77 22.84
N ILE F 136 -12.06 -24.72 22.58
CA ILE F 136 -13.33 -24.45 21.85
C ILE F 136 -14.52 -24.83 22.74
N ARG F 137 -15.48 -23.94 22.83
CA ARG F 137 -16.84 -24.28 23.33
C ARG F 137 -17.76 -24.37 22.12
N GLN F 138 -18.48 -25.47 22.01
CA GLN F 138 -19.35 -25.75 20.84
C GLN F 138 -20.49 -26.67 21.27
N ARG F 139 -21.64 -26.53 20.61
CA ARG F 139 -22.86 -27.35 20.84
C ARG F 139 -22.95 -28.38 19.72
N PHE F 140 -23.34 -29.61 20.08
CA PHE F 140 -23.42 -30.77 19.16
C PHE F 140 -24.78 -31.44 19.30
N SER F 141 -25.21 -32.01 18.17
CA SER F 141 -26.33 -32.97 18.06
C SER F 141 -25.71 -34.37 18.17
N CYS F 142 -26.00 -35.08 19.25
CA CYS F 142 -25.45 -36.44 19.47
C CYS F 142 -26.34 -37.16 20.50
N ASP F 143 -26.04 -38.44 20.72
CA ASP F 143 -26.88 -39.32 21.56
C ASP F 143 -26.63 -39.01 23.03
N VAL F 144 -27.58 -38.33 23.67
CA VAL F 144 -27.53 -37.99 25.12
C VAL F 144 -28.29 -39.05 25.93
N SER F 145 -28.91 -40.04 25.27
CA SER F 145 -29.71 -41.09 25.97
C SER F 145 -28.81 -41.85 26.95
N GLY F 146 -29.26 -42.02 28.19
CA GLY F 146 -28.57 -42.83 29.22
C GLY F 146 -27.63 -42.00 30.07
N VAL F 147 -27.66 -40.67 29.92
CA VAL F 147 -26.72 -39.75 30.62
C VAL F 147 -26.89 -39.87 32.14
N ASP F 148 -28.11 -40.12 32.62
CA ASP F 148 -28.43 -40.22 34.08
C ASP F 148 -28.38 -41.67 34.56
N THR F 149 -27.74 -42.58 33.82
CA THR F 149 -27.57 -44.01 34.19
C THR F 149 -26.10 -44.31 34.45
N GLU F 150 -25.82 -45.50 34.98
CA GLU F 150 -24.45 -45.94 35.37
C GLU F 150 -23.57 -46.05 34.12
N SER F 151 -24.08 -46.64 33.05
CA SER F 151 -23.31 -46.90 31.79
C SER F 151 -23.12 -45.58 31.00
N GLY F 152 -23.98 -44.59 31.23
CA GLY F 152 -23.83 -43.21 30.73
C GLY F 152 -24.27 -43.06 29.28
N ALA F 153 -24.14 -41.87 28.72
CA ALA F 153 -24.40 -41.58 27.29
C ALA F 153 -23.09 -41.72 26.50
N THR F 154 -23.19 -42.03 25.21
CA THR F 154 -22.06 -41.98 24.25
C THR F 154 -22.41 -40.96 23.16
N CYS F 155 -21.77 -39.79 23.24
CA CYS F 155 -21.90 -38.66 22.29
C CYS F 155 -20.74 -38.74 21.30
N ARG F 156 -21.02 -38.96 20.02
CA ARG F 156 -20.00 -39.07 18.95
C ARG F 156 -19.86 -37.71 18.25
N ILE F 157 -18.63 -37.22 18.14
CA ILE F 157 -18.29 -35.96 17.43
C ILE F 157 -17.37 -36.33 16.27
N LYS F 158 -17.71 -35.90 15.07
CA LYS F 158 -16.95 -36.18 13.83
C LYS F 158 -16.30 -34.87 13.35
N ILE F 159 -14.98 -34.90 13.18
CA ILE F 159 -14.18 -33.72 12.72
C ILE F 159 -13.35 -34.12 11.50
N GLY F 160 -13.46 -33.35 10.43
CA GLY F 160 -12.61 -33.52 9.24
C GLY F 160 -12.55 -32.26 8.41
N SER F 161 -11.80 -32.30 7.32
CA SER F 161 -11.63 -31.18 6.38
C SER F 161 -12.98 -30.92 5.72
N TRP F 162 -13.39 -29.67 5.66
CA TRP F 162 -14.65 -29.27 4.98
C TRP F 162 -14.48 -29.41 3.46
N THR F 163 -13.33 -29.07 2.88
CA THR F 163 -13.19 -28.95 1.40
C THR F 163 -12.06 -29.82 0.84
N HIS F 164 -11.20 -30.41 1.67
CA HIS F 164 -10.05 -31.20 1.16
C HIS F 164 -10.34 -32.69 1.35
N HIS F 165 -10.41 -33.44 0.24
CA HIS F 165 -10.64 -34.90 0.23
C HIS F 165 -9.32 -35.61 0.59
N SER F 166 -9.35 -36.95 0.63
CA SER F 166 -8.29 -37.81 1.22
C SER F 166 -6.98 -37.70 0.45
N ARG F 167 -6.99 -37.28 -0.82
CA ARG F 167 -5.72 -37.11 -1.58
C ARG F 167 -5.05 -35.78 -1.20
N GLU F 168 -5.74 -34.91 -0.46
CA GLU F 168 -5.22 -33.56 -0.08
C GLU F 168 -4.97 -33.49 1.41
N ILE F 169 -5.90 -33.95 2.24
CA ILE F 169 -5.75 -33.99 3.73
C ILE F 169 -6.11 -35.40 4.20
N SER F 170 -5.24 -35.99 5.00
CA SER F 170 -5.54 -37.20 5.81
C SER F 170 -5.66 -36.73 7.26
N VAL F 171 -6.61 -37.30 8.01
CA VAL F 171 -6.78 -37.02 9.45
C VAL F 171 -6.54 -38.33 10.20
N ASP F 172 -5.72 -38.28 11.24
CA ASP F 172 -5.48 -39.43 12.13
C ASP F 172 -5.58 -38.97 13.58
N PRO F 173 -6.19 -39.80 14.46
CA PRO F 173 -6.11 -39.56 15.90
C PRO F 173 -4.64 -39.69 16.30
N THR F 174 -4.20 -38.97 17.34
CA THR F 174 -2.78 -39.00 17.79
C THR F 174 -2.44 -40.35 18.42
N SER F 178 -2.55 -40.36 26.76
CA SER F 178 -2.77 -39.69 28.07
C SER F 178 -4.14 -40.05 28.65
N ASP F 179 -4.44 -39.59 29.87
CA ASP F 179 -5.68 -39.92 30.61
C ASP F 179 -6.82 -39.06 30.03
N ASP F 180 -7.94 -39.70 29.69
CA ASP F 180 -9.14 -39.09 29.04
C ASP F 180 -9.66 -37.91 29.85
N SER F 181 -9.58 -38.00 31.19
CA SER F 181 -10.12 -37.01 32.15
C SER F 181 -8.99 -36.15 32.71
N GLU F 182 -7.78 -36.23 32.14
CA GLU F 182 -6.58 -35.58 32.74
C GLU F 182 -6.82 -34.07 32.92
N TYR F 183 -7.51 -33.42 31.98
CA TYR F 183 -7.71 -31.94 31.99
C TYR F 183 -9.18 -31.63 32.25
N PHE F 184 -10.01 -32.65 32.45
CA PHE F 184 -11.47 -32.48 32.65
C PHE F 184 -11.74 -31.80 33.99
N SER F 185 -12.63 -30.81 34.01
CA SER F 185 -12.98 -30.02 35.22
C SER F 185 -13.60 -30.95 36.27
N GLN F 186 -13.02 -30.96 37.48
CA GLN F 186 -13.58 -31.66 38.66
C GLN F 186 -14.93 -31.04 39.05
N TYR F 187 -15.26 -29.84 38.54
CA TYR F 187 -16.47 -29.09 38.97
C TYR F 187 -17.64 -29.26 38.01
N SER F 188 -17.46 -29.97 36.90
CA SER F 188 -18.58 -30.34 35.98
C SER F 188 -19.62 -31.13 36.77
N ARG F 189 -20.92 -31.01 36.40
CA ARG F 189 -21.98 -31.92 36.89
C ARG F 189 -21.78 -33.31 36.32
N PHE F 190 -20.91 -33.45 35.31
CA PHE F 190 -20.71 -34.72 34.57
C PHE F 190 -19.31 -35.26 34.82
N GLU F 191 -19.12 -36.53 34.50
CA GLU F 191 -17.81 -37.21 34.57
C GLU F 191 -17.64 -38.07 33.32
N ILE F 192 -16.40 -38.25 32.90
CA ILE F 192 -16.04 -39.03 31.69
C ILE F 192 -15.74 -40.47 32.11
N LEU F 193 -16.40 -41.43 31.47
CA LEU F 193 -16.17 -42.88 31.66
C LEU F 193 -15.13 -43.37 30.66
N ASP F 194 -15.19 -42.86 29.43
CA ASP F 194 -14.27 -43.31 28.35
C ASP F 194 -14.30 -42.32 27.18
N VAL F 195 -13.15 -42.15 26.53
CA VAL F 195 -13.05 -41.46 25.22
C VAL F 195 -12.30 -42.39 24.27
N THR F 196 -12.90 -42.68 23.11
CA THR F 196 -12.19 -43.36 21.99
C THR F 196 -12.22 -42.44 20.77
N GLN F 197 -11.16 -42.46 19.99
CA GLN F 197 -10.97 -41.54 18.81
C GLN F 197 -10.51 -42.44 17.66
N LYS F 198 -11.28 -42.55 16.58
CA LYS F 198 -11.05 -43.53 15.49
C LYS F 198 -11.25 -42.84 14.13
N LYS F 199 -10.55 -43.32 13.12
CA LYS F 199 -10.50 -42.71 11.78
C LYS F 199 -11.64 -43.28 10.92
N ASN F 200 -12.38 -42.41 10.25
CA ASN F 200 -13.34 -42.79 9.17
C ASN F 200 -12.95 -42.12 7.88
N SER F 201 -13.45 -42.64 6.77
CA SER F 201 -13.30 -42.09 5.40
C SER F 201 -14.64 -42.22 4.69
N VAL F 202 -15.28 -41.12 4.34
CA VAL F 202 -16.72 -41.07 3.94
C VAL F 202 -16.80 -40.44 2.55
N THR F 203 -17.54 -41.08 1.64
CA THR F 203 -17.93 -40.53 0.32
C THR F 203 -19.38 -40.05 0.43
N TYR F 204 -19.59 -38.74 0.22
CA TYR F 204 -20.91 -38.08 0.31
C TYR F 204 -21.54 -38.09 -1.09
N SER F 205 -22.88 -37.97 -1.16
CA SER F 205 -23.72 -38.04 -2.39
C SER F 205 -23.27 -37.03 -3.44
N CYS F 206 -22.90 -35.81 -3.01
CA CYS F 206 -22.52 -34.66 -3.88
C CYS F 206 -21.29 -35.00 -4.73
N CYS F 207 -20.26 -35.61 -4.15
CA CYS F 207 -18.87 -35.65 -4.70
C CYS F 207 -18.39 -37.09 -4.85
N PRO F 208 -17.50 -37.38 -5.82
CA PRO F 208 -16.92 -38.72 -5.97
C PRO F 208 -15.79 -39.06 -4.97
N GLU F 209 -15.13 -38.06 -4.39
CA GLU F 209 -13.93 -38.26 -3.52
C GLU F 209 -14.38 -38.63 -2.10
N ALA F 210 -13.51 -39.28 -1.33
CA ALA F 210 -13.66 -39.58 0.10
C ALA F 210 -13.02 -38.48 0.96
N TYR F 211 -13.66 -38.11 2.06
CA TYR F 211 -13.20 -37.14 3.07
C TYR F 211 -12.92 -37.90 4.36
N GLU F 212 -11.74 -37.71 4.94
CA GLU F 212 -11.38 -38.38 6.21
C GLU F 212 -11.92 -37.56 7.40
N ASP F 213 -12.29 -38.25 8.46
CA ASP F 213 -12.70 -37.62 9.73
C ASP F 213 -12.17 -38.45 10.90
N VAL F 214 -12.01 -37.81 12.04
CA VAL F 214 -11.82 -38.50 13.34
C VAL F 214 -13.18 -38.48 14.02
N GLU F 215 -13.66 -39.66 14.43
CA GLU F 215 -14.91 -39.83 15.20
C GLU F 215 -14.51 -40.01 16.67
N VAL F 216 -14.89 -39.05 17.50
CA VAL F 216 -14.56 -39.05 18.94
C VAL F 216 -15.82 -39.49 19.69
N SER F 217 -15.74 -40.62 20.39
CA SER F 217 -16.86 -41.15 21.22
C SER F 217 -16.64 -40.75 22.67
N LEU F 218 -17.46 -39.84 23.17
CA LEU F 218 -17.42 -39.35 24.56
C LEU F 218 -18.49 -40.10 25.35
N ASN F 219 -18.06 -41.07 26.16
CA ASN F 219 -18.93 -41.82 27.11
C ASN F 219 -18.86 -41.09 28.46
N PHE F 220 -19.97 -40.48 28.87
CA PHE F 220 -20.02 -39.62 30.07
C PHE F 220 -21.36 -39.83 30.78
N ARG F 221 -21.46 -39.39 32.03
CA ARG F 221 -22.73 -39.47 32.79
C ARG F 221 -22.78 -38.35 33.82
N LYS F 222 -23.99 -38.05 34.29
CA LYS F 222 -24.24 -37.14 35.44
C LYS F 222 -23.64 -37.78 36.69
N LYS F 223 -22.93 -37.01 37.51
CA LYS F 223 -22.38 -37.52 38.79
C LYS F 223 -23.53 -37.83 39.77
N GLY F 224 -24.58 -37.00 39.85
CA GLY F 224 -25.50 -36.91 41.00
C GLY F 224 -24.77 -36.57 42.30
N LEU G 20 1.33 -25.80 -13.74
CA LEU G 20 1.03 -24.94 -12.57
C LEU G 20 0.91 -25.81 -11.32
N ASP G 21 1.31 -25.30 -10.17
CA ASP G 21 1.01 -25.93 -8.87
C ASP G 21 -0.08 -25.09 -8.18
N ARG G 22 -0.54 -25.55 -7.01
CA ARG G 22 -1.60 -24.91 -6.20
C ARG G 22 -1.17 -23.49 -5.85
N ALA G 23 0.09 -23.31 -5.46
CA ALA G 23 0.64 -21.99 -5.06
C ALA G 23 0.43 -20.99 -6.20
N ASP G 24 0.76 -21.37 -7.44
CA ASP G 24 0.65 -20.48 -8.63
C ASP G 24 -0.82 -20.15 -8.90
N ILE G 25 -1.68 -21.16 -8.89
CA ILE G 25 -3.14 -21.01 -9.18
C ILE G 25 -3.74 -20.05 -8.14
N LEU G 26 -3.45 -20.28 -6.87
CA LEU G 26 -4.04 -19.47 -5.77
C LEU G 26 -3.46 -18.04 -5.83
N TYR G 27 -2.19 -17.88 -6.15
CA TYR G 27 -1.58 -16.54 -6.39
C TYR G 27 -2.33 -15.82 -7.51
N ASN G 28 -2.52 -16.48 -8.66
CA ASN G 28 -3.18 -15.90 -9.86
C ASN G 28 -4.59 -15.44 -9.47
N ILE G 29 -5.35 -16.32 -8.80
CA ILE G 29 -6.74 -16.00 -8.34
C ILE G 29 -6.71 -14.79 -7.40
N ARG G 30 -5.85 -14.83 -6.38
CA ARG G 30 -5.77 -13.75 -5.36
C ARG G 30 -5.41 -12.42 -6.07
N GLN G 31 -4.49 -12.45 -7.03
CA GLN G 31 -3.97 -11.21 -7.67
C GLN G 31 -4.99 -10.62 -8.65
N THR G 32 -5.88 -11.43 -9.24
CA THR G 32 -6.80 -10.98 -10.31
C THR G 32 -8.28 -11.11 -9.91
N SER G 33 -8.52 -11.52 -8.66
CA SER G 33 -9.87 -11.64 -8.07
C SER G 33 -10.56 -10.28 -8.07
N ARG G 34 -11.69 -10.26 -8.76
CA ARG G 34 -12.70 -9.17 -8.79
C ARG G 34 -13.95 -9.70 -8.07
N PRO G 35 -13.92 -9.81 -6.72
CA PRO G 35 -15.05 -10.39 -5.98
C PRO G 35 -16.34 -9.57 -6.09
N ASP G 36 -16.21 -8.31 -6.48
CA ASP G 36 -17.30 -7.33 -6.65
CA ASP G 36 -17.35 -7.37 -6.63
C ASP G 36 -17.97 -7.50 -8.01
N VAL G 37 -17.38 -8.29 -8.92
CA VAL G 37 -17.79 -8.34 -10.35
C VAL G 37 -18.50 -9.66 -10.68
N ILE G 38 -19.80 -9.59 -10.94
CA ILE G 38 -20.61 -10.74 -11.40
C ILE G 38 -19.99 -11.24 -12.72
N PRO G 39 -19.64 -12.54 -12.84
CA PRO G 39 -18.99 -13.04 -14.06
C PRO G 39 -19.98 -13.41 -15.17
N THR G 40 -20.78 -12.45 -15.63
CA THR G 40 -21.73 -12.64 -16.76
C THR G 40 -20.91 -12.92 -18.02
N GLN G 41 -21.39 -13.83 -18.87
CA GLN G 41 -20.79 -14.17 -20.18
C GLN G 41 -21.76 -13.70 -21.27
N ARG G 42 -21.29 -12.83 -22.17
CA ARG G 42 -22.01 -12.42 -23.42
C ARG G 42 -23.45 -12.01 -23.07
N ASP G 43 -23.61 -11.20 -22.02
CA ASP G 43 -24.88 -10.59 -21.54
C ASP G 43 -25.94 -11.67 -21.24
N ARG G 44 -25.54 -12.92 -20.95
CA ARG G 44 -26.44 -13.98 -20.41
C ARG G 44 -26.35 -13.92 -18.88
N PRO G 45 -27.40 -14.37 -18.16
CA PRO G 45 -27.32 -14.40 -16.70
C PRO G 45 -26.25 -15.41 -16.24
N VAL G 46 -25.71 -15.20 -15.06
CA VAL G 46 -24.96 -16.26 -14.34
C VAL G 46 -25.98 -17.29 -13.85
N ALA G 47 -25.82 -18.56 -14.27
CA ALA G 47 -26.67 -19.68 -13.86
C ALA G 47 -26.17 -20.19 -12.52
N VAL G 48 -26.92 -19.92 -11.46
CA VAL G 48 -26.60 -20.39 -10.09
C VAL G 48 -27.53 -21.56 -9.76
N SER G 49 -26.96 -22.69 -9.35
CA SER G 49 -27.71 -23.85 -8.78
C SER G 49 -27.65 -23.80 -7.27
N VAL G 50 -28.78 -23.93 -6.60
CA VAL G 50 -28.89 -23.86 -5.12
CA VAL G 50 -28.90 -23.86 -5.12
C VAL G 50 -29.84 -24.98 -4.67
N SER G 51 -29.39 -25.78 -3.71
CA SER G 51 -30.21 -26.80 -3.04
C SER G 51 -29.81 -26.88 -1.57
N LEU G 52 -30.80 -26.94 -0.68
CA LEU G 52 -30.59 -27.09 0.80
C LEU G 52 -30.63 -28.58 1.15
N LYS G 53 -29.60 -29.08 1.79
CA LYS G 53 -29.53 -30.43 2.39
C LYS G 53 -29.71 -30.28 3.91
N PHE G 54 -30.86 -30.70 4.44
CA PHE G 54 -31.19 -30.46 5.86
C PHE G 54 -30.38 -31.43 6.73
N ILE G 55 -29.78 -30.86 7.78
CA ILE G 55 -28.91 -31.58 8.74
C ILE G 55 -29.64 -31.67 10.09
N ASN G 56 -30.37 -30.63 10.48
CA ASN G 56 -31.06 -30.66 11.79
C ASN G 56 -32.22 -29.68 11.81
N ILE G 57 -33.22 -29.99 12.61
CA ILE G 57 -34.34 -29.10 13.01
C ILE G 57 -34.27 -29.03 14.54
N LEU G 58 -33.95 -27.86 15.09
CA LEU G 58 -33.43 -27.71 16.47
C LEU G 58 -34.51 -27.19 17.40
N GLU G 59 -35.28 -26.22 16.92
CA GLU G 59 -36.37 -25.59 17.69
C GLU G 59 -37.48 -25.32 16.69
N VAL G 60 -38.68 -25.70 17.08
CA VAL G 60 -39.90 -25.44 16.30
C VAL G 60 -40.86 -24.78 17.28
N ASN G 61 -41.63 -23.82 16.81
CA ASN G 61 -42.66 -23.14 17.65
C ASN G 61 -43.91 -23.02 16.79
N GLU G 62 -44.93 -23.83 17.08
CA GLU G 62 -46.19 -23.88 16.30
C GLU G 62 -47.03 -22.63 16.62
N ILE G 63 -46.81 -22.00 17.77
CA ILE G 63 -47.52 -20.74 18.17
C ILE G 63 -47.01 -19.59 17.30
N THR G 64 -45.68 -19.43 17.19
CA THR G 64 -45.04 -18.29 16.46
C THR G 64 -44.79 -18.63 15.00
N ASN G 65 -44.90 -19.90 14.59
CA ASN G 65 -44.59 -20.33 13.21
C ASN G 65 -43.13 -19.98 12.89
N GLU G 66 -42.21 -20.40 13.75
CA GLU G 66 -40.75 -20.17 13.62
C GLU G 66 -40.04 -21.51 13.75
N VAL G 67 -39.01 -21.70 12.94
CA VAL G 67 -38.14 -22.90 12.97
C VAL G 67 -36.68 -22.45 12.98
N ASP G 68 -35.86 -23.20 13.70
CA ASP G 68 -34.39 -23.05 13.74
C ASP G 68 -33.83 -24.30 13.07
N VAL G 69 -33.17 -24.15 11.92
CA VAL G 69 -32.72 -25.29 11.07
C VAL G 69 -31.22 -25.18 10.81
N VAL G 70 -30.55 -26.32 10.65
CA VAL G 70 -29.17 -26.42 10.13
C VAL G 70 -29.27 -27.10 8.76
N PHE G 71 -28.67 -26.51 7.74
CA PHE G 71 -28.64 -27.06 6.36
C PHE G 71 -27.29 -26.76 5.71
N TRP G 72 -26.89 -27.64 4.80
CA TRP G 72 -25.79 -27.42 3.85
C TRP G 72 -26.39 -26.76 2.62
N GLN G 73 -25.93 -25.57 2.28
CA GLN G 73 -26.44 -24.82 1.11
C GLN G 73 -25.53 -25.12 -0.09
N GLN G 74 -25.84 -26.17 -0.83
CA GLN G 74 -25.07 -26.59 -2.02
C GLN G 74 -25.28 -25.54 -3.11
N THR G 75 -24.22 -24.80 -3.46
CA THR G 75 -24.27 -23.65 -4.39
C THR G 75 -23.20 -23.82 -5.47
N THR G 76 -23.57 -23.76 -6.75
CA THR G 76 -22.62 -23.89 -7.87
C THR G 76 -22.95 -22.87 -8.93
N TRP G 77 -21.89 -22.40 -9.59
CA TRP G 77 -21.97 -21.46 -10.73
C TRP G 77 -20.61 -21.51 -11.42
N SER G 78 -20.53 -20.91 -12.59
CA SER G 78 -19.30 -20.86 -13.39
C SER G 78 -18.74 -19.43 -13.34
N ASP G 79 -17.43 -19.29 -13.17
CA ASP G 79 -16.69 -18.01 -13.32
C ASP G 79 -15.47 -18.31 -14.19
N ARG G 80 -15.59 -18.08 -15.50
CA ARG G 80 -14.55 -18.45 -16.52
C ARG G 80 -13.27 -17.67 -16.23
N THR G 81 -13.32 -16.52 -15.52
CA THR G 81 -12.12 -15.72 -15.20
C THR G 81 -11.20 -16.52 -14.24
N LEU G 82 -11.70 -17.57 -13.60
CA LEU G 82 -10.91 -18.39 -12.63
C LEU G 82 -10.17 -19.54 -13.34
N ALA G 83 -10.55 -19.85 -14.58
CA ALA G 83 -10.14 -21.11 -15.28
C ALA G 83 -8.63 -21.14 -15.49
N TRP G 84 -8.04 -22.33 -15.50
CA TRP G 84 -6.60 -22.55 -15.84
C TRP G 84 -6.47 -23.84 -16.64
N ASN G 85 -5.37 -23.96 -17.40
CA ASN G 85 -4.98 -25.20 -18.13
C ASN G 85 -4.62 -26.27 -17.09
N SER G 86 -5.38 -27.35 -17.00
CA SER G 86 -5.25 -28.40 -15.95
C SER G 86 -4.21 -29.47 -16.34
N SER G 87 -3.60 -29.40 -17.53
CA SER G 87 -2.55 -30.37 -17.94
C SER G 87 -1.35 -30.18 -17.01
N HIS G 88 -0.90 -31.26 -16.36
CA HIS G 88 0.20 -31.27 -15.35
C HIS G 88 -0.09 -30.23 -14.26
N SER G 89 -1.36 -30.08 -13.86
CA SER G 89 -1.81 -29.12 -12.82
C SER G 89 -2.93 -29.77 -12.00
N PRO G 90 -3.17 -29.30 -10.75
CA PRO G 90 -4.36 -29.71 -10.01
C PRO G 90 -5.63 -29.45 -10.82
N ASP G 91 -6.64 -30.31 -10.68
CA ASP G 91 -7.97 -30.16 -11.32
C ASP G 91 -8.80 -29.15 -10.51
N GLN G 92 -8.51 -28.99 -9.20
CA GLN G 92 -9.33 -28.20 -8.26
C GLN G 92 -8.44 -27.62 -7.15
N VAL G 93 -8.84 -26.46 -6.63
CA VAL G 93 -8.22 -25.83 -5.42
C VAL G 93 -9.32 -25.36 -4.47
N SER G 94 -8.96 -25.22 -3.19
CA SER G 94 -9.81 -24.60 -2.16
C SER G 94 -9.44 -23.12 -2.07
N VAL G 95 -10.45 -22.23 -2.19
CA VAL G 95 -10.25 -20.77 -2.25
C VAL G 95 -11.14 -20.11 -1.21
N PRO G 96 -10.60 -19.16 -0.40
CA PRO G 96 -11.45 -18.38 0.49
C PRO G 96 -12.45 -17.60 -0.36
N ILE G 97 -13.73 -17.58 0.05
CA ILE G 97 -14.81 -16.90 -0.71
C ILE G 97 -14.54 -15.40 -0.73
N SER G 98 -13.76 -14.85 0.19
CA SER G 98 -13.35 -13.43 0.18
C SER G 98 -12.53 -13.12 -1.09
N SER G 99 -11.93 -14.11 -1.74
CA SER G 99 -11.19 -13.91 -3.02
C SER G 99 -12.05 -14.16 -4.25
N LEU G 100 -13.34 -14.46 -4.11
CA LEU G 100 -14.21 -14.87 -5.26
C LEU G 100 -15.47 -14.01 -5.25
N TRP G 101 -16.04 -13.78 -6.42
CA TRP G 101 -17.45 -13.37 -6.53
C TRP G 101 -18.29 -14.55 -6.07
N VAL G 102 -19.27 -14.27 -5.21
CA VAL G 102 -20.27 -15.26 -4.75
C VAL G 102 -21.64 -14.64 -4.99
N PRO G 103 -22.65 -15.41 -5.42
CA PRO G 103 -23.99 -14.87 -5.59
C PRO G 103 -24.51 -14.27 -4.27
N ASP G 104 -25.24 -13.16 -4.35
CA ASP G 104 -25.79 -12.43 -3.20
C ASP G 104 -27.14 -13.06 -2.82
N LEU G 105 -27.13 -14.34 -2.46
CA LEU G 105 -28.36 -15.10 -2.11
C LEU G 105 -28.85 -14.66 -0.73
N ALA G 106 -30.16 -14.55 -0.59
CA ALA G 106 -30.82 -14.29 0.70
C ALA G 106 -32.08 -15.14 0.77
N ALA G 107 -32.40 -15.61 1.97
CA ALA G 107 -33.67 -16.28 2.27
C ALA G 107 -34.70 -15.19 2.60
N TYR G 108 -35.75 -15.07 1.79
CA TYR G 108 -36.76 -13.99 1.88
C TYR G 108 -37.49 -14.06 3.23
N ASN G 109 -37.61 -15.24 3.84
CA ASN G 109 -38.39 -15.45 5.08
C ASN G 109 -37.46 -15.79 6.24
N ALA G 110 -36.15 -15.51 6.12
CA ALA G 110 -35.22 -15.62 7.27
C ALA G 110 -35.57 -14.51 8.27
N ILE G 111 -35.53 -14.84 9.57
CA ILE G 111 -35.74 -13.85 10.66
C ILE G 111 -34.48 -13.79 11.55
N SER G 112 -33.39 -14.43 11.15
CA SER G 112 -32.05 -14.27 11.79
C SER G 112 -30.98 -14.21 10.70
N LYS G 113 -29.80 -13.68 11.00
CA LYS G 113 -28.67 -13.71 10.04
C LYS G 113 -28.22 -15.16 9.93
N PRO G 114 -27.75 -15.59 8.75
CA PRO G 114 -27.22 -16.94 8.62
C PRO G 114 -25.98 -17.07 9.52
N GLU G 115 -25.97 -18.06 10.40
CA GLU G 115 -24.80 -18.45 11.24
C GLU G 115 -24.03 -19.51 10.45
N VAL G 116 -22.88 -19.13 9.87
CA VAL G 116 -22.06 -20.05 9.04
C VAL G 116 -21.19 -20.86 9.99
N LEU G 117 -21.33 -22.19 9.98
CA LEU G 117 -20.69 -23.08 10.98
C LEU G 117 -19.36 -23.59 10.45
N THR G 118 -19.04 -23.36 9.18
CA THR G 118 -17.95 -24.06 8.45
C THR G 118 -16.93 -23.05 7.93
N PRO G 119 -15.69 -23.49 7.66
CA PRO G 119 -14.70 -22.68 6.98
C PRO G 119 -15.25 -22.08 5.70
N GLN G 120 -15.04 -20.78 5.48
CA GLN G 120 -15.63 -20.05 4.32
C GLN G 120 -14.71 -20.22 3.11
N LEU G 121 -14.62 -21.46 2.62
CA LEU G 121 -13.84 -21.87 1.45
C LEU G 121 -14.80 -22.44 0.42
N ALA G 122 -14.52 -22.20 -0.85
CA ALA G 122 -15.21 -22.84 -1.99
C ALA G 122 -14.20 -23.72 -2.71
N ARG G 123 -14.68 -24.67 -3.51
CA ARG G 123 -13.85 -25.44 -4.46
C ARG G 123 -13.98 -24.80 -5.84
N VAL G 124 -12.84 -24.53 -6.46
CA VAL G 124 -12.76 -23.99 -7.84
C VAL G 124 -12.12 -25.07 -8.71
N VAL G 125 -12.85 -25.48 -9.75
CA VAL G 125 -12.39 -26.45 -10.77
C VAL G 125 -11.69 -25.65 -11.86
N SER G 126 -10.71 -26.28 -12.53
CA SER G 126 -9.86 -25.65 -13.58
C SER G 126 -10.70 -25.06 -14.73
N ASP G 127 -11.95 -25.49 -14.92
CA ASP G 127 -12.83 -24.94 -15.98
C ASP G 127 -13.59 -23.71 -15.46
N GLY G 128 -13.40 -23.31 -14.20
CA GLY G 128 -14.06 -22.12 -13.62
C GLY G 128 -15.37 -22.42 -12.90
N GLU G 129 -15.76 -23.70 -12.80
CA GLU G 129 -16.90 -24.10 -11.95
C GLU G 129 -16.51 -23.85 -10.48
N VAL G 130 -17.42 -23.25 -9.72
CA VAL G 130 -17.25 -23.01 -8.26
C VAL G 130 -18.30 -23.82 -7.52
N LEU G 131 -17.89 -24.55 -6.49
CA LEU G 131 -18.81 -25.26 -5.57
CA LEU G 131 -18.81 -25.26 -5.57
C LEU G 131 -18.59 -24.69 -4.16
N TYR G 132 -19.63 -24.07 -3.60
CA TYR G 132 -19.62 -23.48 -2.25
C TYR G 132 -20.73 -24.15 -1.47
N MET G 133 -20.41 -24.78 -0.34
CA MET G 133 -21.42 -25.52 0.44
C MET G 133 -21.21 -25.23 1.92
N PRO G 134 -21.63 -24.04 2.40
CA PRO G 134 -21.54 -23.72 3.83
C PRO G 134 -22.62 -24.50 4.60
N SER G 135 -22.29 -24.88 5.82
CA SER G 135 -23.28 -25.31 6.82
C SER G 135 -23.79 -24.07 7.53
N ILE G 136 -25.09 -23.86 7.50
CA ILE G 136 -25.77 -22.65 8.03
C ILE G 136 -26.80 -23.07 9.07
N ARG G 137 -26.80 -22.40 10.22
CA ARG G 137 -27.93 -22.39 11.15
C ARG G 137 -28.66 -21.06 11.00
N GLN G 138 -29.98 -21.12 10.79
CA GLN G 138 -30.79 -19.90 10.53
C GLN G 138 -32.22 -20.16 11.01
N ARG G 139 -32.90 -19.10 11.42
CA ARG G 139 -34.31 -19.12 11.87
CA ARG G 139 -34.31 -19.12 11.87
C ARG G 139 -35.19 -18.55 10.76
N PHE G 140 -36.35 -19.18 10.54
CA PHE G 140 -37.30 -18.83 9.47
C PHE G 140 -38.71 -18.66 10.05
N SER G 141 -39.47 -17.80 9.38
CA SER G 141 -40.94 -17.65 9.50
C SER G 141 -41.57 -18.53 8.41
N CYS G 142 -42.25 -19.59 8.80
CA CYS G 142 -42.91 -20.53 7.85
C CYS G 142 -43.99 -21.34 8.57
N ASP G 143 -44.73 -22.14 7.82
CA ASP G 143 -45.92 -22.85 8.34
C ASP G 143 -45.47 -24.06 9.17
N VAL G 144 -45.57 -23.95 10.48
CA VAL G 144 -45.25 -25.04 11.44
C VAL G 144 -46.52 -25.84 11.78
N SER G 145 -47.68 -25.43 11.30
CA SER G 145 -48.98 -26.11 11.60
C SER G 145 -48.91 -27.58 11.14
N GLY G 146 -49.30 -28.51 12.02
CA GLY G 146 -49.39 -29.95 11.66
C GLY G 146 -48.12 -30.70 11.98
N VAL G 147 -47.16 -30.06 12.65
CA VAL G 147 -45.83 -30.65 12.96
C VAL G 147 -46.01 -31.90 13.83
N ASP G 148 -47.00 -31.91 14.74
CA ASP G 148 -47.25 -33.04 15.67
C ASP G 148 -48.29 -34.01 15.10
N THR G 149 -48.53 -34.01 13.78
CA THR G 149 -49.44 -34.95 13.09
C THR G 149 -48.64 -35.86 12.17
N GLU G 150 -49.29 -36.88 11.63
CA GLU G 150 -48.67 -37.92 10.76
C GLU G 150 -48.20 -37.27 9.45
N SER G 151 -49.01 -36.41 8.84
CA SER G 151 -48.73 -35.77 7.54
C SER G 151 -47.67 -34.66 7.70
N GLY G 152 -47.51 -34.13 8.92
CA GLY G 152 -46.41 -33.21 9.31
C GLY G 152 -46.67 -31.79 8.86
N ALA G 153 -45.72 -30.89 9.12
CA ALA G 153 -45.73 -29.48 8.66
C ALA G 153 -44.97 -29.39 7.33
N THR G 154 -45.32 -28.40 6.52
CA THR G 154 -44.57 -27.99 5.30
C THR G 154 -44.09 -26.56 5.51
N CYS G 155 -42.80 -26.41 5.76
CA CYS G 155 -42.08 -25.13 5.95
C CYS G 155 -41.40 -24.78 4.62
N ARG G 156 -41.82 -23.69 3.99
CA ARG G 156 -41.31 -23.24 2.68
C ARG G 156 -40.23 -22.16 2.93
N ILE G 157 -39.05 -22.35 2.33
CA ILE G 157 -37.93 -21.38 2.41
C ILE G 157 -37.66 -20.91 0.98
N LYS G 158 -37.66 -19.60 0.77
CA LYS G 158 -37.41 -19.00 -0.57
C LYS G 158 -36.04 -18.33 -0.57
N ILE G 159 -35.19 -18.72 -1.51
CA ILE G 159 -33.80 -18.20 -1.64
C ILE G 159 -33.63 -17.66 -3.07
N GLY G 160 -33.16 -16.42 -3.18
CA GLY G 160 -32.82 -15.81 -4.48
C GLY G 160 -31.77 -14.74 -4.31
N SER G 161 -31.35 -14.18 -5.43
CA SER G 161 -30.44 -13.00 -5.44
C SER G 161 -31.18 -11.83 -4.81
N TRP G 162 -30.51 -11.12 -3.91
CA TRP G 162 -31.08 -9.91 -3.30
C TRP G 162 -31.13 -8.76 -4.31
N THR G 163 -30.12 -8.59 -5.16
CA THR G 163 -30.01 -7.37 -6.01
C THR G 163 -29.93 -7.69 -7.50
N HIS G 164 -29.77 -8.95 -7.90
CA HIS G 164 -29.61 -9.29 -9.35
C HIS G 164 -30.90 -9.92 -9.86
N HIS G 165 -31.54 -9.27 -10.84
CA HIS G 165 -32.76 -9.75 -11.52
C HIS G 165 -32.39 -10.85 -12.52
N SER G 166 -33.39 -11.42 -13.20
CA SER G 166 -33.29 -12.67 -13.99
C SER G 166 -32.34 -12.52 -15.19
N ARG G 167 -32.06 -11.30 -15.66
CA ARG G 167 -31.11 -11.14 -16.80
C ARG G 167 -29.67 -11.19 -16.28
N GLU G 168 -29.47 -11.16 -14.97
CA GLU G 168 -28.11 -11.13 -14.36
C GLU G 168 -27.85 -12.45 -13.61
N ILE G 169 -28.80 -12.92 -12.81
CA ILE G 169 -28.70 -14.23 -12.12
C ILE G 169 -29.96 -15.03 -12.37
N SER G 170 -29.79 -16.28 -12.79
CA SER G 170 -30.87 -17.29 -12.78
C SER G 170 -30.58 -18.27 -11.63
N VAL G 171 -31.60 -18.71 -10.91
CA VAL G 171 -31.47 -19.75 -9.85
C VAL G 171 -32.28 -20.96 -10.27
N ASP G 172 -31.69 -22.14 -10.15
CA ASP G 172 -32.34 -23.46 -10.38
C ASP G 172 -31.93 -24.39 -9.27
N PRO G 173 -32.75 -25.39 -8.88
CA PRO G 173 -32.29 -26.42 -7.98
C PRO G 173 -31.13 -27.18 -8.62
N THR G 174 -30.20 -27.65 -7.79
CA THR G 174 -29.13 -28.58 -8.19
C THR G 174 -29.84 -29.89 -8.56
N THR G 175 -29.08 -30.79 -9.10
CA THR G 175 -29.48 -32.21 -9.29
C THR G 175 -29.57 -32.87 -7.91
N GLU G 176 -30.42 -33.87 -7.78
CA GLU G 176 -30.51 -34.68 -6.54
C GLU G 176 -30.43 -36.14 -6.97
N ASN G 177 -29.62 -36.93 -6.26
CA ASN G 177 -29.51 -38.39 -6.49
C ASN G 177 -29.33 -39.07 -5.12
N SER G 178 -30.11 -38.65 -4.11
CA SER G 178 -29.94 -39.20 -2.74
C SER G 178 -31.23 -39.07 -1.91
N ASP G 179 -31.22 -39.64 -0.72
CA ASP G 179 -32.28 -39.49 0.30
C ASP G 179 -32.17 -38.09 0.91
N ASP G 180 -33.30 -37.37 0.96
CA ASP G 180 -33.47 -36.05 1.64
C ASP G 180 -32.96 -36.09 3.09
N SER G 181 -33.01 -37.26 3.73
CA SER G 181 -32.61 -37.49 5.13
C SER G 181 -31.22 -38.11 5.23
N GLU G 182 -30.48 -38.19 4.13
CA GLU G 182 -29.16 -38.89 4.08
C GLU G 182 -28.20 -38.27 5.11
N TYR G 183 -28.22 -36.96 5.31
CA TYR G 183 -27.27 -36.25 6.21
C TYR G 183 -28.05 -35.69 7.41
N PHE G 184 -29.34 -35.94 7.49
CA PHE G 184 -30.18 -35.45 8.62
C PHE G 184 -29.80 -36.20 9.91
N SER G 185 -29.66 -35.47 11.02
CA SER G 185 -29.29 -36.03 12.34
C SER G 185 -30.35 -37.03 12.80
N GLN G 186 -29.94 -38.25 13.09
CA GLN G 186 -30.81 -39.30 13.68
C GLN G 186 -31.24 -38.87 15.09
N TYR G 187 -30.60 -37.86 15.69
CA TYR G 187 -30.84 -37.48 17.11
C TYR G 187 -31.79 -36.29 17.23
N SER G 188 -32.20 -35.68 16.12
CA SER G 188 -33.22 -34.59 16.11
C SER G 188 -34.51 -35.15 16.74
N ARG G 189 -35.30 -34.29 17.39
CA ARG G 189 -36.68 -34.59 17.83
C ARG G 189 -37.58 -34.74 16.60
N PHE G 190 -37.11 -34.31 15.43
CA PHE G 190 -37.93 -34.27 14.19
C PHE G 190 -37.37 -35.24 13.16
N GLU G 191 -38.20 -35.54 12.15
CA GLU G 191 -37.79 -36.36 10.99
C GLU G 191 -38.33 -35.69 9.72
N ILE G 192 -37.64 -35.91 8.61
CA ILE G 192 -38.01 -35.39 7.27
C ILE G 192 -38.89 -36.43 6.58
N LEU G 193 -40.05 -36.00 6.09
CA LEU G 193 -40.94 -36.82 5.24
C LEU G 193 -40.59 -36.60 3.78
N ASP G 194 -40.29 -35.35 3.40
CA ASP G 194 -40.01 -35.01 1.98
C ASP G 194 -39.41 -33.61 1.89
N VAL G 195 -38.50 -33.42 0.93
CA VAL G 195 -37.99 -32.08 0.54
C VAL G 195 -38.18 -31.93 -0.96
N THR G 196 -38.91 -30.90 -1.38
CA THR G 196 -39.14 -30.56 -2.78
C THR G 196 -38.65 -29.14 -3.03
N GLN G 197 -38.19 -28.86 -4.23
CA GLN G 197 -37.55 -27.60 -4.67
C GLN G 197 -38.20 -27.21 -5.99
N LYS G 198 -38.75 -26.01 -6.08
CA LYS G 198 -39.30 -25.46 -7.35
C LYS G 198 -38.71 -24.07 -7.60
N LYS G 199 -38.54 -23.73 -8.87
CA LYS G 199 -38.07 -22.41 -9.32
C LYS G 199 -39.27 -21.47 -9.46
N ASN G 200 -39.16 -20.26 -8.94
CA ASN G 200 -40.14 -19.17 -9.14
C ASN G 200 -39.44 -17.97 -9.73
N SER G 201 -40.17 -17.08 -10.39
CA SER G 201 -39.66 -15.82 -10.98
C SER G 201 -40.69 -14.73 -10.76
N VAL G 202 -40.41 -13.73 -9.93
CA VAL G 202 -41.42 -12.83 -9.30
C VAL G 202 -41.05 -11.40 -9.65
N THR G 203 -42.02 -10.58 -10.06
CA THR G 203 -41.89 -9.11 -10.22
C THR G 203 -42.47 -8.43 -8.99
N TYR G 204 -41.63 -7.70 -8.26
CA TYR G 204 -41.97 -7.00 -7.00
C TYR G 204 -42.40 -5.57 -7.37
N SER G 205 -43.21 -4.93 -6.50
CA SER G 205 -43.84 -3.60 -6.73
C SER G 205 -42.79 -2.52 -6.99
N CYS G 206 -41.65 -2.58 -6.27
CA CYS G 206 -40.54 -1.59 -6.35
C CYS G 206 -39.95 -1.49 -7.76
N CYS G 207 -39.68 -2.63 -8.41
CA CYS G 207 -38.76 -2.74 -9.58
C CYS G 207 -39.47 -3.36 -10.78
N PRO G 208 -39.06 -3.04 -12.02
CA PRO G 208 -39.75 -3.55 -13.22
C PRO G 208 -39.35 -4.99 -13.63
N GLU G 209 -38.17 -5.44 -13.20
CA GLU G 209 -37.54 -6.72 -13.58
C GLU G 209 -38.09 -7.82 -12.69
N ALA G 210 -37.96 -9.07 -13.15
CA ALA G 210 -38.27 -10.31 -12.40
C ALA G 210 -37.02 -10.81 -11.65
N TYR G 211 -37.19 -11.27 -10.42
CA TYR G 211 -36.16 -11.89 -9.56
C TYR G 211 -36.48 -13.37 -9.39
N GLU G 212 -35.51 -14.24 -9.67
CA GLU G 212 -35.70 -15.69 -9.54
C GLU G 212 -35.44 -16.12 -8.09
N ASP G 213 -36.15 -17.15 -7.67
CA ASP G 213 -35.90 -17.80 -6.35
C ASP G 213 -36.08 -19.32 -6.51
N VAL G 214 -35.45 -20.08 -5.64
CA VAL G 214 -35.78 -21.50 -5.40
C VAL G 214 -36.61 -21.52 -4.13
N GLU G 215 -37.78 -22.14 -4.21
CA GLU G 215 -38.66 -22.41 -3.04
C GLU G 215 -38.43 -23.84 -2.59
N VAL G 216 -37.92 -23.99 -1.37
CA VAL G 216 -37.64 -25.33 -0.78
C VAL G 216 -38.77 -25.62 0.21
N SER G 217 -39.53 -26.69 -0.04
CA SER G 217 -40.59 -27.19 0.87
C SER G 217 -40.02 -28.31 1.74
N LEU G 218 -39.84 -28.02 3.03
CA LEU G 218 -39.43 -29.01 4.06
C LEU G 218 -40.69 -29.57 4.74
N ASN G 219 -41.08 -30.79 4.37
CA ASN G 219 -42.18 -31.55 5.00
C ASN G 219 -41.55 -32.40 6.10
N PHE G 220 -41.85 -32.07 7.36
CA PHE G 220 -41.22 -32.70 8.54
C PHE G 220 -42.25 -32.86 9.64
N ARG G 221 -41.95 -33.70 10.63
CA ARG G 221 -42.86 -33.88 11.80
C ARG G 221 -42.03 -34.25 13.02
N LYS G 222 -42.61 -34.07 14.20
CA LYS G 222 -42.07 -34.58 15.49
C LYS G 222 -42.08 -36.09 15.45
N LYS G 223 -41.01 -36.75 15.86
CA LYS G 223 -40.96 -38.24 16.00
C LYS G 223 -41.91 -38.66 17.14
N GLY G 224 -42.60 -39.78 16.93
CA GLY G 224 -43.44 -40.46 17.94
C GLY G 224 -42.65 -40.86 19.18
N ARG G 225 -43.18 -40.56 20.36
CA ARG G 225 -42.44 -40.60 21.65
C ARG G 225 -43.45 -40.72 22.81
N LEU H 20 -18.26 0.71 -21.63
CA LEU H 20 -17.78 0.24 -20.32
C LEU H 20 -18.45 -1.10 -20.00
N ASP H 21 -17.74 -2.00 -19.33
CA ASP H 21 -18.35 -3.22 -18.74
C ASP H 21 -18.50 -3.03 -17.23
N ARG H 22 -19.11 -4.00 -16.56
CA ARG H 22 -19.38 -3.96 -15.09
C ARG H 22 -18.05 -3.78 -14.35
N ALA H 23 -17.01 -4.51 -14.75
CA ALA H 23 -15.69 -4.48 -14.10
C ALA H 23 -15.18 -3.03 -14.07
N ASP H 24 -15.27 -2.32 -15.20
CA ASP H 24 -14.75 -0.92 -15.34
C ASP H 24 -15.57 0.00 -14.45
N ILE H 25 -16.90 -0.10 -14.52
CA ILE H 25 -17.83 0.76 -13.72
C ILE H 25 -17.54 0.57 -12.24
N LEU H 26 -17.42 -0.67 -11.78
CA LEU H 26 -17.20 -0.97 -10.34
C LEU H 26 -15.81 -0.51 -9.91
N TYR H 27 -14.79 -0.66 -10.77
CA TYR H 27 -13.44 -0.11 -10.52
C TYR H 27 -13.52 1.41 -10.34
N ASN H 28 -14.16 2.09 -11.30
CA ASN H 28 -14.29 3.57 -11.31
C ASN H 28 -14.98 4.03 -10.02
N ILE H 29 -16.08 3.39 -9.65
CA ILE H 29 -16.85 3.73 -8.41
C ILE H 29 -15.94 3.50 -7.20
N ARG H 30 -15.29 2.34 -7.10
CA ARG H 30 -14.43 2.02 -5.92
C ARG H 30 -13.31 3.09 -5.83
N GLN H 31 -12.73 3.50 -6.94
CA GLN H 31 -11.56 4.42 -6.95
C GLN H 31 -11.97 5.85 -6.62
N THR H 32 -13.19 6.28 -6.95
CA THR H 32 -13.60 7.71 -6.93
C THR H 32 -14.83 7.98 -6.07
N SER H 33 -15.48 7.01 -5.44
CA SER H 33 -16.87 7.24 -4.89
C SER H 33 -16.96 8.28 -3.77
N ARG H 34 -15.92 8.44 -2.94
CA ARG H 34 -15.85 9.29 -1.73
C ARG H 34 -16.98 8.91 -0.77
N PRO H 35 -16.93 7.72 -0.13
CA PRO H 35 -18.03 7.26 0.73
C PRO H 35 -18.28 8.16 1.94
N ASP H 36 -17.29 8.97 2.31
CA ASP H 36 -17.31 9.90 3.47
CA ASP H 36 -17.42 9.87 3.49
C ASP H 36 -18.01 11.22 3.06
N VAL H 37 -18.29 11.42 1.77
CA VAL H 37 -18.72 12.75 1.24
C VAL H 37 -20.19 12.71 0.83
N ILE H 38 -21.03 13.42 1.58
CA ILE H 38 -22.46 13.62 1.22
C ILE H 38 -22.52 14.29 -0.15
N PRO H 39 -23.24 13.72 -1.14
CA PRO H 39 -23.25 14.25 -2.51
C PRO H 39 -24.23 15.41 -2.70
N THR H 40 -24.08 16.50 -1.95
CA THR H 40 -24.92 17.71 -2.06
C THR H 40 -24.67 18.34 -3.43
N GLN H 41 -25.72 18.84 -4.07
CA GLN H 41 -25.68 19.50 -5.39
C GLN H 41 -26.07 20.97 -5.16
N ARG H 42 -25.20 21.90 -5.56
CA ARG H 42 -25.46 23.37 -5.55
C ARG H 42 -26.00 23.79 -4.17
N ASP H 43 -25.39 23.28 -3.10
CA ASP H 43 -25.69 23.60 -1.67
C ASP H 43 -27.18 23.36 -1.33
N ARG H 44 -27.87 22.48 -2.06
CA ARG H 44 -29.22 21.97 -1.69
C ARG H 44 -29.04 20.71 -0.86
N PRO H 45 -30.01 20.33 -0.01
CA PRO H 45 -29.92 19.06 0.70
C PRO H 45 -29.95 17.87 -0.28
N VAL H 46 -29.35 16.76 0.13
CA VAL H 46 -29.55 15.45 -0.56
C VAL H 46 -30.95 14.95 -0.23
N ALA H 47 -31.78 14.72 -1.24
CA ALA H 47 -33.17 14.22 -1.08
C ALA H 47 -33.10 12.70 -0.93
N VAL H 48 -33.36 12.22 0.28
CA VAL H 48 -33.43 10.77 0.59
C VAL H 48 -34.91 10.37 0.71
N SER H 49 -35.34 9.36 -0.04
CA SER H 49 -36.66 8.72 0.13
C SER H 49 -36.51 7.44 0.95
N VAL H 50 -37.42 7.24 1.89
CA VAL H 50 -37.46 6.06 2.79
C VAL H 50 -38.90 5.56 2.83
N SER H 51 -39.09 4.25 2.61
CA SER H 51 -40.35 3.51 2.82
C SER H 51 -40.03 2.19 3.52
N LEU H 52 -40.71 1.87 4.63
CA LEU H 52 -40.60 0.55 5.29
C LEU H 52 -41.64 -0.41 4.71
N LYS H 53 -41.19 -1.57 4.27
CA LYS H 53 -42.06 -2.70 3.87
C LYS H 53 -42.03 -3.69 5.04
N PHE H 54 -43.12 -3.83 5.81
CA PHE H 54 -43.13 -4.74 6.98
C PHE H 54 -43.19 -6.19 6.48
N ILE H 55 -42.32 -7.03 7.02
CA ILE H 55 -42.21 -8.46 6.65
C ILE H 55 -42.72 -9.30 7.82
N ASN H 56 -42.42 -8.91 9.05
CA ASN H 56 -42.85 -9.72 10.21
C ASN H 56 -42.90 -8.87 11.47
N ILE H 57 -43.75 -9.28 12.40
CA ILE H 57 -43.80 -8.81 13.80
C ILE H 57 -43.61 -10.06 14.65
N LEU H 58 -42.51 -10.15 15.38
CA LEU H 58 -41.98 -11.43 15.93
C LEU H 58 -42.28 -11.55 17.42
N GLU H 59 -42.11 -10.44 18.15
CA GLU H 59 -42.33 -10.42 19.60
C GLU H 59 -42.92 -9.06 19.92
N VAL H 60 -43.99 -9.06 20.70
CA VAL H 60 -44.64 -7.82 21.16
C VAL H 60 -44.77 -7.96 22.67
N ASN H 61 -44.64 -6.88 23.41
CA ASN H 61 -44.85 -6.84 24.87
C ASN H 61 -45.63 -5.58 25.20
N GLU H 62 -46.92 -5.73 25.55
CA GLU H 62 -47.83 -4.60 25.83
C GLU H 62 -47.48 -3.98 27.19
N ILE H 63 -46.85 -4.74 28.08
CA ILE H 63 -46.42 -4.26 29.43
C ILE H 63 -45.23 -3.30 29.25
N THR H 64 -44.21 -3.69 28.47
CA THR H 64 -42.97 -2.90 28.28
C THR H 64 -43.08 -1.94 27.09
N ASN H 65 -44.10 -2.08 26.24
CA ASN H 65 -44.27 -1.24 25.04
C ASN H 65 -43.05 -1.42 24.12
N GLU H 66 -42.70 -2.68 23.83
CA GLU H 66 -41.58 -3.07 22.95
C GLU H 66 -42.10 -4.01 21.86
N VAL H 67 -41.57 -3.86 20.65
CA VAL H 67 -41.88 -4.73 19.49
C VAL H 67 -40.57 -5.08 18.78
N ASP H 68 -40.49 -6.31 18.27
CA ASP H 68 -39.37 -6.85 17.48
C ASP H 68 -39.96 -7.07 16.08
N VAL H 69 -39.46 -6.34 15.07
CA VAL H 69 -40.05 -6.25 13.71
C VAL H 69 -38.97 -6.60 12.67
N VAL H 70 -39.37 -7.19 11.56
CA VAL H 70 -38.53 -7.34 10.34
C VAL H 70 -39.15 -6.48 9.26
N PHE H 71 -38.36 -5.63 8.62
CA PHE H 71 -38.82 -4.73 7.53
C PHE H 71 -37.72 -4.59 6.48
N TRP H 72 -38.14 -4.37 5.26
CA TRP H 72 -37.28 -3.91 4.14
C TRP H 72 -37.25 -2.40 4.16
N GLN H 73 -36.08 -1.80 4.34
CA GLN H 73 -35.95 -0.32 4.37
C GLN H 73 -35.57 0.18 2.99
N GLN H 74 -36.57 0.45 2.16
CA GLN H 74 -36.39 0.95 0.79
C GLN H 74 -35.84 2.38 0.89
N THR H 75 -34.60 2.58 0.44
CA THR H 75 -33.85 3.84 0.56
C THR H 75 -33.34 4.26 -0.81
N THR H 76 -33.64 5.48 -1.26
CA THR H 76 -33.19 5.97 -2.58
C THR H 76 -32.70 7.41 -2.45
N TRP H 77 -31.69 7.73 -3.24
CA TRP H 77 -31.12 9.09 -3.32
C TRP H 77 -30.29 9.12 -4.60
N SER H 78 -29.87 10.31 -5.01
CA SER H 78 -29.03 10.51 -6.20
C SER H 78 -27.61 10.87 -5.75
N ASP H 79 -26.61 10.28 -6.38
CA ASP H 79 -25.19 10.67 -6.22
C ASP H 79 -24.60 10.77 -7.63
N ARG H 80 -24.58 11.98 -8.18
CA ARG H 80 -24.15 12.28 -9.58
C ARG H 80 -22.68 11.86 -9.77
N THR H 81 -21.87 11.78 -8.71
CA THR H 81 -20.45 11.37 -8.82
C THR H 81 -20.36 9.89 -9.27
N LEU H 82 -21.45 9.12 -9.18
CA LEU H 82 -21.46 7.68 -9.56
C LEU H 82 -21.80 7.50 -11.04
N ALA H 83 -22.35 8.53 -11.70
CA ALA H 83 -23.00 8.42 -13.02
C ALA H 83 -21.96 8.01 -14.10
N TRP H 84 -22.42 7.27 -15.12
CA TRP H 84 -21.60 6.91 -16.30
C TRP H 84 -22.48 6.97 -17.55
N ASN H 85 -21.84 7.12 -18.71
CA ASN H 85 -22.52 7.05 -20.03
C ASN H 85 -22.91 5.60 -20.29
N SER H 86 -24.22 5.32 -20.37
CA SER H 86 -24.80 3.97 -20.46
C SER H 86 -24.83 3.43 -21.91
N SER H 87 -24.38 4.18 -22.90
CA SER H 87 -24.30 3.70 -24.32
C SER H 87 -23.30 2.55 -24.38
N HIS H 88 -23.70 1.39 -24.90
CA HIS H 88 -22.88 0.14 -24.92
C HIS H 88 -22.38 -0.21 -23.52
N SER H 89 -23.18 0.03 -22.47
CA SER H 89 -22.81 -0.22 -21.06
C SER H 89 -24.02 -0.71 -20.29
N PRO H 90 -23.82 -1.46 -19.18
CA PRO H 90 -24.93 -1.79 -18.28
C PRO H 90 -25.66 -0.51 -17.81
N ASP H 91 -26.97 -0.57 -17.62
CA ASP H 91 -27.80 0.55 -17.11
C ASP H 91 -27.66 0.63 -15.57
N GLN H 92 -27.33 -0.49 -14.92
CA GLN H 92 -27.29 -0.63 -13.45
C GLN H 92 -26.21 -1.63 -13.05
N VAL H 93 -25.62 -1.43 -11.86
CA VAL H 93 -24.69 -2.41 -11.24
C VAL H 93 -25.05 -2.57 -9.75
N SER H 94 -24.64 -3.71 -9.19
CA SER H 94 -24.72 -3.97 -7.74
C SER H 94 -23.37 -3.59 -7.13
N VAL H 95 -23.38 -2.75 -6.09
CA VAL H 95 -22.17 -2.14 -5.48
C VAL H 95 -22.23 -2.38 -3.98
N PRO H 96 -21.12 -2.85 -3.36
CA PRO H 96 -21.06 -2.97 -1.91
C PRO H 96 -21.21 -1.55 -1.31
N ILE H 97 -22.00 -1.42 -0.25
CA ILE H 97 -22.29 -0.08 0.36
C ILE H 97 -21.00 0.53 0.94
N SER H 98 -20.00 -0.29 1.24
CA SER H 98 -18.66 0.20 1.69
C SER H 98 -18.01 1.05 0.59
N SER H 99 -18.40 0.90 -0.67
CA SER H 99 -17.83 1.71 -1.79
C SER H 99 -18.71 2.94 -2.10
N LEU H 100 -19.76 3.23 -1.33
CA LEU H 100 -20.71 4.32 -1.62
C LEU H 100 -20.90 5.19 -0.40
N TRP H 101 -21.21 6.47 -0.61
CA TRP H 101 -21.85 7.27 0.45
C TRP H 101 -23.26 6.71 0.63
N VAL H 102 -23.64 6.49 1.89
CA VAL H 102 -25.00 6.04 2.26
C VAL H 102 -25.49 7.01 3.32
N PRO H 103 -26.78 7.41 3.31
CA PRO H 103 -27.30 8.28 4.36
C PRO H 103 -27.15 7.61 5.73
N ASP H 104 -26.85 8.40 6.75
CA ASP H 104 -26.62 7.92 8.14
C ASP H 104 -27.99 7.84 8.84
N LEU H 105 -28.89 7.02 8.32
CA LEU H 105 -30.26 6.86 8.86
C LEU H 105 -30.19 6.06 10.15
N ALA H 106 -31.02 6.47 11.11
CA ALA H 106 -31.21 5.77 12.39
C ALA H 106 -32.70 5.83 12.70
N ALA H 107 -33.21 4.81 13.37
CA ALA H 107 -34.55 4.83 14.00
C ALA H 107 -34.43 5.46 15.37
N TYR H 108 -35.06 6.61 15.57
CA TYR H 108 -34.93 7.45 16.79
C TYR H 108 -35.44 6.68 18.01
N ASN H 109 -36.36 5.73 17.86
CA ASN H 109 -36.98 4.98 19.00
C ASN H 109 -36.54 3.51 18.97
N ALA H 110 -35.46 3.19 18.25
CA ALA H 110 -34.88 1.82 18.27
C ALA H 110 -34.25 1.60 19.65
N ILE H 111 -34.40 0.38 20.18
CA ILE H 111 -33.75 -0.03 21.47
C ILE H 111 -32.82 -1.23 21.21
N SER H 112 -32.56 -1.58 19.95
CA SER H 112 -31.51 -2.55 19.56
C SER H 112 -30.79 -2.05 18.31
N LYS H 113 -29.57 -2.54 18.03
CA LYS H 113 -28.89 -2.17 16.76
C LYS H 113 -29.64 -2.86 15.64
N PRO H 114 -29.70 -2.25 14.44
CA PRO H 114 -30.33 -2.91 13.30
C PRO H 114 -29.53 -4.19 12.97
N GLU H 115 -30.20 -5.33 12.92
CA GLU H 115 -29.64 -6.63 12.46
C GLU H 115 -29.93 -6.72 10.97
N VAL H 116 -28.93 -6.53 10.12
CA VAL H 116 -29.09 -6.56 8.65
C VAL H 116 -29.03 -8.03 8.20
N LEU H 117 -30.09 -8.52 7.58
CA LEU H 117 -30.26 -9.97 7.28
C LEU H 117 -29.79 -10.27 5.86
N THR H 118 -29.48 -9.25 5.07
CA THR H 118 -29.31 -9.37 3.59
C THR H 118 -27.91 -8.93 3.18
N PRO H 119 -27.42 -9.37 2.00
CA PRO H 119 -26.14 -8.88 1.47
C PRO H 119 -26.15 -7.35 1.39
N GLN H 120 -25.06 -6.72 1.83
CA GLN H 120 -24.96 -5.25 1.95
CA GLN H 120 -24.97 -5.25 1.95
C GLN H 120 -24.52 -4.65 0.61
N LEU H 121 -25.40 -4.79 -0.40
CA LEU H 121 -25.21 -4.26 -1.76
C LEU H 121 -26.33 -3.26 -2.03
N ALA H 122 -26.02 -2.22 -2.78
CA ALA H 122 -27.00 -1.27 -3.33
C ALA H 122 -27.02 -1.40 -4.85
N ARG H 123 -28.10 -0.97 -5.49
CA ARG H 123 -28.17 -0.86 -6.97
C ARG H 123 -27.89 0.59 -7.36
N VAL H 124 -26.96 0.78 -8.27
CA VAL H 124 -26.59 2.12 -8.81
C VAL H 124 -26.98 2.12 -10.28
N VAL H 125 -27.82 3.09 -10.65
CA VAL H 125 -28.25 3.37 -12.04
C VAL H 125 -27.21 4.31 -12.66
N SER H 126 -27.01 4.23 -13.97
CA SER H 126 -26.01 5.01 -14.75
C SER H 126 -26.21 6.52 -14.57
N ASP H 127 -27.39 6.99 -14.15
CA ASP H 127 -27.64 8.44 -13.91
C ASP H 127 -27.25 8.82 -12.47
N GLY H 128 -26.79 7.87 -11.65
CA GLY H 128 -26.35 8.16 -10.27
C GLY H 128 -27.44 7.95 -9.22
N GLU H 129 -28.62 7.50 -9.62
CA GLU H 129 -29.66 7.06 -8.64
C GLU H 129 -29.17 5.81 -7.93
N VAL H 130 -29.32 5.78 -6.60
CA VAL H 130 -28.96 4.60 -5.76
C VAL H 130 -30.24 4.05 -5.13
N LEU H 131 -30.41 2.73 -5.15
CA LEU H 131 -31.45 2.01 -4.38
C LEU H 131 -30.76 1.05 -3.41
N TYR H 132 -30.95 1.27 -2.11
CA TYR H 132 -30.45 0.38 -1.04
C TYR H 132 -31.65 -0.12 -0.25
N MET H 133 -31.84 -1.43 -0.17
CA MET H 133 -33.03 -2.01 0.50
C MET H 133 -32.61 -3.19 1.36
N PRO H 134 -32.00 -2.95 2.52
CA PRO H 134 -31.67 -4.02 3.45
C PRO H 134 -32.94 -4.55 4.13
N SER H 135 -32.94 -5.84 4.42
CA SER H 135 -33.89 -6.46 5.37
C SER H 135 -33.28 -6.34 6.77
N ILE H 136 -34.03 -5.69 7.66
CA ILE H 136 -33.55 -5.36 9.03
C ILE H 136 -34.51 -6.00 10.05
N ARG H 137 -33.94 -6.66 11.04
CA ARG H 137 -34.67 -7.00 12.29
C ARG H 137 -34.19 -6.04 13.38
N GLN H 138 -35.13 -5.38 14.05
CA GLN H 138 -34.82 -4.35 15.06
C GLN H 138 -35.96 -4.29 16.08
N ARG H 139 -35.62 -3.91 17.31
CA ARG H 139 -36.58 -3.75 18.44
CA ARG H 139 -36.58 -3.75 18.44
C ARG H 139 -36.83 -2.25 18.65
N PHE H 140 -38.07 -1.87 18.93
CA PHE H 140 -38.51 -0.47 19.09
C PHE H 140 -39.32 -0.30 20.39
N SER H 141 -39.22 0.90 20.94
CA SER H 141 -40.08 1.44 22.01
C SER H 141 -41.20 2.23 21.34
N CYS H 142 -42.43 1.74 21.42
CA CYS H 142 -43.60 2.39 20.79
C CYS H 142 -44.88 1.95 21.50
N ASP H 143 -46.01 2.52 21.10
CA ASP H 143 -47.31 2.27 21.76
C ASP H 143 -47.85 0.91 21.33
N VAL H 144 -47.74 -0.08 22.21
CA VAL H 144 -48.26 -1.46 21.96
C VAL H 144 -49.66 -1.60 22.56
N SER H 145 -50.19 -0.57 23.22
CA SER H 145 -51.54 -0.61 23.84
C SER H 145 -52.60 -0.91 22.77
N GLY H 146 -53.48 -1.88 23.04
CA GLY H 146 -54.62 -2.26 22.22
C GLY H 146 -54.26 -3.36 21.24
N VAL H 147 -53.08 -3.97 21.34
CA VAL H 147 -52.61 -4.98 20.35
C VAL H 147 -53.56 -6.19 20.32
N ASP H 148 -54.15 -6.55 21.46
CA ASP H 148 -55.06 -7.74 21.59
C ASP H 148 -56.53 -7.32 21.43
N THR H 149 -56.81 -6.15 20.84
CA THR H 149 -58.18 -5.66 20.58
C THR H 149 -58.41 -5.59 19.07
N GLU H 150 -59.66 -5.34 18.67
CA GLU H 150 -60.09 -5.31 17.26
C GLU H 150 -59.41 -4.14 16.53
N SER H 151 -59.36 -2.96 17.15
CA SER H 151 -58.79 -1.72 16.59
C SER H 151 -57.25 -1.80 16.48
N GLY H 152 -56.64 -2.64 17.33
CA GLY H 152 -55.21 -2.95 17.32
C GLY H 152 -54.37 -1.85 17.95
N ALA H 153 -53.04 -2.03 17.95
CA ALA H 153 -52.06 -1.02 18.41
C ALA H 153 -51.62 -0.18 17.22
N THR H 154 -51.19 1.06 17.47
CA THR H 154 -50.49 1.91 16.50
C THR H 154 -49.09 2.21 17.05
N CYS H 155 -48.09 1.55 16.47
CA CYS H 155 -46.64 1.65 16.82
C CYS H 155 -46.00 2.58 15.80
N ARG H 156 -45.49 3.73 16.26
CA ARG H 156 -44.85 4.74 15.40
C ARG H 156 -43.34 4.53 15.43
N ILE H 157 -42.72 4.44 14.26
CA ILE H 157 -41.25 4.35 14.09
C ILE H 157 -40.80 5.60 13.32
N LYS H 158 -39.83 6.32 13.85
CA LYS H 158 -39.24 7.53 13.23
C LYS H 158 -37.84 7.20 12.71
N ILE H 159 -37.61 7.42 11.41
CA ILE H 159 -36.29 7.17 10.77
C ILE H 159 -35.83 8.46 10.08
N GLY H 160 -34.62 8.92 10.42
CA GLY H 160 -34.00 10.05 9.71
C GLY H 160 -32.50 10.07 9.97
N SER H 161 -31.83 11.09 9.44
CA SER H 161 -30.37 11.25 9.54
C SER H 161 -29.99 11.45 11.01
N TRP H 162 -28.96 10.74 11.45
CA TRP H 162 -28.41 10.91 12.83
C TRP H 162 -27.67 12.26 12.94
N THR H 163 -26.93 12.69 11.93
CA THR H 163 -26.00 13.85 12.07
C THR H 163 -26.26 14.96 11.04
N HIS H 164 -27.07 14.73 10.02
CA HIS H 164 -27.30 15.74 8.95
C HIS H 164 -28.67 16.39 9.14
N HIS H 165 -28.69 17.70 9.39
CA HIS H 165 -29.95 18.48 9.55
C HIS H 165 -30.54 18.76 8.15
N SER H 166 -31.69 19.44 8.13
CA SER H 166 -32.58 19.60 6.95
C SER H 166 -31.91 20.34 5.80
N ARG H 167 -30.86 21.14 6.04
CA ARG H 167 -30.14 21.84 4.93
C ARG H 167 -29.18 20.87 4.24
N GLU H 168 -28.93 19.70 4.83
CA GLU H 168 -27.92 18.73 4.29
C GLU H 168 -28.64 17.47 3.78
N ILE H 169 -29.60 16.93 4.55
CA ILE H 169 -30.42 15.77 4.14
C ILE H 169 -31.89 16.12 4.36
N SER H 170 -32.70 15.92 3.33
CA SER H 170 -34.18 15.90 3.45
C SER H 170 -34.63 14.45 3.37
N VAL H 171 -35.60 14.06 4.18
CA VAL H 171 -36.18 12.70 4.18
C VAL H 171 -37.65 12.87 3.81
N ASP H 172 -38.09 12.04 2.86
CA ASP H 172 -39.49 12.02 2.39
C ASP H 172 -39.91 10.56 2.27
N PRO H 173 -41.19 10.25 2.55
CA PRO H 173 -41.76 8.96 2.17
C PRO H 173 -41.72 8.91 0.64
N THR H 174 -41.57 7.72 0.10
CA THR H 174 -41.63 7.43 -1.36
C THR H 174 -43.03 7.83 -1.80
N THR H 175 -43.18 8.19 -3.08
CA THR H 175 -44.48 8.67 -3.62
C THR H 175 -45.41 7.46 -3.70
N GLU H 176 -44.92 6.33 -4.18
CA GLU H 176 -45.64 5.02 -4.16
C GLU H 176 -45.39 4.36 -2.81
N ASN H 177 -46.45 3.92 -2.14
CA ASN H 177 -46.38 3.10 -0.90
C ASN H 177 -47.50 2.05 -0.90
N SER H 178 -47.86 1.55 -2.08
CA SER H 178 -49.01 0.65 -2.29
C SER H 178 -48.65 -0.76 -1.83
N ASP H 179 -47.36 -1.02 -1.59
CA ASP H 179 -46.83 -2.38 -1.32
C ASP H 179 -46.35 -2.55 0.12
N ASP H 180 -46.66 -1.61 1.01
CA ASP H 180 -46.08 -1.61 2.39
C ASP H 180 -46.55 -2.83 3.19
N SER H 181 -47.73 -3.41 2.90
CA SER H 181 -48.19 -4.64 3.61
C SER H 181 -48.02 -5.87 2.71
N GLU H 182 -47.58 -5.65 1.47
CA GLU H 182 -47.69 -6.69 0.40
C GLU H 182 -46.86 -7.92 0.79
N TYR H 183 -45.76 -7.74 1.50
CA TYR H 183 -44.69 -8.75 1.73
C TYR H 183 -44.76 -9.27 3.16
N PHE H 184 -45.81 -8.90 3.90
CA PHE H 184 -45.97 -9.34 5.30
C PHE H 184 -46.20 -10.86 5.38
N SER H 185 -45.51 -11.53 6.30
CA SER H 185 -45.60 -12.99 6.49
C SER H 185 -47.03 -13.36 6.89
N GLN H 186 -47.65 -14.25 6.13
CA GLN H 186 -48.98 -14.81 6.45
C GLN H 186 -48.88 -15.65 7.73
N TYR H 187 -47.67 -15.99 8.20
CA TYR H 187 -47.47 -16.92 9.34
C TYR H 187 -47.21 -16.18 10.65
N SER H 188 -47.11 -14.86 10.64
CA SER H 188 -46.94 -14.04 11.87
C SER H 188 -48.12 -14.31 12.81
N ARG H 189 -47.93 -14.22 14.12
CA ARG H 189 -49.05 -14.20 15.11
C ARG H 189 -49.84 -12.90 14.97
N PHE H 190 -49.30 -11.92 14.24
CA PHE H 190 -49.91 -10.58 14.11
C PHE H 190 -50.36 -10.34 12.66
N GLU H 191 -51.22 -9.34 12.49
CA GLU H 191 -51.74 -8.93 11.16
C GLU H 191 -51.76 -7.41 11.12
N ILE H 192 -51.58 -6.86 9.92
CA ILE H 192 -51.49 -5.40 9.67
C ILE H 192 -52.88 -4.92 9.28
N LEU H 193 -53.39 -3.90 9.96
CA LEU H 193 -54.64 -3.19 9.61
C LEU H 193 -54.33 -2.01 8.69
N ASP H 194 -53.23 -1.30 8.94
CA ASP H 194 -52.86 -0.10 8.15
C ASP H 194 -51.39 0.26 8.40
N VAL H 195 -50.75 0.82 7.38
CA VAL H 195 -49.44 1.50 7.52
C VAL H 195 -49.54 2.87 6.85
N THR H 196 -49.21 3.94 7.57
CA THR H 196 -49.03 5.28 6.98
C THR H 196 -47.60 5.74 7.21
N GLN H 197 -47.05 6.47 6.25
CA GLN H 197 -45.65 6.94 6.29
C GLN H 197 -45.68 8.40 5.89
N LYS H 198 -45.29 9.29 6.80
CA LYS H 198 -45.50 10.76 6.65
C LYS H 198 -44.22 11.47 7.04
N LYS H 199 -44.01 12.69 6.54
CA LYS H 199 -42.78 13.48 6.80
C LYS H 199 -42.94 14.25 8.11
N ASN H 200 -41.94 14.15 8.99
CA ASN H 200 -41.92 14.83 10.30
C ASN H 200 -40.59 15.59 10.36
N SER H 201 -40.44 16.36 11.43
CA SER H 201 -39.21 17.07 11.81
C SER H 201 -39.06 16.93 13.33
N VAL H 202 -37.81 16.69 13.77
CA VAL H 202 -37.38 16.90 15.19
C VAL H 202 -36.40 18.09 15.27
N THR H 203 -36.71 19.02 16.14
CA THR H 203 -35.84 20.10 16.65
C THR H 203 -35.61 19.70 18.11
N TYR H 204 -34.36 19.60 18.57
CA TYR H 204 -34.04 19.51 20.03
C TYR H 204 -33.89 20.92 20.61
N SER H 205 -34.31 21.13 21.86
CA SER H 205 -34.51 22.48 22.49
C SER H 205 -33.19 23.29 22.49
N CYS H 206 -32.07 22.61 22.73
CA CYS H 206 -30.69 23.14 22.82
C CYS H 206 -30.28 23.86 21.53
N CYS H 207 -30.52 23.26 20.37
CA CYS H 207 -29.86 23.57 19.07
C CYS H 207 -30.89 23.95 17.99
N PRO H 208 -30.52 24.82 17.04
CA PRO H 208 -31.50 25.45 16.16
C PRO H 208 -31.93 24.60 14.96
N GLU H 209 -31.13 23.61 14.53
CA GLU H 209 -31.43 22.90 13.24
C GLU H 209 -32.48 21.81 13.46
N ALA H 210 -33.28 21.58 12.42
CA ALA H 210 -34.32 20.54 12.35
C ALA H 210 -33.72 19.34 11.60
N TYR H 211 -34.07 18.14 12.07
CA TYR H 211 -33.71 16.84 11.43
C TYR H 211 -35.01 16.24 10.90
N GLU H 212 -35.07 15.97 9.61
CA GLU H 212 -36.30 15.44 8.98
C GLU H 212 -36.30 13.92 9.12
N ASP H 213 -37.51 13.36 9.26
CA ASP H 213 -37.68 11.92 9.49
C ASP H 213 -38.92 11.50 8.71
N VAL H 214 -38.99 10.20 8.45
CA VAL H 214 -40.26 9.54 8.05
C VAL H 214 -40.81 8.91 9.32
N GLU H 215 -42.07 9.24 9.63
CA GLU H 215 -42.79 8.64 10.77
C GLU H 215 -43.70 7.56 10.20
N VAL H 216 -43.43 6.31 10.55
CA VAL H 216 -44.16 5.14 10.03
C VAL H 216 -45.11 4.68 11.14
N SER H 217 -46.43 4.76 10.89
CA SER H 217 -47.46 4.33 11.84
C SER H 217 -47.93 2.94 11.44
N LEU H 218 -47.54 1.93 12.25
CA LEU H 218 -47.90 0.52 12.03
C LEU H 218 -49.10 0.20 12.93
N ASN H 219 -50.30 0.12 12.33
CA ASN H 219 -51.55 -0.30 13.02
C ASN H 219 -51.68 -1.81 12.81
N PHE H 220 -51.52 -2.59 13.89
CA PHE H 220 -51.43 -4.07 13.82
C PHE H 220 -52.13 -4.64 15.05
N ARG H 221 -52.46 -5.93 15.00
CA ARG H 221 -53.09 -6.62 16.15
C ARG H 221 -52.73 -8.10 16.12
N LYS H 222 -52.88 -8.76 17.27
CA LYS H 222 -52.78 -10.24 17.40
C LYS H 222 -53.94 -10.86 16.62
N LYS H 223 -53.68 -11.91 15.84
CA LYS H 223 -54.74 -12.69 15.15
C LYS H 223 -55.68 -13.35 16.19
N GLY H 224 -56.99 -13.32 15.89
CA GLY H 224 -58.06 -13.92 16.72
C GLY H 224 -57.95 -15.43 16.72
N LEU I 20 -13.35 26.23 0.46
CA LEU I 20 -13.29 24.76 0.57
C LEU I 20 -14.70 24.20 0.45
N ASP I 21 -14.86 23.03 -0.15
CA ASP I 21 -16.14 22.27 -0.10
C ASP I 21 -15.97 21.10 0.88
N ARG I 22 -17.05 20.37 1.12
CA ARG I 22 -17.09 19.21 2.04
C ARG I 22 -16.05 18.18 1.61
N ALA I 23 -15.95 17.91 0.30
CA ALA I 23 -15.01 16.91 -0.25
C ALA I 23 -13.58 17.25 0.21
N ASP I 24 -13.17 18.52 0.10
CA ASP I 24 -11.80 18.98 0.44
C ASP I 24 -11.57 18.84 1.95
N ILE I 25 -12.52 19.31 2.75
CA ILE I 25 -12.43 19.28 4.23
C ILE I 25 -12.28 17.81 4.68
N LEU I 26 -13.13 16.93 4.16
CA LEU I 26 -13.13 15.51 4.58
C LEU I 26 -11.85 14.82 4.09
N TYR I 27 -11.37 15.15 2.89
CA TYR I 27 -10.05 14.66 2.39
C TYR I 27 -8.93 15.10 3.35
N ASN I 28 -8.89 16.39 3.69
CA ASN I 28 -7.84 16.96 4.58
C ASN I 28 -7.85 16.24 5.92
N ILE I 29 -9.04 16.07 6.51
CA ILE I 29 -9.19 15.37 7.84
C ILE I 29 -8.72 13.91 7.68
N ARG I 30 -9.19 13.21 6.66
CA ARG I 30 -8.83 11.78 6.45
C ARG I 30 -7.30 11.67 6.29
N GLN I 31 -6.67 12.59 5.55
CA GLN I 31 -5.22 12.48 5.20
C GLN I 31 -4.34 12.84 6.38
N THR I 32 -4.80 13.67 7.32
CA THR I 32 -3.96 14.21 8.42
C THR I 32 -4.50 13.82 9.80
N SER I 33 -5.54 12.97 9.81
CA SER I 33 -6.12 12.34 11.01
C SER I 33 -5.04 11.47 11.66
N ARG I 34 -4.78 11.84 12.90
CA ARG I 34 -3.94 11.10 13.89
CA ARG I 34 -3.96 11.11 13.88
C ARG I 34 -4.92 10.60 14.95
N PRO I 35 -5.75 9.56 14.67
CA PRO I 35 -6.80 9.15 15.60
C PRO I 35 -6.23 8.59 16.92
N ASP I 36 -4.97 8.21 16.91
CA ASP I 36 -4.25 7.63 18.08
CA ASP I 36 -4.19 7.62 18.03
C ASP I 36 -3.68 8.74 18.95
N VAL I 37 -3.74 10.01 18.51
CA VAL I 37 -3.03 11.13 19.16
C VAL I 37 -4.01 12.07 19.87
N ILE I 38 -3.98 12.09 21.18
CA ILE I 38 -4.77 13.03 22.02
C ILE I 38 -4.37 14.45 21.62
N PRO I 39 -5.33 15.34 21.25
CA PRO I 39 -5.00 16.69 20.81
C PRO I 39 -4.79 17.68 21.96
N THR I 40 -3.81 17.40 22.84
CA THR I 40 -3.43 18.31 23.95
C THR I 40 -2.85 19.58 23.33
N GLN I 41 -3.17 20.74 23.92
CA GLN I 41 -2.62 22.06 23.51
C GLN I 41 -1.76 22.56 24.66
N ARG I 42 -0.47 22.82 24.39
CA ARG I 42 0.48 23.47 25.34
C ARG I 42 0.43 22.75 26.69
N ASP I 43 0.45 21.41 26.66
CA ASP I 43 0.50 20.49 27.83
C ASP I 43 -0.65 20.77 28.83
N ARG I 44 -1.77 21.34 28.37
CA ARG I 44 -3.03 21.40 29.15
C ARG I 44 -3.85 20.16 28.82
N PRO I 45 -4.73 19.68 29.74
CA PRO I 45 -5.57 18.54 29.43
C PRO I 45 -6.55 18.89 28.31
N VAL I 46 -6.98 17.88 27.56
CA VAL I 46 -8.17 18.02 26.67
C VAL I 46 -9.40 18.03 27.58
N ALA I 47 -10.20 19.11 27.50
CA ALA I 47 -11.46 19.28 28.26
C ALA I 47 -12.56 18.54 27.49
N VAL I 48 -13.00 17.42 28.06
CA VAL I 48 -14.11 16.61 27.50
C VAL I 48 -15.35 16.89 28.34
N SER I 49 -16.45 17.29 27.69
CA SER I 49 -17.79 17.40 28.31
C SER I 49 -18.59 16.15 27.99
N VAL I 50 -19.26 15.62 29.00
CA VAL I 50 -20.13 14.42 28.88
C VAL I 50 -21.44 14.75 29.59
N SER I 51 -22.54 14.55 28.87
CA SER I 51 -23.91 14.64 29.41
C SER I 51 -24.69 13.43 28.87
N LEU I 52 -25.31 12.63 29.74
CA LEU I 52 -26.20 11.52 29.33
C LEU I 52 -27.62 12.05 29.22
N LYS I 53 -28.24 11.86 28.06
CA LYS I 53 -29.69 12.11 27.84
C LYS I 53 -30.36 10.75 27.86
N PHE I 54 -31.14 10.45 28.91
CA PHE I 54 -31.76 9.12 29.05
C PHE I 54 -32.94 9.06 28.08
N ILE I 55 -33.01 7.96 27.34
CA ILE I 55 -34.06 7.74 26.30
C ILE I 55 -34.99 6.66 26.80
N ASN I 56 -34.46 5.62 27.46
CA ASN I 56 -35.34 4.54 27.93
C ASN I 56 -34.66 3.80 29.07
N ILE I 57 -35.50 3.22 29.92
CA ILE I 57 -35.11 2.23 30.97
C ILE I 57 -35.93 0.98 30.65
N LEU I 58 -35.24 -0.10 30.27
CA LEU I 58 -35.85 -1.23 29.51
C LEU I 58 -36.09 -2.42 30.43
N GLU I 59 -35.12 -2.71 31.29
CA GLU I 59 -35.19 -3.86 32.21
C GLU I 59 -34.53 -3.40 33.50
N VAL I 60 -35.19 -3.66 34.61
CA VAL I 60 -34.70 -3.32 35.95
C VAL I 60 -34.84 -4.61 36.76
N ASN I 61 -33.89 -4.89 37.63
CA ASN I 61 -33.93 -6.08 38.51
C ASN I 61 -33.49 -5.63 39.90
N GLU I 62 -34.45 -5.52 40.82
CA GLU I 62 -34.20 -5.00 42.19
C GLU I 62 -33.48 -6.07 43.00
N ILE I 63 -33.59 -7.35 42.62
CA ILE I 63 -32.89 -8.48 43.30
C ILE I 63 -31.39 -8.39 42.97
N THR I 64 -31.03 -8.25 41.70
CA THR I 64 -29.61 -8.26 41.23
C THR I 64 -29.02 -6.85 41.21
N ASN I 65 -29.83 -5.79 41.36
CA ASN I 65 -29.35 -4.39 41.27
C ASN I 65 -28.70 -4.16 39.89
N GLU I 66 -29.43 -4.51 38.82
CA GLU I 66 -28.99 -4.35 37.41
C GLU I 66 -30.07 -3.59 36.65
N VAL I 67 -29.64 -2.70 35.76
CA VAL I 67 -30.54 -1.91 34.88
C VAL I 67 -29.99 -1.97 33.46
N ASP I 68 -30.90 -2.00 32.50
CA ASP I 68 -30.62 -1.93 31.04
C ASP I 68 -31.20 -0.59 30.59
N VAL I 69 -30.33 0.32 30.13
CA VAL I 69 -30.71 1.73 29.81
CA VAL I 69 -30.74 1.72 29.80
C VAL I 69 -30.30 2.04 28.37
N VAL I 70 -31.07 2.92 27.71
CA VAL I 70 -30.68 3.55 26.43
C VAL I 70 -30.48 5.04 26.71
N PHE I 71 -29.33 5.57 26.32
CA PHE I 71 -29.00 7.00 26.51
C PHE I 71 -28.22 7.51 25.29
N TRP I 72 -28.39 8.79 25.02
CA TRP I 72 -27.55 9.56 24.08
C TRP I 72 -26.39 10.11 24.90
N GLN I 73 -25.16 9.74 24.55
CA GLN I 73 -23.97 10.19 25.30
C GLN I 73 -23.39 11.40 24.57
N GLN I 74 -23.86 12.59 24.93
CA GLN I 74 -23.42 13.86 24.33
C GLN I 74 -21.99 14.10 24.79
N THR I 75 -21.04 14.06 23.86
CA THR I 75 -19.59 14.13 24.11
C THR I 75 -19.01 15.25 23.25
N THR I 76 -18.33 16.21 23.87
CA THR I 76 -17.74 17.34 23.12
C THR I 76 -16.33 17.61 23.64
N TRP I 77 -15.47 18.00 22.72
CA TRP I 77 -14.09 18.40 23.01
C TRP I 77 -13.59 19.19 21.80
N SER I 78 -12.43 19.80 21.92
CA SER I 78 -11.82 20.58 20.83
C SER I 78 -10.60 19.81 20.31
N ASP I 79 -10.46 19.74 18.98
CA ASP I 79 -9.25 19.21 18.30
C ASP I 79 -8.86 20.23 17.22
N ARG I 80 -7.96 21.14 17.56
CA ARG I 80 -7.55 22.27 16.67
C ARG I 80 -6.93 21.73 15.38
N THR I 81 -6.41 20.50 15.35
CA THR I 81 -5.80 19.92 14.12
C THR I 81 -6.89 19.71 13.06
N LEU I 82 -8.18 19.73 13.43
CA LEU I 82 -9.30 19.50 12.48
C LEU I 82 -9.77 20.82 11.85
N ALA I 83 -9.37 21.97 12.41
CA ALA I 83 -9.99 23.30 12.11
C ALA I 83 -9.71 23.69 10.66
N TRP I 84 -10.61 24.45 10.05
CA TRP I 84 -10.42 25.03 8.70
C TRP I 84 -11.02 26.45 8.68
N ASN I 85 -10.58 27.27 7.72
CA ASN I 85 -11.14 28.62 7.46
C ASN I 85 -12.55 28.45 6.87
N SER I 86 -13.58 28.88 7.58
CA SER I 86 -15.00 28.65 7.25
C SER I 86 -15.55 29.71 6.26
N SER I 87 -14.74 30.70 5.86
CA SER I 87 -15.18 31.73 4.87
C SER I 87 -15.44 31.02 3.53
N HIS I 88 -16.64 31.16 2.97
CA HIS I 88 -17.11 30.47 1.75
C HIS I 88 -16.88 28.95 1.85
N SER I 89 -17.12 28.39 3.04
CA SER I 89 -16.97 26.95 3.34
C SER I 89 -18.07 26.50 4.28
N PRO I 90 -18.43 25.20 4.32
CA PRO I 90 -19.31 24.66 5.34
C PRO I 90 -18.81 25.01 6.76
N ASP I 91 -19.73 25.27 7.69
CA ASP I 91 -19.42 25.56 9.11
C ASP I 91 -19.13 24.25 9.85
N GLN I 92 -19.68 23.14 9.37
CA GLN I 92 -19.65 21.81 10.04
C GLN I 92 -19.68 20.70 8.99
N VAL I 93 -19.06 19.56 9.31
CA VAL I 93 -19.12 18.31 8.50
C VAL I 93 -19.37 17.12 9.43
N SER I 94 -19.92 16.05 8.85
CA SER I 94 -20.06 14.73 9.51
C SER I 94 -18.82 13.90 9.16
N VAL I 95 -18.14 13.35 10.17
CA VAL I 95 -16.87 12.61 10.02
C VAL I 95 -17.00 11.26 10.72
N PRO I 96 -16.60 10.15 10.07
CA PRO I 96 -16.56 8.85 10.75
C PRO I 96 -15.58 8.95 11.91
N ILE I 97 -15.94 8.40 13.09
CA ILE I 97 -15.08 8.50 14.30
C ILE I 97 -13.78 7.72 14.07
N SER I 98 -13.75 6.78 13.14
CA SER I 98 -12.51 6.05 12.76
C SER I 98 -11.48 7.03 12.18
N SER I 99 -11.87 8.20 11.68
CA SER I 99 -10.94 9.22 11.17
C SER I 99 -10.58 10.27 12.24
N LEU I 100 -11.02 10.14 13.49
CA LEU I 100 -10.82 11.19 14.54
C LEU I 100 -10.25 10.54 15.78
N TRP I 101 -9.47 11.29 16.55
CA TRP I 101 -9.25 10.95 17.98
C TRP I 101 -10.58 11.14 18.71
N VAL I 102 -10.93 10.17 19.52
CA VAL I 102 -12.12 10.22 20.40
C VAL I 102 -11.64 9.88 21.81
N PRO I 103 -12.15 10.54 22.86
CA PRO I 103 -11.78 10.18 24.23
C PRO I 103 -12.11 8.71 24.52
N ASP I 104 -11.25 8.05 25.28
CA ASP I 104 -11.37 6.61 25.64
C ASP I 104 -12.25 6.51 26.90
N LEU I 105 -13.50 6.97 26.80
CA LEU I 105 -14.46 6.95 27.93
C LEU I 105 -14.94 5.52 28.18
N ALA I 106 -15.12 5.18 29.44
CA ALA I 106 -15.73 3.92 29.88
C ALA I 106 -16.63 4.21 31.07
N ALA I 107 -17.72 3.46 31.17
CA ALA I 107 -18.61 3.46 32.35
C ALA I 107 -18.05 2.43 33.34
N TYR I 108 -17.59 2.88 34.51
CA TYR I 108 -16.85 2.04 35.49
C TYR I 108 -17.75 0.90 36.01
N ASN I 109 -19.07 1.10 36.05
CA ASN I 109 -20.03 0.12 36.65
C ASN I 109 -20.88 -0.51 35.53
N ALA I 110 -20.45 -0.43 34.26
CA ALA I 110 -21.06 -1.19 33.17
C ALA I 110 -20.75 -2.66 33.36
N ILE I 111 -21.73 -3.53 33.10
CA ILE I 111 -21.58 -5.01 33.14
C ILE I 111 -21.86 -5.61 31.76
N SER I 112 -21.98 -4.77 30.74
CA SER I 112 -22.05 -5.21 29.31
C SER I 112 -21.27 -4.19 28.48
N LYS I 113 -20.82 -4.60 27.30
CA LYS I 113 -20.17 -3.66 26.34
C LYS I 113 -21.23 -2.67 25.89
N PRO I 114 -20.86 -1.41 25.61
CA PRO I 114 -21.82 -0.46 25.06
C PRO I 114 -22.27 -0.96 23.68
N GLU I 115 -23.59 -1.12 23.49
CA GLU I 115 -24.21 -1.47 22.20
C GLU I 115 -24.55 -0.13 21.52
N VAL I 116 -23.78 0.24 20.50
CA VAL I 116 -23.97 1.55 19.81
C VAL I 116 -25.07 1.34 18.76
N LEU I 117 -26.16 2.09 18.86
CA LEU I 117 -27.38 1.85 18.06
C LEU I 117 -27.35 2.71 16.79
N THR I 118 -26.41 3.66 16.70
CA THR I 118 -26.45 4.76 15.71
C THR I 118 -25.22 4.73 14.81
N PRO I 119 -25.29 5.33 13.62
CA PRO I 119 -24.10 5.51 12.77
C PRO I 119 -22.99 6.21 13.56
N GLN I 120 -21.77 5.71 13.43
CA GLN I 120 -20.58 6.14 14.21
C GLN I 120 -19.94 7.31 13.46
N LEU I 121 -20.67 8.44 13.42
CA LEU I 121 -20.23 9.71 12.85
C LEU I 121 -20.24 10.74 13.98
N ALA I 122 -19.31 11.68 13.94
CA ALA I 122 -19.29 12.88 14.81
C ALA I 122 -19.49 14.11 13.93
N ARG I 123 -19.89 15.21 14.54
CA ARG I 123 -19.94 16.53 13.88
C ARG I 123 -18.68 17.30 14.26
N VAL I 124 -17.99 17.82 13.25
CA VAL I 124 -16.79 18.67 13.41
C VAL I 124 -17.15 20.07 12.92
N VAL I 125 -17.00 21.05 13.81
CA VAL I 125 -17.17 22.50 13.51
C VAL I 125 -15.83 23.01 12.98
N SER I 126 -15.85 24.02 12.11
CA SER I 126 -14.66 24.62 11.46
C SER I 126 -13.60 25.09 12.47
N ASP I 127 -13.98 25.35 13.72
CA ASP I 127 -13.02 25.79 14.78
C ASP I 127 -12.38 24.57 15.47
N GLY I 128 -12.76 23.34 15.09
CA GLY I 128 -12.17 22.11 15.66
C GLY I 128 -12.95 21.55 16.82
N GLU I 129 -14.10 22.14 17.19
CA GLU I 129 -15.04 21.54 18.17
C GLU I 129 -15.62 20.27 17.55
N VAL I 130 -15.65 19.20 18.33
CA VAL I 130 -16.23 17.89 17.92
C VAL I 130 -17.43 17.62 18.81
N LEU I 131 -18.55 17.22 18.21
CA LEU I 131 -19.73 16.68 18.93
CA LEU I 131 -19.73 16.68 18.93
C LEU I 131 -19.93 15.24 18.48
N TYR I 132 -19.81 14.30 19.41
CA TYR I 132 -20.08 12.87 19.19
C TYR I 132 -21.20 12.47 20.14
N MET I 133 -22.32 12.02 19.58
CA MET I 133 -23.50 11.68 20.42
C MET I 133 -24.09 10.36 19.96
N PRO I 134 -23.45 9.22 20.32
CA PRO I 134 -24.01 7.92 20.00
C PRO I 134 -25.21 7.64 20.92
N SER I 135 -26.18 6.90 20.38
CA SER I 135 -27.20 6.20 21.18
C SER I 135 -26.62 4.86 21.62
N ILE I 136 -26.59 4.64 22.93
CA ILE I 136 -25.98 3.44 23.54
C ILE I 136 -27.04 2.71 24.38
N ARG I 137 -27.13 1.41 24.19
CA ARG I 137 -27.81 0.52 25.15
C ARG I 137 -26.72 -0.22 25.93
N GLN I 138 -26.81 -0.17 27.25
CA GLN I 138 -25.78 -0.77 28.14
C GLN I 138 -26.45 -1.17 29.46
N ARG I 139 -25.91 -2.22 30.08
CA ARG I 139 -26.38 -2.75 31.38
C ARG I 139 -25.38 -2.28 32.46
N PHE I 140 -25.91 -1.89 33.63
CA PHE I 140 -25.13 -1.34 34.75
C PHE I 140 -25.48 -2.09 36.04
N SER I 141 -24.49 -2.14 36.93
CA SER I 141 -24.62 -2.49 38.37
C SER I 141 -24.81 -1.19 39.13
N CYS I 142 -25.99 -0.96 39.69
CA CYS I 142 -26.28 0.26 40.47
C CYS I 142 -27.46 0.01 41.41
N ASP I 143 -27.79 1.00 42.24
CA ASP I 143 -28.81 0.84 43.31
C ASP I 143 -30.20 0.91 42.70
N VAL I 144 -30.87 -0.23 42.58
CA VAL I 144 -32.25 -0.32 42.05
C VAL I 144 -33.26 -0.31 43.21
N SER I 145 -32.79 -0.29 44.46
CA SER I 145 -33.68 -0.31 45.65
C SER I 145 -34.62 0.90 45.63
N GLY I 146 -35.91 0.68 45.83
CA GLY I 146 -36.93 1.75 45.95
C GLY I 146 -37.56 2.08 44.62
N VAL I 147 -37.29 1.29 43.57
CA VAL I 147 -37.77 1.59 42.19
C VAL I 147 -39.30 1.60 42.16
N ASP I 148 -39.97 0.75 42.95
CA ASP I 148 -41.45 0.62 42.97
C ASP I 148 -42.07 1.50 44.06
N THR I 149 -41.34 2.51 44.56
CA THR I 149 -41.84 3.46 45.59
C THR I 149 -41.95 4.86 44.97
N GLU I 150 -42.55 5.80 45.71
CA GLU I 150 -42.82 7.19 45.27
C GLU I 150 -41.49 7.92 45.07
N SER I 151 -40.55 7.79 45.98
CA SER I 151 -39.24 8.49 45.96
C SER I 151 -38.31 7.88 44.89
N GLY I 152 -38.55 6.61 44.53
CA GLY I 152 -37.88 5.93 43.40
C GLY I 152 -36.49 5.42 43.76
N ALA I 153 -35.79 4.83 42.78
CA ALA I 153 -34.38 4.39 42.91
C ALA I 153 -33.46 5.51 42.42
N THR I 154 -32.23 5.54 42.93
CA THR I 154 -31.14 6.39 42.40
C THR I 154 -30.01 5.48 41.91
N CYS I 155 -29.89 5.35 40.59
CA CYS I 155 -28.87 4.55 39.89
C CYS I 155 -27.76 5.49 39.43
N ARG I 156 -26.56 5.33 39.98
CA ARG I 156 -25.38 6.19 39.71
C ARG I 156 -24.53 5.51 38.63
N ILE I 157 -24.21 6.24 37.58
CA ILE I 157 -23.33 5.76 36.47
C ILE I 157 -22.12 6.68 36.43
N LYS I 158 -20.93 6.09 36.49
CA LYS I 158 -19.64 6.82 36.51
C LYS I 158 -18.93 6.61 35.16
N ILE I 159 -18.60 7.70 34.49
CA ILE I 159 -17.95 7.69 33.15
C ILE I 159 -16.68 8.53 33.21
N GLY I 160 -15.55 7.95 32.81
CA GLY I 160 -14.27 8.67 32.71
C GLY I 160 -13.34 8.05 31.70
N SER I 161 -12.20 8.69 31.47
CA SER I 161 -11.13 8.18 30.61
C SER I 161 -10.58 6.91 31.24
N TRP I 162 -10.43 5.85 30.44
CA TRP I 162 -9.84 4.59 30.92
C TRP I 162 -8.33 4.75 31.15
N THR I 163 -7.60 5.49 30.31
CA THR I 163 -6.12 5.50 30.33
C THR I 163 -5.53 6.88 30.51
N HIS I 164 -6.33 7.96 30.40
CA HIS I 164 -5.79 9.33 30.49
C HIS I 164 -6.13 9.93 31.86
N HIS I 165 -5.11 10.28 32.64
CA HIS I 165 -5.26 10.94 33.95
C HIS I 165 -5.56 12.43 33.73
N SER I 166 -5.75 13.16 34.84
CA SER I 166 -6.28 14.55 34.87
C SER I 166 -5.40 15.54 34.14
N ARG I 167 -4.11 15.27 33.95
CA ARG I 167 -3.23 16.21 33.20
C ARG I 167 -3.42 16.03 31.70
N GLU I 168 -4.12 14.97 31.27
CA GLU I 168 -4.30 14.64 29.84
C GLU I 168 -5.76 14.85 29.42
N ILE I 169 -6.70 14.33 30.22
CA ILE I 169 -8.15 14.51 29.97
C ILE I 169 -8.80 14.99 31.26
N SER I 170 -9.56 16.08 31.16
CA SER I 170 -10.52 16.50 32.20
C SER I 170 -11.92 16.15 31.71
N VAL I 171 -12.78 15.62 32.59
CA VAL I 171 -14.19 15.33 32.24
C VAL I 171 -15.07 16.22 33.10
N ASP I 172 -15.99 16.92 32.45
CA ASP I 172 -16.96 17.83 33.12
C ASP I 172 -18.36 17.55 32.59
N PRO I 173 -19.38 17.62 33.46
CA PRO I 173 -20.77 17.67 33.00
C PRO I 173 -20.93 18.96 32.18
N THR I 174 -21.84 18.97 31.21
CA THR I 174 -22.20 20.14 30.39
C THR I 174 -22.90 21.18 31.28
N SER I 178 -31.16 21.53 29.89
CA SER I 178 -32.44 21.07 29.29
C SER I 178 -33.22 20.19 30.28
N ASP I 179 -34.43 19.78 29.90
CA ASP I 179 -35.35 18.97 30.76
C ASP I 179 -34.85 17.52 30.77
N ASP I 180 -34.68 16.93 31.95
CA ASP I 180 -34.12 15.58 32.18
C ASP I 180 -34.90 14.51 31.40
N SER I 181 -36.20 14.70 31.22
CA SER I 181 -37.12 13.75 30.57
C SER I 181 -37.46 14.22 29.15
N GLU I 182 -36.77 15.24 28.64
CA GLU I 182 -37.13 15.87 27.34
C GLU I 182 -37.10 14.81 26.22
N TYR I 183 -36.17 13.86 26.26
CA TYR I 183 -35.97 12.86 25.18
C TYR I 183 -36.40 11.48 25.68
N PHE I 184 -36.81 11.37 26.94
CA PHE I 184 -37.19 10.08 27.55
C PHE I 184 -38.49 9.56 26.93
N SER I 185 -38.53 8.28 26.60
CA SER I 185 -39.70 7.61 25.94
C SER I 185 -40.92 7.70 26.86
N GLN I 186 -42.02 8.25 26.34
CA GLN I 186 -43.33 8.26 27.05
C GLN I 186 -43.83 6.82 27.24
N TYR I 187 -43.26 5.83 26.54
CA TYR I 187 -43.77 4.44 26.52
C TYR I 187 -43.00 3.54 27.49
N SER I 188 -41.93 4.01 28.12
CA SER I 188 -41.22 3.25 29.17
C SER I 188 -42.21 2.89 30.30
N ARG I 189 -42.01 1.77 30.96
CA ARG I 189 -42.70 1.40 32.23
C ARG I 189 -42.22 2.32 33.35
N PHE I 190 -41.12 3.06 33.13
CA PHE I 190 -40.48 3.89 34.16
C PHE I 190 -40.60 5.37 33.78
N GLU I 191 -40.40 6.22 34.77
CA GLU I 191 -40.34 7.69 34.59
C GLU I 191 -39.15 8.23 35.37
N ILE I 192 -38.59 9.33 34.88
CA ILE I 192 -37.44 10.02 35.51
C ILE I 192 -37.97 11.10 36.45
N LEU I 193 -37.51 11.08 37.69
CA LEU I 193 -37.82 12.09 38.72
C LEU I 193 -36.74 13.18 38.68
N ASP I 194 -35.48 12.79 38.48
CA ASP I 194 -34.35 13.74 38.51
C ASP I 194 -33.09 13.09 37.92
N VAL I 195 -32.28 13.91 37.26
CA VAL I 195 -30.91 13.55 36.82
C VAL I 195 -29.97 14.63 37.29
N THR I 196 -28.93 14.27 38.06
CA THR I 196 -27.86 15.17 38.48
C THR I 196 -26.52 14.58 38.00
N GLN I 197 -25.55 15.45 37.75
CA GLN I 197 -24.20 15.11 37.27
C GLN I 197 -23.20 15.83 38.17
N LYS I 198 -22.26 15.10 38.80
CA LYS I 198 -21.16 15.69 39.59
C LYS I 198 -19.81 15.12 39.16
N LYS I 199 -18.76 15.92 39.33
CA LYS I 199 -17.38 15.57 38.93
C LYS I 199 -16.71 14.86 40.10
N ASN I 200 -16.06 13.73 39.85
CA ASN I 200 -15.19 13.04 40.83
C ASN I 200 -13.79 12.92 40.26
N SER I 201 -12.83 12.64 41.12
CA SER I 201 -11.43 12.31 40.79
C SER I 201 -11.03 11.16 41.72
N VAL I 202 -10.47 10.10 41.12
CA VAL I 202 -9.99 8.91 41.88
C VAL I 202 -8.49 8.77 41.64
N THR I 203 -7.73 8.68 42.73
CA THR I 203 -6.32 8.22 42.77
C THR I 203 -6.34 6.80 43.29
N TYR I 204 -5.82 5.86 42.50
CA TYR I 204 -5.77 4.40 42.79
C TYR I 204 -4.44 4.11 43.49
N SER I 205 -4.39 3.03 44.28
CA SER I 205 -3.24 2.66 45.16
C SER I 205 -1.94 2.49 44.35
N CYS I 206 -2.04 1.92 43.15
CA CYS I 206 -0.90 1.60 42.25
C CYS I 206 -0.15 2.88 41.82
N CYS I 207 -0.87 3.93 41.43
CA CYS I 207 -0.35 5.06 40.60
C CYS I 207 -0.55 6.40 41.32
N PRO I 208 0.31 7.41 41.06
CA PRO I 208 0.17 8.72 41.68
C PRO I 208 -0.92 9.63 41.06
N GLU I 209 -1.31 9.38 39.80
CA GLU I 209 -2.17 10.31 39.03
C GLU I 209 -3.65 10.09 39.38
N ALA I 210 -4.45 11.14 39.24
CA ALA I 210 -5.90 11.13 39.45
C ALA I 210 -6.60 10.96 38.10
N TYR I 211 -7.66 10.17 38.07
CA TYR I 211 -8.54 9.93 36.90
C TYR I 211 -9.90 10.54 37.20
N GLU I 212 -10.35 11.44 36.33
CA GLU I 212 -11.61 12.18 36.52
C GLU I 212 -12.76 11.31 35.98
N ASP I 213 -13.93 11.44 36.60
CA ASP I 213 -15.17 10.82 36.09
C ASP I 213 -16.32 11.80 36.33
N VAL I 214 -17.36 11.67 35.52
CA VAL I 214 -18.68 12.30 35.80
CA VAL I 214 -18.68 12.30 35.79
C VAL I 214 -19.55 11.20 36.39
N GLU I 215 -20.13 11.47 37.54
CA GLU I 215 -21.12 10.58 38.19
C GLU I 215 -22.51 11.11 37.85
N VAL I 216 -23.29 10.31 37.12
CA VAL I 216 -24.67 10.67 36.70
C VAL I 216 -25.62 9.90 37.60
N SER I 217 -26.43 10.63 38.39
CA SER I 217 -27.42 10.05 39.33
C SER I 217 -28.80 10.08 38.67
N LEU I 218 -29.29 8.90 38.29
CA LEU I 218 -30.61 8.72 37.64
C LEU I 218 -31.61 8.31 38.71
N ASN I 219 -32.45 9.25 39.14
CA ASN I 219 -33.56 9.02 40.09
C ASN I 219 -34.82 8.72 39.24
N PHE I 220 -35.30 7.49 39.31
CA PHE I 220 -36.40 6.99 38.45
C PHE I 220 -37.28 6.05 39.26
N ARG I 221 -38.49 5.80 38.77
CA ARG I 221 -39.41 4.85 39.43
C ARG I 221 -40.34 4.22 38.39
N LYS I 222 -40.92 3.08 38.74
CA LYS I 222 -42.03 2.43 37.97
C LYS I 222 -43.23 3.36 37.98
N LYS I 223 -43.87 3.58 36.83
CA LYS I 223 -45.13 4.37 36.73
C LYS I 223 -46.25 3.61 37.45
N GLY I 224 -47.11 4.34 38.16
CA GLY I 224 -48.21 3.80 38.99
C GLY I 224 -49.27 3.10 38.14
N LEU J 20 10.70 15.14 21.90
CA LEU J 20 9.62 14.43 21.18
C LEU J 20 8.28 14.88 21.76
N ASP J 21 7.25 14.94 20.93
CA ASP J 21 5.85 15.09 21.42
C ASP J 21 5.13 13.73 21.29
N ARG J 22 3.90 13.66 21.74
CA ARG J 22 3.06 12.44 21.74
C ARG J 22 2.92 11.97 20.30
N ALA J 23 2.67 12.88 19.36
CA ALA J 23 2.46 12.56 17.93
C ALA J 23 3.67 11.76 17.42
N ASP J 24 4.89 12.21 17.72
CA ASP J 24 6.15 11.58 17.23
C ASP J 24 6.29 10.20 17.86
N ILE J 25 6.10 10.09 19.18
CA ILE J 25 6.25 8.82 19.93
C ILE J 25 5.25 7.80 19.36
N LEU J 26 4.00 8.19 19.18
CA LEU J 26 2.94 7.27 18.69
C LEU J 26 3.22 6.89 17.24
N TYR J 27 3.69 7.82 16.41
CA TYR J 27 4.15 7.51 15.02
C TYR J 27 5.27 6.45 15.07
N ASN J 28 6.29 6.69 15.87
CA ASN J 28 7.48 5.80 15.99
C ASN J 28 7.01 4.39 16.41
N ILE J 29 6.15 4.30 17.41
CA ILE J 29 5.62 3.00 17.90
C ILE J 29 4.83 2.33 16.79
N ARG J 30 3.90 3.06 16.15
CA ARG J 30 3.05 2.48 15.08
C ARG J 30 3.96 1.97 13.93
N GLN J 31 5.00 2.71 13.57
CA GLN J 31 5.85 2.40 12.38
C GLN J 31 6.77 1.22 12.66
N THR J 32 7.17 0.98 13.91
CA THR J 32 8.23 -0.01 14.26
C THR J 32 7.69 -1.11 15.18
N SER J 33 6.37 -1.06 15.46
CA SER J 33 5.67 -2.09 16.25
C SER J 33 5.72 -3.41 15.50
N ARG J 34 6.28 -4.37 16.22
CA ARG J 34 6.30 -5.81 15.86
CA ARG J 34 6.30 -5.80 15.87
C ARG J 34 5.37 -6.50 16.86
N PRO J 35 4.03 -6.38 16.70
CA PRO J 35 3.09 -6.93 17.67
C PRO J 35 3.15 -8.47 17.78
N ASP J 36 3.71 -9.10 16.76
CA ASP J 36 3.83 -10.58 16.67
CA ASP J 36 3.86 -10.57 16.62
C ASP J 36 5.11 -11.04 17.37
N VAL J 37 5.97 -10.12 17.81
CA VAL J 37 7.33 -10.46 18.34
C VAL J 37 7.41 -10.27 19.85
N ILE J 38 7.52 -11.37 20.59
CA ILE J 38 7.74 -11.37 22.06
C ILE J 38 9.04 -10.62 22.33
N PRO J 39 9.03 -9.57 23.19
CA PRO J 39 10.23 -8.78 23.43
C PRO J 39 11.18 -9.38 24.47
N THR J 40 11.66 -10.60 24.24
CA THR J 40 12.65 -11.27 25.11
C THR J 40 13.96 -10.48 25.03
N GLN J 41 14.66 -10.34 26.15
CA GLN J 41 15.99 -9.68 26.25
C GLN J 41 17.00 -10.76 26.63
N ARG J 42 18.03 -10.97 25.81
CA ARG J 42 19.22 -11.80 26.15
C ARG J 42 18.77 -13.17 26.66
N ASP J 43 17.82 -13.78 25.94
CA ASP J 43 17.27 -15.15 26.17
C ASP J 43 16.73 -15.32 27.59
N ARG J 44 16.33 -14.23 28.26
CA ARG J 44 15.55 -14.28 29.52
C ARG J 44 14.07 -14.25 29.14
N PRO J 45 13.17 -14.84 29.95
CA PRO J 45 11.74 -14.73 29.71
C PRO J 45 11.29 -13.28 29.83
N VAL J 46 10.20 -12.93 29.17
CA VAL J 46 9.44 -11.68 29.49
C VAL J 46 8.72 -11.92 30.81
N ALA J 47 8.99 -11.08 31.81
CA ALA J 47 8.37 -11.12 33.15
C ALA J 47 7.03 -10.37 33.04
N VAL J 48 5.94 -11.11 33.08
CA VAL J 48 4.57 -10.54 33.04
C VAL J 48 4.00 -10.60 34.47
N SER J 49 3.54 -9.46 34.99
CA SER J 49 2.78 -9.39 36.26
C SER J 49 1.29 -9.35 35.95
N VAL J 50 0.51 -10.15 36.68
CA VAL J 50 -0.96 -10.24 36.52
C VAL J 50 -1.58 -10.18 37.91
N SER J 51 -2.52 -9.26 38.10
CA SER J 51 -3.35 -9.11 39.32
C SER J 51 -4.80 -8.88 38.90
N LEU J 52 -5.74 -9.69 39.38
CA LEU J 52 -7.18 -9.48 39.12
C LEU J 52 -7.76 -8.62 40.23
N LYS J 53 -8.40 -7.52 39.87
CA LYS J 53 -9.20 -6.66 40.79
C LYS J 53 -10.66 -6.98 40.52
N PHE J 54 -11.33 -7.64 41.45
CA PHE J 54 -12.74 -8.06 41.24
C PHE J 54 -13.64 -6.83 41.38
N ILE J 55 -14.54 -6.67 40.41
CA ILE J 55 -15.48 -5.52 40.34
C ILE J 55 -16.89 -6.04 40.62
N ASN J 56 -17.24 -7.22 40.15
CA ASN J 56 -18.62 -7.73 40.35
C ASN J 56 -18.65 -9.25 40.22
N ILE J 57 -19.61 -9.86 40.91
CA ILE J 57 -20.03 -11.27 40.75
C ILE J 57 -21.51 -11.20 40.42
N LEU J 58 -21.89 -11.61 39.21
CA LEU J 58 -23.19 -11.22 38.58
C LEU J 58 -24.19 -12.37 38.63
N GLU J 59 -23.69 -13.57 38.34
CA GLU J 59 -24.53 -14.79 38.29
C GLU J 59 -23.68 -15.91 38.85
N VAL J 60 -24.26 -16.65 39.76
CA VAL J 60 -23.61 -17.82 40.39
C VAL J 60 -24.61 -18.96 40.25
N ASN J 61 -24.14 -20.16 39.97
CA ASN J 61 -24.99 -21.35 39.89
C ASN J 61 -24.28 -22.47 40.63
N GLU J 62 -24.79 -22.82 41.83
CA GLU J 62 -24.18 -23.84 42.71
C GLU J 62 -24.43 -25.23 42.13
N ILE J 63 -25.47 -25.40 41.31
CA ILE J 63 -25.78 -26.70 40.65
C ILE J 63 -24.72 -26.97 39.57
N THR J 64 -24.45 -26.00 38.70
CA THR J 64 -23.52 -26.16 37.54
C THR J 64 -22.08 -25.79 37.92
N ASN J 65 -21.85 -25.16 39.07
CA ASN J 65 -20.50 -24.70 39.48
C ASN J 65 -19.96 -23.73 38.41
N GLU J 66 -20.76 -22.71 38.08
CA GLU J 66 -20.42 -21.65 37.11
C GLU J 66 -20.64 -20.30 37.76
N VAL J 67 -19.74 -19.35 37.46
CA VAL J 67 -19.82 -17.95 37.95
C VAL J 67 -19.56 -17.03 36.77
N ASP J 68 -20.25 -15.89 36.78
CA ASP J 68 -20.09 -14.79 35.80
C ASP J 68 -19.52 -13.62 36.60
N VAL J 69 -18.29 -13.21 36.29
CA VAL J 69 -17.49 -12.23 37.10
C VAL J 69 -17.04 -11.08 36.20
N VAL J 70 -16.92 -9.89 36.76
CA VAL J 70 -16.27 -8.72 36.14
C VAL J 70 -15.02 -8.42 36.95
N PHE J 71 -13.87 -8.30 36.28
CA PHE J 71 -12.58 -7.99 36.93
C PHE J 71 -11.76 -7.07 36.01
N TRP J 72 -10.93 -6.26 36.64
CA TRP J 72 -9.83 -5.50 35.97
C TRP J 72 -8.60 -6.40 35.99
N GLN J 73 -8.09 -6.76 34.82
CA GLN J 73 -6.89 -7.62 34.71
C GLN J 73 -5.67 -6.73 34.55
N GLN J 74 -5.07 -6.33 35.68
CA GLN J 74 -3.85 -5.50 35.70
C GLN J 74 -2.70 -6.34 35.16
N THR J 75 -2.17 -5.97 34.00
CA THR J 75 -1.13 -6.72 33.27
C THR J 75 0.03 -5.77 32.98
N THR J 76 1.24 -6.13 33.38
CA THR J 76 2.43 -5.27 33.15
C THR J 76 3.60 -6.14 32.69
N TRP J 77 4.41 -5.57 31.83
CA TRP J 77 5.64 -6.21 31.31
C TRP J 77 6.48 -5.11 30.69
N SER J 78 7.72 -5.43 30.35
CA SER J 78 8.66 -4.48 29.73
C SER J 78 8.84 -4.86 28.26
N ASP J 79 8.82 -3.86 27.38
CA ASP J 79 9.18 -4.00 25.95
C ASP J 79 10.13 -2.86 25.62
N ARG J 80 11.44 -3.12 25.72
CA ARG J 80 12.51 -2.10 25.54
C ARG J 80 12.45 -1.51 24.12
N THR J 81 11.88 -2.20 23.15
CA THR J 81 11.77 -1.68 21.75
C THR J 81 10.84 -0.47 21.73
N LEU J 82 10.02 -0.23 22.76
CA LEU J 82 9.06 0.91 22.82
C LEU J 82 9.72 2.14 23.44
N ALA J 83 10.86 2.00 24.10
CA ALA J 83 11.44 3.03 25.00
C ALA J 83 11.84 4.28 24.18
N TRP J 84 11.77 5.45 24.80
CA TRP J 84 12.25 6.72 24.20
C TRP J 84 12.92 7.58 25.29
N ASN J 85 13.78 8.51 24.88
CA ASN J 85 14.40 9.52 25.77
C ASN J 85 13.30 10.49 26.23
N SER J 86 13.00 10.51 27.53
CA SER J 86 11.85 11.26 28.12
C SER J 86 12.24 12.72 28.44
N SER J 87 13.49 13.14 28.22
CA SER J 87 13.92 14.54 28.45
C SER J 87 13.15 15.44 27.46
N HIS J 88 12.45 16.45 27.98
CA HIS J 88 11.57 17.36 27.21
C HIS J 88 10.56 16.56 26.37
N SER J 89 10.05 15.46 26.92
CA SER J 89 9.08 14.56 26.25
C SER J 89 8.07 14.05 27.27
N PRO J 90 6.87 13.60 26.85
CA PRO J 90 5.95 12.90 27.75
C PRO J 90 6.65 11.69 28.40
N ASP J 91 6.31 11.38 29.65
CA ASP J 91 6.80 10.20 30.40
C ASP J 91 6.02 8.96 29.94
N GLN J 92 4.77 9.14 29.45
CA GLN J 92 3.84 8.02 29.13
C GLN J 92 2.91 8.41 27.97
N VAL J 93 2.50 7.43 27.18
CA VAL J 93 1.45 7.59 26.13
C VAL J 93 0.45 6.44 26.21
N SER J 94 -0.75 6.68 25.70
CA SER J 94 -1.80 5.66 25.50
C SER J 94 -1.68 5.11 24.08
N VAL J 95 -1.58 3.80 23.94
CA VAL J 95 -1.32 3.11 22.65
C VAL J 95 -2.37 2.02 22.45
N PRO J 96 -3.00 1.92 21.25
CA PRO J 96 -3.90 0.80 20.96
C PRO J 96 -3.10 -0.50 21.05
N ILE J 97 -3.64 -1.53 21.70
CA ILE J 97 -2.94 -2.83 21.90
C ILE J 97 -2.70 -3.49 20.54
N SER J 98 -3.46 -3.14 19.50
CA SER J 98 -3.22 -3.64 18.12
C SER J 98 -1.85 -3.19 17.63
N SER J 99 -1.26 -2.13 18.18
CA SER J 99 0.10 -1.65 17.80
C SER J 99 1.19 -2.23 18.71
N LEU J 100 0.88 -3.12 19.66
CA LEU J 100 1.87 -3.63 20.66
C LEU J 100 1.84 -5.15 20.67
N TRP J 101 2.95 -5.77 21.01
CA TRP J 101 2.95 -7.16 21.51
C TRP J 101 2.25 -7.16 22.87
N VAL J 102 1.33 -8.11 23.04
CA VAL J 102 0.64 -8.35 24.33
C VAL J 102 0.80 -9.82 24.67
N PRO J 103 1.02 -10.21 25.94
CA PRO J 103 1.09 -11.61 26.29
C PRO J 103 -0.20 -12.35 25.91
N ASP J 104 -0.07 -13.59 25.44
CA ASP J 104 -1.20 -14.45 25.00
C ASP J 104 -1.80 -15.17 26.23
N LEU J 105 -2.27 -14.40 27.21
CA LEU J 105 -2.83 -14.96 28.47
C LEU J 105 -4.20 -15.57 28.19
N ALA J 106 -4.49 -16.69 28.83
CA ALA J 106 -5.82 -17.33 28.83
C ALA J 106 -6.11 -17.82 30.23
N ALA J 107 -7.37 -17.74 30.62
CA ALA J 107 -7.93 -18.36 31.84
C ALA J 107 -8.26 -19.81 31.52
N TYR J 108 -7.58 -20.75 32.17
CA TYR J 108 -7.64 -22.21 31.88
C TYR J 108 -9.07 -22.72 32.10
N ASN J 109 -9.82 -22.12 33.04
CA ASN J 109 -11.15 -22.62 33.46
C ASN J 109 -12.24 -21.64 33.00
N ALA J 110 -11.94 -20.74 32.04
CA ALA J 110 -12.98 -19.91 31.38
C ALA J 110 -13.85 -20.82 30.53
N ILE J 111 -15.17 -20.57 30.54
CA ILE J 111 -16.15 -21.31 29.69
C ILE J 111 -16.89 -20.32 28.78
N SER J 112 -16.45 -19.07 28.73
CA SER J 112 -16.91 -18.07 27.72
C SER J 112 -15.71 -17.26 27.25
N LYS J 113 -15.81 -16.62 26.08
CA LYS J 113 -14.73 -15.72 25.61
C LYS J 113 -14.74 -14.50 26.54
N PRO J 114 -13.57 -13.89 26.81
CA PRO J 114 -13.54 -12.67 27.61
C PRO J 114 -14.32 -11.57 26.85
N GLU J 115 -15.29 -10.96 27.52
CA GLU J 115 -16.03 -9.78 27.02
C GLU J 115 -15.28 -8.56 27.55
N VAL J 116 -14.55 -7.86 26.67
CA VAL J 116 -13.74 -6.68 27.09
C VAL J 116 -14.67 -5.47 27.10
N LEU J 117 -14.82 -4.82 28.26
CA LEU J 117 -15.84 -3.77 28.46
C LEU J 117 -15.24 -2.39 28.20
N THR J 118 -13.92 -2.29 28.05
CA THR J 118 -13.16 -1.01 28.09
C THR J 118 -12.41 -0.78 26.77
N PRO J 119 -12.06 0.48 26.47
CA PRO J 119 -11.22 0.78 25.31
C PRO J 119 -9.93 -0.03 25.35
N GLN J 120 -9.54 -0.61 24.21
CA GLN J 120 -8.38 -1.53 24.11
C GLN J 120 -7.10 -0.71 23.90
N LEU J 121 -6.74 0.08 24.92
CA LEU J 121 -5.53 0.92 24.97
C LEU J 121 -4.69 0.45 26.14
N ALA J 122 -3.37 0.50 25.99
CA ALA J 122 -2.40 0.27 27.07
C ALA J 122 -1.65 1.57 27.33
N ARG J 123 -1.03 1.69 28.50
CA ARG J 123 -0.10 2.78 28.84
C ARG J 123 1.33 2.29 28.62
N VAL J 124 2.10 3.06 27.87
CA VAL J 124 3.54 2.79 27.62
C VAL J 124 4.32 3.91 28.28
N VAL J 125 5.21 3.54 29.20
CA VAL J 125 6.17 4.45 29.89
C VAL J 125 7.41 4.55 29.01
N SER J 126 8.12 5.68 29.06
CA SER J 126 9.32 5.98 28.23
C SER J 126 10.44 4.93 28.42
N ASP J 127 10.42 4.17 29.51
CA ASP J 127 11.43 3.09 29.74
C ASP J 127 10.97 1.77 29.08
N GLY J 128 9.79 1.73 28.46
CA GLY J 128 9.28 0.53 27.77
C GLY J 128 8.40 -0.35 28.64
N GLU J 129 8.11 0.07 29.87
CA GLU J 129 7.08 -0.60 30.70
C GLU J 129 5.71 -0.40 30.05
N VAL J 130 4.94 -1.48 29.94
CA VAL J 130 3.56 -1.46 29.42
C VAL J 130 2.60 -1.84 30.55
N LEU J 131 1.54 -1.07 30.70
CA LEU J 131 0.41 -1.39 31.62
CA LEU J 131 0.42 -1.37 31.64
C LEU J 131 -0.85 -1.53 30.77
N TYR J 132 -1.43 -2.73 30.75
CA TYR J 132 -2.71 -3.02 30.07
C TYR J 132 -3.67 -3.53 31.14
N MET J 133 -4.80 -2.84 31.31
CA MET J 133 -5.76 -3.20 32.37
C MET J 133 -7.18 -3.15 31.82
N PRO J 134 -7.58 -4.17 31.03
CA PRO J 134 -8.95 -4.24 30.54
C PRO J 134 -9.88 -4.64 31.67
N SER J 135 -11.11 -4.13 31.62
CA SER J 135 -12.25 -4.67 32.38
C SER J 135 -12.86 -5.79 31.55
N ILE J 136 -12.93 -6.97 32.15
CA ILE J 136 -13.40 -8.21 31.47
C ILE J 136 -14.60 -8.77 32.24
N ARG J 137 -15.66 -9.12 31.51
CA ARG J 137 -16.72 -10.01 32.02
C ARG J 137 -16.52 -11.37 31.37
N GLN J 138 -16.47 -12.41 32.19
CA GLN J 138 -16.19 -13.80 31.72
C GLN J 138 -16.85 -14.78 32.67
N ARG J 139 -17.22 -15.95 32.14
CA ARG J 139 -17.83 -17.06 32.91
C ARG J 139 -16.74 -18.13 33.16
N PHE J 140 -16.74 -18.70 34.35
CA PHE J 140 -15.75 -19.70 34.80
C PHE J 140 -16.46 -20.93 35.37
N SER J 141 -15.79 -22.07 35.22
CA SER J 141 -16.06 -23.35 35.91
C SER J 141 -15.16 -23.37 37.16
N CYS J 142 -15.77 -23.30 38.34
CA CYS J 142 -15.02 -23.33 39.62
C CYS J 142 -15.97 -23.77 40.75
N ASP J 143 -15.43 -23.92 41.94
CA ASP J 143 -16.17 -24.44 43.10
C ASP J 143 -17.08 -23.35 43.67
N VAL J 144 -18.38 -23.47 43.40
CA VAL J 144 -19.42 -22.52 43.92
C VAL J 144 -20.02 -23.09 45.23
N SER J 145 -19.64 -24.29 45.65
CA SER J 145 -20.18 -24.94 46.87
C SER J 145 -19.92 -24.06 48.09
N GLY J 146 -20.95 -23.80 48.91
CA GLY J 146 -20.82 -23.07 50.18
C GLY J 146 -21.06 -21.58 50.00
N VAL J 147 -21.51 -21.15 48.82
CA VAL J 147 -21.71 -19.71 48.50
C VAL J 147 -22.74 -19.10 49.45
N ASP J 148 -23.76 -19.86 49.86
CA ASP J 148 -24.86 -19.39 50.74
C ASP J 148 -24.55 -19.68 52.21
N THR J 149 -23.30 -19.94 52.58
CA THR J 149 -22.86 -20.16 53.98
C THR J 149 -21.95 -19.02 54.42
N GLU J 150 -21.64 -18.98 55.72
CA GLU J 150 -20.83 -17.92 56.36
C GLU J 150 -19.39 -17.95 55.79
N SER J 151 -18.80 -19.13 55.66
CA SER J 151 -17.39 -19.30 55.21
C SER J 151 -17.28 -19.08 53.68
N GLY J 152 -18.39 -19.20 52.96
CA GLY J 152 -18.52 -18.82 51.53
C GLY J 152 -17.93 -19.88 50.60
N ALA J 153 -17.95 -19.60 49.30
CA ALA J 153 -17.32 -20.44 48.25
C ALA J 153 -15.90 -19.93 47.98
N THR J 154 -15.02 -20.79 47.52
CA THR J 154 -13.68 -20.43 46.99
C THR J 154 -13.62 -20.85 45.53
N CYS J 155 -13.70 -19.87 44.64
CA CYS J 155 -13.62 -20.02 43.17
C CYS J 155 -12.20 -19.69 42.72
N ARG J 156 -11.48 -20.67 42.19
CA ARG J 156 -10.06 -20.52 41.75
C ARG J 156 -10.04 -20.25 40.24
N ILE J 157 -9.35 -19.19 39.83
CA ILE J 157 -9.18 -18.83 38.40
C ILE J 157 -7.68 -18.90 38.10
N LYS J 158 -7.31 -19.67 37.08
CA LYS J 158 -5.91 -19.86 36.65
C LYS J 158 -5.70 -19.13 35.32
N ILE J 159 -4.69 -18.26 35.27
CA ILE J 159 -4.33 -17.49 34.04
C ILE J 159 -2.85 -17.69 33.74
N GLY J 160 -2.53 -18.10 32.51
CA GLY J 160 -1.16 -18.25 32.02
C GLY J 160 -1.05 -18.00 30.53
N SER J 161 0.19 -17.99 30.03
CA SER J 161 0.43 -17.91 28.56
C SER J 161 -0.10 -19.19 27.94
N TRP J 162 -0.83 -19.05 26.83
CA TRP J 162 -1.36 -20.22 26.09
C TRP J 162 -0.22 -20.95 25.37
N THR J 163 0.76 -20.25 24.79
CA THR J 163 1.74 -20.87 23.88
C THR J 163 3.19 -20.65 24.32
N HIS J 164 3.46 -19.79 25.29
CA HIS J 164 4.84 -19.49 25.72
C HIS J 164 5.13 -20.22 27.05
N HIS J 165 6.12 -21.10 27.05
CA HIS J 165 6.64 -21.78 28.25
C HIS J 165 7.50 -20.82 29.08
N SER J 166 8.01 -21.30 30.22
CA SER J 166 8.62 -20.49 31.31
C SER J 166 9.91 -19.83 30.84
N ARG J 167 10.57 -20.32 29.78
CA ARG J 167 11.81 -19.67 29.29
C ARG J 167 11.44 -18.48 28.39
N GLU J 168 10.16 -18.32 28.04
CA GLU J 168 9.70 -17.23 27.14
C GLU J 168 8.85 -16.23 27.93
N ILE J 169 7.89 -16.71 28.71
CA ILE J 169 7.04 -15.85 29.58
C ILE J 169 7.04 -16.43 30.99
N SER J 170 7.33 -15.59 31.97
CA SER J 170 7.07 -15.88 33.40
C SER J 170 5.85 -15.05 33.81
N VAL J 171 4.96 -15.62 34.61
CA VAL J 171 3.80 -14.89 35.19
C VAL J 171 3.97 -14.84 36.70
N ASP J 172 3.79 -13.67 37.29
CA ASP J 172 3.84 -13.48 38.77
C ASP J 172 2.66 -12.62 39.20
N PRO J 173 2.03 -12.95 40.34
CA PRO J 173 1.09 -12.03 40.97
C PRO J 173 1.88 -10.78 41.41
N THR J 174 1.22 -9.62 41.42
CA THR J 174 1.86 -8.32 41.73
C THR J 174 2.17 -8.29 43.23
N THR J 175 3.19 -7.55 43.61
CA THR J 175 3.83 -7.58 44.95
C THR J 175 2.87 -6.98 45.99
N ASP J 180 -8.79 -6.07 48.75
CA ASP J 180 -9.37 -7.08 47.81
C ASP J 180 -10.70 -6.57 47.22
N SER J 181 -11.50 -5.91 48.05
CA SER J 181 -12.89 -5.48 47.75
C SER J 181 -12.91 -3.97 47.50
N GLU J 182 -11.76 -3.32 47.34
CA GLU J 182 -11.70 -1.84 47.29
C GLU J 182 -12.55 -1.31 46.12
N TYR J 183 -12.56 -2.03 45.00
CA TYR J 183 -13.23 -1.60 43.74
C TYR J 183 -14.44 -2.50 43.47
N PHE J 184 -14.73 -3.44 44.37
CA PHE J 184 -15.88 -4.35 44.23
C PHE J 184 -17.19 -3.57 44.41
N SER J 185 -18.18 -3.84 43.56
CA SER J 185 -19.50 -3.16 43.58
C SER J 185 -20.21 -3.46 44.91
N GLN J 186 -20.58 -2.40 45.63
CA GLN J 186 -21.40 -2.49 46.86
C GLN J 186 -22.79 -3.01 46.50
N TYR J 187 -23.18 -3.05 45.22
CA TYR J 187 -24.56 -3.40 44.79
C TYR J 187 -24.67 -4.86 44.35
N SER J 188 -23.55 -5.60 44.28
CA SER J 188 -23.57 -7.07 44.02
C SER J 188 -24.43 -7.76 45.08
N ARG J 189 -25.08 -8.86 44.73
CA ARG J 189 -25.74 -9.78 45.69
C ARG J 189 -24.67 -10.48 46.54
N PHE J 190 -23.40 -10.41 46.12
CA PHE J 190 -22.29 -11.14 46.76
C PHE J 190 -21.32 -10.15 47.41
N GLU J 191 -20.48 -10.68 48.30
CA GLU J 191 -19.39 -9.92 48.94
C GLU J 191 -18.14 -10.80 48.93
N ILE J 192 -16.98 -10.16 48.93
CA ILE J 192 -15.64 -10.82 48.94
C ILE J 192 -15.20 -10.94 50.40
N LEU J 193 -14.84 -12.16 50.80
CA LEU J 193 -14.24 -12.46 52.13
C LEU J 193 -12.73 -12.38 52.04
N ASP J 194 -12.16 -12.87 50.94
CA ASP J 194 -10.68 -12.92 50.78
C ASP J 194 -10.33 -13.20 49.31
N VAL J 195 -9.20 -12.64 48.87
CA VAL J 195 -8.57 -12.99 47.58
C VAL J 195 -7.12 -13.31 47.84
N THR J 196 -6.66 -14.49 47.44
CA THR J 196 -5.23 -14.88 47.51
C THR J 196 -4.77 -15.24 46.09
N GLN J 197 -3.47 -15.04 45.84
CA GLN J 197 -2.81 -15.29 44.55
C GLN J 197 -1.57 -16.16 44.81
N LYS J 198 -1.39 -17.26 44.06
CA LYS J 198 -0.13 -18.02 44.02
C LYS J 198 0.33 -18.28 42.59
N LYS J 199 1.63 -18.40 42.39
CA LYS J 199 2.24 -18.76 41.09
C LYS J 199 2.36 -20.28 41.05
N ASN J 200 1.94 -20.89 39.95
CA ASN J 200 2.14 -22.34 39.64
C ASN J 200 3.00 -22.49 38.40
N SER J 201 3.87 -23.51 38.38
CA SER J 201 4.72 -23.83 37.20
C SER J 201 4.61 -25.32 36.92
N VAL J 202 3.98 -25.69 35.81
CA VAL J 202 3.47 -27.08 35.58
C VAL J 202 4.10 -27.59 34.29
N THR J 203 4.63 -28.82 34.33
CA THR J 203 5.02 -29.60 33.12
C THR J 203 3.92 -30.61 32.83
N TYR J 204 3.29 -30.49 31.66
CA TYR J 204 2.14 -31.31 31.22
C TYR J 204 2.70 -32.50 30.43
N SER J 205 1.89 -33.56 30.28
CA SER J 205 2.19 -34.81 29.52
C SER J 205 2.60 -34.51 28.08
N CYS J 206 1.97 -33.53 27.41
CA CYS J 206 2.19 -33.22 25.97
C CYS J 206 3.63 -32.75 25.74
N CYS J 207 4.15 -31.85 26.60
CA CYS J 207 5.34 -31.01 26.29
C CYS J 207 6.44 -31.23 27.33
N PRO J 208 7.73 -31.06 26.97
CA PRO J 208 8.82 -31.10 27.94
C PRO J 208 8.98 -29.85 28.81
N GLU J 209 8.48 -28.69 28.35
CA GLU J 209 8.67 -27.36 28.98
C GLU J 209 7.64 -27.16 30.09
N ALA J 210 7.94 -26.24 31.01
CA ALA J 210 7.03 -25.81 32.11
C ALA J 210 6.22 -24.57 31.67
N TYR J 211 4.93 -24.54 31.98
CA TYR J 211 4.02 -23.39 31.75
C TYR J 211 3.60 -22.79 33.09
N GLU J 212 3.83 -21.50 33.22
CA GLU J 212 3.48 -20.77 34.47
C GLU J 212 2.03 -20.31 34.39
N ASP J 213 1.37 -20.26 35.54
CA ASP J 213 0.04 -19.62 35.70
C ASP J 213 0.00 -18.90 37.04
N VAL J 214 -0.85 -17.90 37.14
CA VAL J 214 -1.26 -17.28 38.42
C VAL J 214 -2.61 -17.89 38.77
N GLU J 215 -2.71 -18.44 39.97
CA GLU J 215 -3.97 -18.99 40.51
C GLU J 215 -4.56 -17.97 41.48
N VAL J 216 -5.71 -17.42 41.15
CA VAL J 216 -6.42 -16.43 42.00
C VAL J 216 -7.57 -17.16 42.70
N SER J 217 -7.53 -17.21 44.04
CA SER J 217 -8.62 -17.83 44.86
C SER J 217 -9.57 -16.74 45.37
N LEU J 218 -10.77 -16.70 44.83
CA LEU J 218 -11.84 -15.72 45.20
C LEU J 218 -12.77 -16.41 46.22
N ASN J 219 -12.64 -16.06 47.49
CA ASN J 219 -13.52 -16.51 48.60
C ASN J 219 -14.62 -15.46 48.74
N PHE J 220 -15.86 -15.84 48.42
CA PHE J 220 -17.00 -14.91 48.35
C PHE J 220 -18.25 -15.62 48.85
N ARG J 221 -19.29 -14.86 49.19
CA ARG J 221 -20.58 -15.45 49.64
C ARG J 221 -21.73 -14.50 49.28
N LYS J 222 -22.95 -15.05 49.25
CA LYS J 222 -24.20 -14.28 49.13
C LYS J 222 -24.35 -13.42 50.39
N LYS J 223 -24.72 -12.15 50.24
CA LYS J 223 -25.02 -11.26 51.39
C LYS J 223 -26.30 -11.74 52.08
CL CL K . 12.22 23.24 7.31
CL CL L . -5.47 22.54 -14.51
CL CL M . -2.65 -2.97 -26.59
C1 WD5 N . 36.47 7.92 4.58
O1 WD5 N . 35.32 7.98 5.42
C2 WD5 N . 37.45 9.04 4.90
C3 WD5 N . 37.33 9.86 6.02
C4 WD5 N . 38.24 10.88 6.28
C5 WD5 N . 39.27 11.09 5.39
CL1 WD5 N . 40.45 12.34 5.68
C6 WD5 N . 39.43 10.31 4.28
C7 WD5 N . 38.52 9.30 4.03
C8 WD5 N . 37.13 6.55 4.79
C9 WD5 N . 36.22 5.43 4.32
N1 WD5 N . 35.94 5.57 2.88
C10 WD5 N . 35.26 6.84 2.61
C11 WD5 N . 36.03 8.05 3.11
CL CL O . 16.66 -17.89 -12.68
CL CL P . 25.57 -1.48 8.48
C1 WD5 Q . -18.40 -31.50 1.59
O1 WD5 Q . -19.50 -32.12 0.93
C2 WD5 Q . -17.99 -30.24 0.82
C3 WD5 Q . -18.13 -28.97 1.38
C4 WD5 Q . -17.77 -27.82 0.70
C5 WD5 Q . -17.26 -27.93 -0.57
CL1 WD5 Q . -16.81 -26.45 -1.40
C6 WD5 Q . -17.10 -29.15 -1.17
C7 WD5 Q . -17.47 -30.30 -0.48
C8 WD5 Q . -18.80 -31.15 3.05
C9 WD5 Q . -19.17 -32.34 3.89
N1 WD5 Q . -18.27 -33.48 3.69
C10 WD5 Q . -17.01 -33.03 3.08
C11 WD5 Q . -17.23 -32.51 1.67
CL CL R . 7.74 -16.57 19.72
C1 WD5 S . -35.54 -6.37 -3.92
O1 WD5 S . -36.70 -5.55 -3.66
C2 WD5 S . -34.30 -5.47 -3.89
C3 WD5 S . -33.94 -4.69 -4.98
C4 WD5 S . -32.81 -3.88 -4.98
C5 WD5 S . -32.04 -3.83 -3.84
CL1 WD5 S . -30.64 -2.79 -3.80
C6 WD5 S . -32.36 -4.58 -2.73
C7 WD5 S . -33.48 -5.39 -2.75
C8 WD5 S . -35.43 -7.50 -2.86
C9 WD5 S . -36.61 -8.45 -2.91
N1 WD5 S . -36.67 -9.10 -4.22
C10 WD5 S . -36.80 -8.09 -5.29
C11 WD5 S . -35.69 -7.05 -5.28
CL CL T . -6.14 -26.30 -2.63
C1 GOL U . -19.38 -10.50 -2.90
O1 GOL U . -18.92 -11.44 -3.88
C2 GOL U . -20.75 -9.92 -3.21
O2 GOL U . -20.68 -9.02 -4.31
C3 GOL U . -21.82 -10.97 -3.44
O3 GOL U . -22.47 -10.88 -4.71
C1 WD5 V . -29.17 14.25 16.81
O1 WD5 V . -29.66 15.47 17.38
C2 WD5 V . -27.64 14.32 16.73
C3 WD5 V . -26.89 13.15 16.68
C4 WD5 V . -25.50 13.18 16.59
C5 WD5 V . -24.85 14.39 16.55
CL1 WD5 V . -23.11 14.39 16.43
C6 WD5 V . -25.55 15.57 16.59
C7 WD5 V . -26.94 15.53 16.69
C8 WD5 V . -29.65 13.07 17.66
C9 WD5 V . -31.17 12.96 17.70
N1 WD5 V . -31.75 12.79 16.35
C10 WD5 V . -31.28 13.83 15.41
C11 WD5 V . -29.78 14.02 15.41
CL CL W . -23.41 -5.83 -11.14
CL CL X . -20.73 16.54 5.85
CL CL Y . -1.19 9.63 24.85
#